data_1F4N
# 
_entry.id   1F4N 
# 
_audit_conform.dict_name       mmcif_pdbx.dic 
_audit_conform.dict_version    5.385 
_audit_conform.dict_location   http://mmcif.pdb.org/dictionaries/ascii/mmcif_pdbx.dic 
# 
loop_
_database_2.database_id 
_database_2.database_code 
_database_2.pdbx_database_accession 
_database_2.pdbx_DOI 
PDB   1F4N         pdb_00001f4n 10.2210/pdb1f4n/pdb 
RCSB  RCSB011237   ?            ?                   
WWPDB D_1000011237 ?            ?                   
# 
loop_
_pdbx_audit_revision_history.ordinal 
_pdbx_audit_revision_history.data_content_type 
_pdbx_audit_revision_history.major_revision 
_pdbx_audit_revision_history.minor_revision 
_pdbx_audit_revision_history.revision_date 
1 'Structure model' 1 0 2001-01-10 
2 'Structure model' 1 1 2008-04-27 
3 'Structure model' 1 2 2011-07-13 
4 'Structure model' 1 3 2021-11-03 
5 'Structure model' 1 4 2024-02-07 
# 
_pdbx_audit_revision_details.ordinal             1 
_pdbx_audit_revision_details.revision_ordinal    1 
_pdbx_audit_revision_details.data_content_type   'Structure model' 
_pdbx_audit_revision_details.provider            repository 
_pdbx_audit_revision_details.type                'Initial release' 
_pdbx_audit_revision_details.description         ? 
_pdbx_audit_revision_details.details             ? 
# 
loop_
_pdbx_audit_revision_group.ordinal 
_pdbx_audit_revision_group.revision_ordinal 
_pdbx_audit_revision_group.data_content_type 
_pdbx_audit_revision_group.group 
1 2 'Structure model' 'Version format compliance' 
2 3 'Structure model' 'Version format compliance' 
3 4 'Structure model' 'Database references'       
4 4 'Structure model' 'Derived calculations'      
5 5 'Structure model' 'Data collection'           
# 
loop_
_pdbx_audit_revision_category.ordinal 
_pdbx_audit_revision_category.revision_ordinal 
_pdbx_audit_revision_category.data_content_type 
_pdbx_audit_revision_category.category 
1 4 'Structure model' database_2             
2 4 'Structure model' pdbx_struct_conn_angle 
3 4 'Structure model' struct_conn            
4 4 'Structure model' struct_ref_seq_dif     
5 4 'Structure model' struct_site            
6 5 'Structure model' chem_comp_atom         
7 5 'Structure model' chem_comp_bond         
# 
loop_
_pdbx_audit_revision_item.ordinal 
_pdbx_audit_revision_item.revision_ordinal 
_pdbx_audit_revision_item.data_content_type 
_pdbx_audit_revision_item.item 
1  4 'Structure model' '_database_2.pdbx_DOI'                        
2  4 'Structure model' '_database_2.pdbx_database_accession'         
3  4 'Structure model' '_pdbx_struct_conn_angle.ptnr1_auth_asym_id'  
4  4 'Structure model' '_pdbx_struct_conn_angle.ptnr1_auth_comp_id'  
5  4 'Structure model' '_pdbx_struct_conn_angle.ptnr1_auth_seq_id'   
6  4 'Structure model' '_pdbx_struct_conn_angle.ptnr1_label_asym_id' 
7  4 'Structure model' '_pdbx_struct_conn_angle.ptnr1_label_atom_id' 
8  4 'Structure model' '_pdbx_struct_conn_angle.ptnr1_label_comp_id' 
9  4 'Structure model' '_pdbx_struct_conn_angle.ptnr1_label_seq_id'  
10 4 'Structure model' '_pdbx_struct_conn_angle.ptnr1_symmetry'      
11 4 'Structure model' '_pdbx_struct_conn_angle.ptnr3_auth_asym_id'  
12 4 'Structure model' '_pdbx_struct_conn_angle.ptnr3_auth_comp_id'  
13 4 'Structure model' '_pdbx_struct_conn_angle.ptnr3_auth_seq_id'   
14 4 'Structure model' '_pdbx_struct_conn_angle.ptnr3_label_asym_id' 
15 4 'Structure model' '_pdbx_struct_conn_angle.ptnr3_label_atom_id' 
16 4 'Structure model' '_pdbx_struct_conn_angle.ptnr3_label_comp_id' 
17 4 'Structure model' '_pdbx_struct_conn_angle.ptnr3_label_seq_id'  
18 4 'Structure model' '_pdbx_struct_conn_angle.ptnr3_symmetry'      
19 4 'Structure model' '_pdbx_struct_conn_angle.value'               
20 4 'Structure model' '_struct_conn.pdbx_dist_value'                
21 4 'Structure model' '_struct_conn.ptnr1_auth_asym_id'             
22 4 'Structure model' '_struct_conn.ptnr1_auth_comp_id'             
23 4 'Structure model' '_struct_conn.ptnr1_auth_seq_id'              
24 4 'Structure model' '_struct_conn.ptnr1_label_asym_id'            
25 4 'Structure model' '_struct_conn.ptnr1_label_atom_id'            
26 4 'Structure model' '_struct_conn.ptnr1_label_comp_id'            
27 4 'Structure model' '_struct_conn.ptnr1_label_seq_id'             
28 4 'Structure model' '_struct_conn.ptnr1_symmetry'                 
29 4 'Structure model' '_struct_conn.ptnr2_auth_asym_id'             
30 4 'Structure model' '_struct_conn.ptnr2_auth_comp_id'             
31 4 'Structure model' '_struct_conn.ptnr2_auth_seq_id'              
32 4 'Structure model' '_struct_conn.ptnr2_label_asym_id'            
33 4 'Structure model' '_struct_conn.ptnr2_label_atom_id'            
34 4 'Structure model' '_struct_conn.ptnr2_label_comp_id'            
35 4 'Structure model' '_struct_conn.ptnr2_label_seq_id'             
36 4 'Structure model' '_struct_conn.ptnr2_symmetry'                 
37 4 'Structure model' '_struct_ref_seq_dif.details'                 
38 4 'Structure model' '_struct_site.pdbx_auth_asym_id'              
39 4 'Structure model' '_struct_site.pdbx_auth_comp_id'              
40 4 'Structure model' '_struct_site.pdbx_auth_seq_id'               
# 
_pdbx_database_status.status_code                     REL 
_pdbx_database_status.entry_id                        1F4N 
_pdbx_database_status.recvd_initial_deposition_date   2000-06-08 
_pdbx_database_status.deposit_site                    RCSB 
_pdbx_database_status.process_site                    RCSB 
_pdbx_database_status.status_code_sf                  REL 
_pdbx_database_status.SG_entry                        . 
_pdbx_database_status.pdb_format_compatible           Y 
_pdbx_database_status.status_code_mr                  ? 
_pdbx_database_status.status_code_cs                  ? 
_pdbx_database_status.status_code_nmr_data            ? 
_pdbx_database_status.methods_development_category    ? 
# 
loop_
_pdbx_database_related.db_name 
_pdbx_database_related.db_id 
_pdbx_database_related.details 
_pdbx_database_related.content_type 
PDB 1F4M 'X-ray structure of Ala2Ile2-6 in the P3(2) crystal form'                 unspecified 
PDB 1ROP 'X-ray structure of Rop'                                                  unspecified 
PDB 1GTO 'X-ray structure of D30G Rop mutant'                                      unspecified 
PDB 1NKD 'Atomic resolution x-ray structure of Rop mutant <2AA>'                   unspecified 
PDB 1RPO 'X-ray structure of Rop mutant with Ala inserted on either side of Asp31' unspecified 
PDB 1B6Q 'X-ray structure of A31P Rop mutant'                                      unspecified 
PDB 1RPR 'NMR structure of Rop'                                                    unspecified 
# 
loop_
_audit_author.name 
_audit_author.pdbx_ordinal 
'Willis, M.A.'  1 
'Bishop, B.'    2 
'Regan, L.'     3 
'Brunger, A.T.' 4 
# 
_citation.id                        primary 
_citation.title                     
;Dramatic structural and thermodynamic consequences of repacking a protein's hydrophobic core.
;
_citation.journal_abbrev            'Structure Fold.Des.' 
_citation.journal_volume            8 
_citation.page_first                1319 
_citation.page_last                 1328 
_citation.year                      2000 
_citation.journal_id_ASTM           FODEFH 
_citation.country                   UK 
_citation.journal_id_ISSN           0969-2126 
_citation.journal_id_CSD            1263 
_citation.book_publisher            ? 
_citation.pdbx_database_id_PubMed   11188696 
_citation.pdbx_database_id_DOI      '10.1016/S0969-2126(00)00544-X' 
# 
loop_
_citation_author.citation_id 
_citation_author.name 
_citation_author.ordinal 
_citation_author.identifier_ORCID 
primary 'Willis, M.A.'  1 ? 
primary 'Bishop, B.'    2 ? 
primary 'Regan, L.'     3 ? 
primary 'Brunger, A.T.' 4 ? 
# 
loop_
_entity.id 
_entity.type 
_entity.src_method 
_entity.pdbx_description 
_entity.formula_weight 
_entity.pdbx_number_of_molecules 
_entity.pdbx_ec 
_entity.pdbx_mutation 
_entity.pdbx_fragment 
_entity.details 
1 polymer     man 'ROP ALA2ILE2-6'                7053.767 2  ? M1G,A8I,T19A,L22I,L26A,Q34I,C38A,L41I,L48I,C52A ? ? 
2 non-polymer syn 'CALCIUM ION'                   40.078   4  ? ?                                               ? ? 
3 non-polymer syn '(4S)-2-METHYL-2,4-PENTANEDIOL' 118.174  1  ? ?                                               ? ? 
4 water       nat water                           18.015   98 ? ?                                               ? ? 
# 
_entity_name_com.entity_id   1 
_entity_name_com.name        'REGULATORY PROTEIN ROP, ROM' 
# 
_entity_poly.entity_id                      1 
_entity_poly.type                           'polypeptide(L)' 
_entity_poly.nstd_linkage                   no 
_entity_poly.nstd_monomer                   no 
_entity_poly.pdbx_seq_one_letter_code       GTKQEKTILNMARFIRSQALTILEKANELDADEIADIAESIHDHADEIYRSALARFGDDGENL 
_entity_poly.pdbx_seq_one_letter_code_can   GTKQEKTILNMARFIRSQALTILEKANELDADEIADIAESIHDHADEIYRSALARFGDDGENL 
_entity_poly.pdbx_strand_id                 A,B 
_entity_poly.pdbx_target_identifier         ? 
# 
loop_
_pdbx_entity_nonpoly.entity_id 
_pdbx_entity_nonpoly.name 
_pdbx_entity_nonpoly.comp_id 
2 'CALCIUM ION'                   CA  
3 '(4S)-2-METHYL-2,4-PENTANEDIOL' MPD 
4 water                           HOH 
# 
loop_
_entity_poly_seq.entity_id 
_entity_poly_seq.num 
_entity_poly_seq.mon_id 
_entity_poly_seq.hetero 
1 1  GLY n 
1 2  THR n 
1 3  LYS n 
1 4  GLN n 
1 5  GLU n 
1 6  LYS n 
1 7  THR n 
1 8  ILE n 
1 9  LEU n 
1 10 ASN n 
1 11 MET n 
1 12 ALA n 
1 13 ARG n 
1 14 PHE n 
1 15 ILE n 
1 16 ARG n 
1 17 SER n 
1 18 GLN n 
1 19 ALA n 
1 20 LEU n 
1 21 THR n 
1 22 ILE n 
1 23 LEU n 
1 24 GLU n 
1 25 LYS n 
1 26 ALA n 
1 27 ASN n 
1 28 GLU n 
1 29 LEU n 
1 30 ASP n 
1 31 ALA n 
1 32 ASP n 
1 33 GLU n 
1 34 ILE n 
1 35 ALA n 
1 36 ASP n 
1 37 ILE n 
1 38 ALA n 
1 39 GLU n 
1 40 SER n 
1 41 ILE n 
1 42 HIS n 
1 43 ASP n 
1 44 HIS n 
1 45 ALA n 
1 46 ASP n 
1 47 GLU n 
1 48 ILE n 
1 49 TYR n 
1 50 ARG n 
1 51 SER n 
1 52 ALA n 
1 53 LEU n 
1 54 ALA n 
1 55 ARG n 
1 56 PHE n 
1 57 GLY n 
1 58 ASP n 
1 59 ASP n 
1 60 GLY n 
1 61 GLU n 
1 62 ASN n 
1 63 LEU n 
# 
_entity_src_gen.entity_id                          1 
_entity_src_gen.pdbx_src_id                        1 
_entity_src_gen.pdbx_alt_source_flag               sample 
_entity_src_gen.pdbx_seq_type                      ? 
_entity_src_gen.pdbx_beg_seq_num                   ? 
_entity_src_gen.pdbx_end_seq_num                   ? 
_entity_src_gen.gene_src_common_name               ? 
_entity_src_gen.gene_src_genus                     Escherichia 
_entity_src_gen.pdbx_gene_src_gene                 ? 
_entity_src_gen.gene_src_species                   ? 
_entity_src_gen.gene_src_strain                    ? 
_entity_src_gen.gene_src_tissue                    ? 
_entity_src_gen.gene_src_tissue_fraction           ? 
_entity_src_gen.gene_src_details                   ? 
_entity_src_gen.pdbx_gene_src_fragment             ? 
_entity_src_gen.pdbx_gene_src_scientific_name      'Escherichia coli' 
_entity_src_gen.pdbx_gene_src_ncbi_taxonomy_id     562 
_entity_src_gen.pdbx_gene_src_variant              ? 
_entity_src_gen.pdbx_gene_src_cell_line            ? 
_entity_src_gen.pdbx_gene_src_atcc                 ? 
_entity_src_gen.pdbx_gene_src_organ                ? 
_entity_src_gen.pdbx_gene_src_organelle            ? 
_entity_src_gen.pdbx_gene_src_cell                 ? 
_entity_src_gen.pdbx_gene_src_cellular_location    ? 
_entity_src_gen.host_org_common_name               ? 
_entity_src_gen.pdbx_host_org_scientific_name      'Escherichia coli' 
_entity_src_gen.pdbx_host_org_ncbi_taxonomy_id     562 
_entity_src_gen.host_org_genus                     Escherichia 
_entity_src_gen.pdbx_host_org_gene                 ? 
_entity_src_gen.pdbx_host_org_organ                ? 
_entity_src_gen.host_org_species                   ? 
_entity_src_gen.pdbx_host_org_tissue               ? 
_entity_src_gen.pdbx_host_org_tissue_fraction      ? 
_entity_src_gen.pdbx_host_org_strain               ? 
_entity_src_gen.pdbx_host_org_variant              ? 
_entity_src_gen.pdbx_host_org_cell_line            ? 
_entity_src_gen.pdbx_host_org_atcc                 ? 
_entity_src_gen.pdbx_host_org_culture_collection   ? 
_entity_src_gen.pdbx_host_org_cell                 ? 
_entity_src_gen.pdbx_host_org_organelle            ? 
_entity_src_gen.pdbx_host_org_cellular_location    ? 
_entity_src_gen.pdbx_host_org_vector_type          ? 
_entity_src_gen.pdbx_host_org_vector               ? 
_entity_src_gen.host_org_details                   ? 
_entity_src_gen.expression_system_id               ? 
_entity_src_gen.plasmid_name                       ? 
_entity_src_gen.plasmid_details                    PMR101 
_entity_src_gen.pdbx_description                   ? 
# 
loop_
_chem_comp.id 
_chem_comp.type 
_chem_comp.mon_nstd_flag 
_chem_comp.name 
_chem_comp.pdbx_synonyms 
_chem_comp.formula 
_chem_comp.formula_weight 
ALA 'L-peptide linking' y ALANINE                         ? 'C3 H7 N O2'     89.093  
ARG 'L-peptide linking' y ARGININE                        ? 'C6 H15 N4 O2 1' 175.209 
ASN 'L-peptide linking' y ASPARAGINE                      ? 'C4 H8 N2 O3'    132.118 
ASP 'L-peptide linking' y 'ASPARTIC ACID'                 ? 'C4 H7 N O4'     133.103 
CA  non-polymer         . 'CALCIUM ION'                   ? 'Ca 2'           40.078  
CYS 'L-peptide linking' y CYSTEINE                        ? 'C3 H7 N O2 S'   121.158 
GLN 'L-peptide linking' y GLUTAMINE                       ? 'C5 H10 N2 O3'   146.144 
GLU 'L-peptide linking' y 'GLUTAMIC ACID'                 ? 'C5 H9 N O4'     147.129 
GLY 'peptide linking'   y GLYCINE                         ? 'C2 H5 N O2'     75.067  
HIS 'L-peptide linking' y HISTIDINE                       ? 'C6 H10 N3 O2 1' 156.162 
HOH non-polymer         . WATER                           ? 'H2 O'           18.015  
ILE 'L-peptide linking' y ISOLEUCINE                      ? 'C6 H13 N O2'    131.173 
LEU 'L-peptide linking' y LEUCINE                         ? 'C6 H13 N O2'    131.173 
LYS 'L-peptide linking' y LYSINE                          ? 'C6 H15 N2 O2 1' 147.195 
MET 'L-peptide linking' y METHIONINE                      ? 'C5 H11 N O2 S'  149.211 
MPD non-polymer         . '(4S)-2-METHYL-2,4-PENTANEDIOL' ? 'C6 H14 O2'      118.174 
PHE 'L-peptide linking' y PHENYLALANINE                   ? 'C9 H11 N O2'    165.189 
SER 'L-peptide linking' y SERINE                          ? 'C3 H7 N O3'     105.093 
THR 'L-peptide linking' y THREONINE                       ? 'C4 H9 N O3'     119.119 
TYR 'L-peptide linking' y TYROSINE                        ? 'C9 H11 N O3'    181.189 
# 
loop_
_pdbx_poly_seq_scheme.asym_id 
_pdbx_poly_seq_scheme.entity_id 
_pdbx_poly_seq_scheme.seq_id 
_pdbx_poly_seq_scheme.mon_id 
_pdbx_poly_seq_scheme.ndb_seq_num 
_pdbx_poly_seq_scheme.pdb_seq_num 
_pdbx_poly_seq_scheme.auth_seq_num 
_pdbx_poly_seq_scheme.pdb_mon_id 
_pdbx_poly_seq_scheme.auth_mon_id 
_pdbx_poly_seq_scheme.pdb_strand_id 
_pdbx_poly_seq_scheme.pdb_ins_code 
_pdbx_poly_seq_scheme.hetero 
A 1 1  GLY 1  1  1  GLY GLY A . n 
A 1 2  THR 2  2  2  THR THR A . n 
A 1 3  LYS 3  3  3  LYS LYS A . n 
A 1 4  GLN 4  4  4  GLN GLN A . n 
A 1 5  GLU 5  5  5  GLU GLU A . n 
A 1 6  LYS 6  6  6  LYS LYS A . n 
A 1 7  THR 7  7  7  THR THR A . n 
A 1 8  ILE 8  8  8  ILE ILE A . n 
A 1 9  LEU 9  9  9  LEU LEU A . n 
A 1 10 ASN 10 10 10 ASN ASN A . n 
A 1 11 MET 11 11 11 MET MET A . n 
A 1 12 ALA 12 12 12 ALA ALA A . n 
A 1 13 ARG 13 13 13 ARG ARG A . n 
A 1 14 PHE 14 14 14 PHE PHE A . n 
A 1 15 ILE 15 15 15 ILE ILE A . n 
A 1 16 ARG 16 16 16 ARG ARG A . n 
A 1 17 SER 17 17 17 SER SER A . n 
A 1 18 GLN 18 18 18 GLN GLN A . n 
A 1 19 ALA 19 19 19 ALA ALA A . n 
A 1 20 LEU 20 20 20 LEU LEU A . n 
A 1 21 THR 21 21 21 THR THR A . n 
A 1 22 ILE 22 22 22 ILE ILE A . n 
A 1 23 LEU 23 23 23 LEU LEU A . n 
A 1 24 GLU 24 24 24 GLU GLU A . n 
A 1 25 LYS 25 25 25 LYS LYS A . n 
A 1 26 ALA 26 26 26 ALA ALA A . n 
A 1 27 ASN 27 27 27 ASN ASN A . n 
A 1 28 GLU 28 28 28 GLU GLU A . n 
A 1 29 LEU 29 29 29 LEU LEU A . n 
A 1 30 ASP 30 30 30 ASP ASP A . n 
A 1 31 ALA 31 31 31 ALA ALA A . n 
A 1 32 ASP 32 32 32 ASP ASP A . n 
A 1 33 GLU 33 33 33 GLU GLU A . n 
A 1 34 ILE 34 34 34 ILE ILE A . n 
A 1 35 ALA 35 35 35 ALA ALA A . n 
A 1 36 ASP 36 36 36 ASP ASP A . n 
A 1 37 ILE 37 37 37 ILE ILE A . n 
A 1 38 ALA 38 38 38 ALA ALA A . n 
A 1 39 GLU 39 39 39 GLU GLU A . n 
A 1 40 SER 40 40 40 SER SER A . n 
A 1 41 ILE 41 41 41 ILE ILE A . n 
A 1 42 HIS 42 42 42 HIS HIS A . n 
A 1 43 ASP 43 43 43 ASP ASP A . n 
A 1 44 HIS 44 44 44 HIS HIS A . n 
A 1 45 ALA 45 45 45 ALA ALA A . n 
A 1 46 ASP 46 46 46 ASP ASP A . n 
A 1 47 GLU 47 47 47 GLU GLU A . n 
A 1 48 ILE 48 48 48 ILE ILE A . n 
A 1 49 TYR 49 49 49 TYR TYR A . n 
A 1 50 ARG 50 50 50 ARG ARG A . n 
A 1 51 SER 51 51 51 SER SER A . n 
A 1 52 ALA 52 52 52 ALA ALA A . n 
A 1 53 LEU 53 53 53 LEU LEU A . n 
A 1 54 ALA 54 54 54 ALA ALA A . n 
A 1 55 ARG 55 55 55 ARG ARG A . n 
A 1 56 PHE 56 56 56 PHE PHE A . n 
A 1 57 GLY 57 57 57 GLY GLY A . n 
A 1 58 ASP 58 58 58 ASP ASP A . n 
A 1 59 ASP 59 59 59 ASP ASP A . n 
A 1 60 GLY 60 60 60 GLY GLY A . n 
A 1 61 GLU 61 61 ?  ?   ?   A . n 
A 1 62 ASN 62 62 ?  ?   ?   A . n 
A 1 63 LEU 63 63 ?  ?   ?   A . n 
B 1 1  GLY 1  1  ?  ?   ?   B . n 
B 1 2  THR 2  2  ?  ?   ?   B . n 
B 1 3  LYS 3  3  ?  ?   ?   B . n 
B 1 4  GLN 4  4  ?  ?   ?   B . n 
B 1 5  GLU 5  5  5  GLU GLU B . n 
B 1 6  LYS 6  6  6  LYS LYS B . n 
B 1 7  THR 7  7  7  THR THR B . n 
B 1 8  ILE 8  8  8  ILE ILE B . n 
B 1 9  LEU 9  9  9  LEU LEU B . n 
B 1 10 ASN 10 10 10 ASN ASN B . n 
B 1 11 MET 11 11 11 MET MET B . n 
B 1 12 ALA 12 12 12 ALA ALA B . n 
B 1 13 ARG 13 13 13 ARG ARG B . n 
B 1 14 PHE 14 14 14 PHE PHE B . n 
B 1 15 ILE 15 15 15 ILE ILE B . n 
B 1 16 ARG 16 16 16 ARG ARG B . n 
B 1 17 SER 17 17 17 SER SER B . n 
B 1 18 GLN 18 18 18 GLN GLN B . n 
B 1 19 ALA 19 19 19 ALA ALA B . n 
B 1 20 LEU 20 20 20 LEU LEU B . n 
B 1 21 THR 21 21 21 THR THR B . n 
B 1 22 ILE 22 22 22 ILE ILE B . n 
B 1 23 LEU 23 23 23 LEU LEU B . n 
B 1 24 GLU 24 24 24 GLU GLU B . n 
B 1 25 LYS 25 25 25 LYS LYS B . n 
B 1 26 ALA 26 26 26 ALA ALA B . n 
B 1 27 ASN 27 27 27 ASN ASN B . n 
B 1 28 GLU 28 28 28 GLU GLU B . n 
B 1 29 LEU 29 29 29 LEU LEU B . n 
B 1 30 ASP 30 30 30 ASP ASP B . n 
B 1 31 ALA 31 31 31 ALA ALA B . n 
B 1 32 ASP 32 32 32 ASP ASP B . n 
B 1 33 GLU 33 33 33 GLU GLU B . n 
B 1 34 ILE 34 34 34 ILE ILE B . n 
B 1 35 ALA 35 35 35 ALA ALA B . n 
B 1 36 ASP 36 36 36 ASP ASP B . n 
B 1 37 ILE 37 37 37 ILE ILE B . n 
B 1 38 ALA 38 38 38 ALA ALA B . n 
B 1 39 GLU 39 39 39 GLU GLU B . n 
B 1 40 SER 40 40 40 SER SER B . n 
B 1 41 ILE 41 41 41 ILE ILE B . n 
B 1 42 HIS 42 42 42 HIS HIS B . n 
B 1 43 ASP 43 43 43 ASP ASP B . n 
B 1 44 HIS 44 44 44 HIS HIS B . n 
B 1 45 ALA 45 45 45 ALA ALA B . n 
B 1 46 ASP 46 46 46 ASP ASP B . n 
B 1 47 GLU 47 47 47 GLU GLU B . n 
B 1 48 ILE 48 48 48 ILE ILE B . n 
B 1 49 TYR 49 49 49 TYR TYR B . n 
B 1 50 ARG 50 50 50 ARG ARG B . n 
B 1 51 SER 51 51 51 SER SER B . n 
B 1 52 ALA 52 52 52 ALA ALA B . n 
B 1 53 LEU 53 53 53 LEU LEU B . n 
B 1 54 ALA 54 54 54 ALA ALA B . n 
B 1 55 ARG 55 55 55 ARG ARG B . n 
B 1 56 PHE 56 56 ?  ?   ?   B . n 
B 1 57 GLY 57 57 ?  ?   ?   B . n 
B 1 58 ASP 58 58 ?  ?   ?   B . n 
B 1 59 ASP 59 59 ?  ?   ?   B . n 
B 1 60 GLY 60 60 ?  ?   ?   B . n 
B 1 61 GLU 61 61 ?  ?   ?   B . n 
B 1 62 ASN 62 62 ?  ?   ?   B . n 
B 1 63 LEU 63 63 ?  ?   ?   B . n 
# 
loop_
_pdbx_nonpoly_scheme.asym_id 
_pdbx_nonpoly_scheme.entity_id 
_pdbx_nonpoly_scheme.mon_id 
_pdbx_nonpoly_scheme.ndb_seq_num 
_pdbx_nonpoly_scheme.pdb_seq_num 
_pdbx_nonpoly_scheme.auth_seq_num 
_pdbx_nonpoly_scheme.pdb_mon_id 
_pdbx_nonpoly_scheme.auth_mon_id 
_pdbx_nonpoly_scheme.pdb_strand_id 
_pdbx_nonpoly_scheme.pdb_ins_code 
C 2 CA  1  101 1   CA  CA  A . 
D 2 CA  1  102 2   CA  CA  A . 
E 2 CA  1  103 3   CA  CA  A . 
F 3 MPD 1  104 5   MPD MPD A . 
G 2 CA  1  104 4   CA  CA  B . 
H 4 HOH 1  105 100 HOH TIP A . 
H 4 HOH 2  106 102 HOH TIP A . 
H 4 HOH 3  107 103 HOH TIP A . 
H 4 HOH 4  108 104 HOH TIP A . 
H 4 HOH 5  109 106 HOH TIP A . 
H 4 HOH 6  110 109 HOH TIP A . 
H 4 HOH 7  111 110 HOH TIP A . 
H 4 HOH 8  112 111 HOH TIP A . 
H 4 HOH 9  113 112 HOH TIP A . 
H 4 HOH 10 114 117 HOH TIP A . 
H 4 HOH 11 115 118 HOH TIP A . 
H 4 HOH 12 116 119 HOH TIP A . 
H 4 HOH 13 117 120 HOH TIP A . 
H 4 HOH 14 118 121 HOH TIP A . 
H 4 HOH 15 119 122 HOH TIP A . 
H 4 HOH 16 120 123 HOH TIP A . 
H 4 HOH 17 121 124 HOH TIP A . 
H 4 HOH 18 122 126 HOH TIP A . 
H 4 HOH 19 123 129 HOH TIP A . 
H 4 HOH 20 124 131 HOH TIP A . 
H 4 HOH 21 125 134 HOH TIP A . 
H 4 HOH 22 126 135 HOH TIP A . 
H 4 HOH 23 127 136 HOH TIP A . 
H 4 HOH 24 128 144 HOH TIP A . 
H 4 HOH 25 129 145 HOH TIP A . 
H 4 HOH 26 130 149 HOH TIP A . 
H 4 HOH 27 131 150 HOH TIP A . 
H 4 HOH 28 132 151 HOH TIP A . 
H 4 HOH 29 133 153 HOH TIP A . 
H 4 HOH 30 134 154 HOH TIP A . 
H 4 HOH 31 135 159 HOH TIP A . 
H 4 HOH 32 136 160 HOH TIP A . 
H 4 HOH 33 137 161 HOH TIP A . 
H 4 HOH 34 138 162 HOH TIP A . 
H 4 HOH 35 139 163 HOH TIP A . 
H 4 HOH 36 140 164 HOH TIP A . 
H 4 HOH 37 141 166 HOH TIP A . 
H 4 HOH 38 142 168 HOH TIP A . 
H 4 HOH 39 143 170 HOH TIP A . 
H 4 HOH 40 144 175 HOH TIP A . 
H 4 HOH 41 145 176 HOH TIP A . 
H 4 HOH 42 146 177 HOH TIP A . 
H 4 HOH 43 147 179 HOH TIP A . 
H 4 HOH 44 148 180 HOH TIP A . 
H 4 HOH 45 149 181 HOH TIP A . 
H 4 HOH 46 150 183 HOH TIP A . 
H 4 HOH 47 151 187 HOH TIP A . 
H 4 HOH 48 152 190 HOH TIP A . 
H 4 HOH 49 153 191 HOH TIP A . 
H 4 HOH 50 154 193 HOH TIP A . 
H 4 HOH 51 155 195 HOH TIP A . 
I 4 HOH 1  101 101 HOH TIP B . 
I 4 HOH 2  105 105 HOH TIP B . 
I 4 HOH 3  107 107 HOH TIP B . 
I 4 HOH 4  108 108 HOH TIP B . 
I 4 HOH 5  113 113 HOH TIP B . 
I 4 HOH 6  114 114 HOH TIP B . 
I 4 HOH 7  115 115 HOH TIP B . 
I 4 HOH 8  116 116 HOH TIP B . 
I 4 HOH 9  125 125 HOH TIP B . 
I 4 HOH 10 127 127 HOH TIP B . 
I 4 HOH 11 128 128 HOH TIP B . 
I 4 HOH 12 130 130 HOH TIP B . 
I 4 HOH 13 132 132 HOH TIP B . 
I 4 HOH 14 133 133 HOH TIP B . 
I 4 HOH 15 137 137 HOH TIP B . 
I 4 HOH 16 138 138 HOH TIP B . 
I 4 HOH 17 139 139 HOH TIP B . 
I 4 HOH 18 140 140 HOH TIP B . 
I 4 HOH 19 141 141 HOH TIP B . 
I 4 HOH 20 142 142 HOH TIP B . 
I 4 HOH 21 143 143 HOH TIP B . 
I 4 HOH 22 146 146 HOH TIP B . 
I 4 HOH 23 147 147 HOH TIP B . 
I 4 HOH 24 148 148 HOH TIP B . 
I 4 HOH 25 152 152 HOH TIP B . 
I 4 HOH 26 155 155 HOH TIP B . 
I 4 HOH 27 156 156 HOH TIP B . 
I 4 HOH 28 157 157 HOH TIP B . 
I 4 HOH 29 158 158 HOH TIP B . 
I 4 HOH 30 165 165 HOH TIP B . 
I 4 HOH 31 167 167 HOH TIP B . 
I 4 HOH 32 169 169 HOH TIP B . 
I 4 HOH 33 171 171 HOH TIP B . 
I 4 HOH 34 172 172 HOH TIP B . 
I 4 HOH 35 173 173 HOH TIP B . 
I 4 HOH 36 174 174 HOH TIP B . 
I 4 HOH 37 178 178 HOH TIP B . 
I 4 HOH 38 182 182 HOH TIP B . 
I 4 HOH 39 184 184 HOH TIP B . 
I 4 HOH 40 185 185 HOH TIP B . 
I 4 HOH 41 186 186 HOH TIP B . 
I 4 HOH 42 188 188 HOH TIP B . 
I 4 HOH 43 189 189 HOH TIP B . 
I 4 HOH 44 192 192 HOH TIP B . 
I 4 HOH 45 194 194 HOH TIP B . 
I 4 HOH 46 196 196 HOH TIP B . 
I 4 HOH 47 197 197 HOH TIP B . 
# 
loop_
_pdbx_unobs_or_zero_occ_atoms.id 
_pdbx_unobs_or_zero_occ_atoms.PDB_model_num 
_pdbx_unobs_or_zero_occ_atoms.polymer_flag 
_pdbx_unobs_or_zero_occ_atoms.occupancy_flag 
_pdbx_unobs_or_zero_occ_atoms.auth_asym_id 
_pdbx_unobs_or_zero_occ_atoms.auth_comp_id 
_pdbx_unobs_or_zero_occ_atoms.auth_seq_id 
_pdbx_unobs_or_zero_occ_atoms.PDB_ins_code 
_pdbx_unobs_or_zero_occ_atoms.auth_atom_id 
_pdbx_unobs_or_zero_occ_atoms.label_alt_id 
_pdbx_unobs_or_zero_occ_atoms.label_asym_id 
_pdbx_unobs_or_zero_occ_atoms.label_comp_id 
_pdbx_unobs_or_zero_occ_atoms.label_seq_id 
_pdbx_unobs_or_zero_occ_atoms.label_atom_id 
1  1 Y 1 A GLY 60 ? CA  ? A GLY 60 CA  
2  1 Y 1 A GLY 60 ? C   ? A GLY 60 C   
3  1 Y 1 A GLY 60 ? O   ? A GLY 60 O   
4  1 Y 1 B GLU 5  ? N   ? B GLU 5  N   
5  1 Y 1 B GLU 5  ? CA  ? B GLU 5  CA  
6  1 Y 1 B GLU 5  ? CB  ? B GLU 5  CB  
7  1 Y 1 B GLU 5  ? CG  ? B GLU 5  CG  
8  1 Y 1 B GLU 5  ? CD  ? B GLU 5  CD  
9  1 Y 1 B GLU 5  ? OE1 ? B GLU 5  OE1 
10 1 Y 1 B GLU 5  ? OE2 ? B GLU 5  OE2 
11 1 Y 1 B ARG 55 ? C   ? B ARG 55 C   
12 1 Y 1 B ARG 55 ? O   ? B ARG 55 O   
13 1 Y 1 B ARG 55 ? CB  ? B ARG 55 CB  
14 1 Y 1 B ARG 55 ? CG  ? B ARG 55 CG  
15 1 Y 1 B ARG 55 ? CD  ? B ARG 55 CD  
16 1 Y 1 B ARG 55 ? NE  ? B ARG 55 NE  
17 1 Y 1 B ARG 55 ? CZ  ? B ARG 55 CZ  
18 1 Y 1 B ARG 55 ? NH1 ? B ARG 55 NH1 
19 1 Y 1 B ARG 55 ? NH2 ? B ARG 55 NH2 
# 
loop_
_software.name 
_software.classification 
_software.version 
_software.citation_id 
_software.pdbx_ordinal 
CNS       refinement       . ? 1 
DENZO     'data reduction' . ? 2 
SCALEPACK 'data scaling'   . ? 3 
CNS       phasing          . ? 4 
# 
_cell.entry_id           1F4N 
_cell.length_a           82.617 
_cell.length_b           36.488 
_cell.length_c           47.727 
_cell.angle_alpha        90.00 
_cell.angle_beta         121.205 
_cell.angle_gamma        90.00 
_cell.Z_PDB              8 
_cell.pdbx_unique_axis   ? 
# 
_symmetry.entry_id                         1F4N 
_symmetry.space_group_name_H-M             'C 1 2 1' 
_symmetry.pdbx_full_space_group_name_H-M   ? 
_symmetry.cell_setting                     ? 
_symmetry.Int_Tables_number                5 
# 
_exptl.entry_id          1F4N 
_exptl.method            'X-RAY DIFFRACTION' 
_exptl.crystals_number   1 
# 
_exptl_crystal.id                    1 
_exptl_crystal.density_meas          ? 
_exptl_crystal.density_percent_sol   43.60 
_exptl_crystal.density_Matthews      2.18 
_exptl_crystal.description           ? 
# 
_exptl_crystal_grow.crystal_id      1 
_exptl_crystal_grow.method          'VAPOR DIFFUSION, HANGING DROP' 
_exptl_crystal_grow.pH              7.5 
_exptl_crystal_grow.temp            294 
_exptl_crystal_grow.temp_details    ? 
_exptl_crystal_grow.pdbx_details    'MPD, calcium chloride, sodium HEPES, pH 7.5, VAPOR DIFFUSION, HANGING DROP, temperature 294K' 
_exptl_crystal_grow.pdbx_pH_range   . 
# 
_diffrn.id                     1 
_diffrn.ambient_temp           105 
_diffrn.ambient_temp_details   ? 
_diffrn.crystal_id             1 
# 
_diffrn_detector.diffrn_id              1 
_diffrn_detector.detector               'IMAGE PLATE' 
_diffrn_detector.type                   'RIGAKU RAXIS IV' 
_diffrn_detector.pdbx_collection_date   1998-09-21 
_diffrn_detector.details                ? 
# 
_diffrn_radiation.diffrn_id                        1 
_diffrn_radiation.wavelength_id                    1 
_diffrn_radiation.monochromator                    ? 
_diffrn_radiation.pdbx_monochromatic_or_laue_m_l   M 
_diffrn_radiation.pdbx_diffrn_protocol             'SINGLE WAVELENGTH' 
_diffrn_radiation.pdbx_scattering_type             x-ray 
# 
_diffrn_radiation_wavelength.id           1 
_diffrn_radiation_wavelength.wavelength   1.54128 
_diffrn_radiation_wavelength.wt           1.0 
# 
_diffrn_source.diffrn_id                   1 
_diffrn_source.source                      'ROTATING ANODE' 
_diffrn_source.type                        RIGAKU 
_diffrn_source.pdbx_wavelength             1.54128 
_diffrn_source.pdbx_synchrotron_site       ? 
_diffrn_source.pdbx_synchrotron_beamline   ? 
_diffrn_source.pdbx_wavelength_list        ? 
# 
_reflns.entry_id                     1F4N 
_reflns.observed_criterion_sigma_I   -3 
_reflns.observed_criterion_sigma_F   ? 
_reflns.d_resolution_low             40.82 
_reflns.d_resolution_high            1.9 
_reflns.number_obs                   9460 
_reflns.number_all                   9460 
_reflns.percent_possible_obs         96.9 
_reflns.pdbx_Rmerge_I_obs            0.0550000 
_reflns.pdbx_Rsym_value              ? 
_reflns.pdbx_netI_over_sigmaI        12.6 
_reflns.B_iso_Wilson_estimate        21.9 
_reflns.pdbx_redundancy              6.7 
_reflns.R_free_details               ? 
_reflns.limit_h_max                  ? 
_reflns.limit_h_min                  ? 
_reflns.limit_k_max                  ? 
_reflns.limit_k_min                  ? 
_reflns.limit_l_max                  ? 
_reflns.limit_l_min                  ? 
_reflns.observed_criterion_F_max     ? 
_reflns.observed_criterion_F_min     ? 
_reflns.pdbx_diffrn_id               1 
_reflns.pdbx_ordinal                 1 
# 
_reflns_shell.d_res_high             1.90 
_reflns_shell.d_res_low              1.97 
_reflns_shell.percent_possible_obs   ? 
_reflns_shell.percent_possible_all   84.0 
_reflns_shell.Rmerge_I_obs           0.2380000 
_reflns_shell.meanI_over_sigI_obs    ? 
_reflns_shell.pdbx_Rsym_value        ? 
_reflns_shell.pdbx_redundancy        4.5 
_reflns_shell.number_unique_all      806 
_reflns_shell.pdbx_diffrn_id         ? 
_reflns_shell.pdbx_ordinal           1 
# 
_refine.entry_id                                 1F4N 
_refine.ls_number_reflns_obs                     18445 
_refine.ls_number_reflns_all                     18445 
_refine.pdbx_ls_sigma_I                          0.0 
_refine.pdbx_ls_sigma_F                          0.0 
_refine.pdbx_data_cutoff_high_absF               906866.18 
_refine.pdbx_data_cutoff_low_absF                0.00 
_refine.ls_d_res_low                             40.82 
_refine.ls_d_res_high                            1.90 
_refine.ls_percent_reflns_obs                    98.1 
_refine.ls_R_factor_obs                          ? 
_refine.ls_R_factor_all                          ? 
_refine.ls_R_factor_R_work                       0.2040000 
_refine.ls_R_factor_R_free                       0.2370000 
_refine.ls_R_factor_R_free_error                 0.006 
_refine.ls_R_factor_R_free_error_details         ? 
_refine.ls_percent_reflns_R_free                 9.6 
_refine.ls_number_reflns_R_free                  1769 
_refine.ls_number_parameters                     ? 
_refine.ls_number_restraints                     ? 
_refine.occupancy_min                            ? 
_refine.occupancy_max                            ? 
_refine.B_iso_mean                               23.7 
_refine.aniso_B[1][1]                            -3.94 
_refine.aniso_B[2][2]                            4.43 
_refine.aniso_B[3][3]                            -0.49 
_refine.aniso_B[1][2]                            0.00 
_refine.aniso_B[1][3]                            -4.67 
_refine.aniso_B[2][3]                            0.00 
_refine.solvent_model_details                    'FLAT MODEL' 
_refine.solvent_model_param_ksol                 0.435 
_refine.solvent_model_param_bsol                 71.16 
_refine.pdbx_ls_cross_valid_method               THROUGHOUT 
_refine.details                                  ? 
_refine.pdbx_starting_model                      ? 
_refine.pdbx_method_to_determine_struct          ? 
_refine.pdbx_isotropic_thermal_model             RESTRAINED 
_refine.pdbx_stereochemistry_target_values       'Engh & Huber' 
_refine.pdbx_stereochem_target_val_spec_case     ? 
_refine.pdbx_R_Free_selection_details            RANDOM 
_refine.pdbx_overall_ESU_R_Free                  ? 
_refine.overall_SU_B                             ? 
_refine.ls_redundancy_reflns_obs                 ? 
_refine.B_iso_min                                ? 
_refine.B_iso_max                                ? 
_refine.overall_SU_ML                            ? 
_refine.pdbx_overall_ESU_R                       ? 
_refine.pdbx_data_cutoff_high_rms_absF           ? 
_refine.correlation_coeff_Fo_to_Fc               ? 
_refine.correlation_coeff_Fo_to_Fc_free          ? 
_refine.overall_SU_R_Cruickshank_DPI             ? 
_refine.overall_SU_R_free                        ? 
_refine.pdbx_refine_id                           'X-RAY DIFFRACTION' 
_refine.pdbx_diffrn_id                           1 
_refine.pdbx_TLS_residual_ADP_flag               ? 
_refine.pdbx_solvent_vdw_probe_radii             ? 
_refine.pdbx_solvent_ion_probe_radii             ? 
_refine.pdbx_solvent_shrinkage_radii             ? 
_refine.pdbx_overall_phase_error                 ? 
_refine.pdbx_overall_SU_R_free_Cruickshank_DPI   ? 
_refine.pdbx_overall_SU_R_Blow_DPI               ? 
_refine.pdbx_overall_SU_R_free_Blow_DPI          ? 
# 
_refine_analyze.entry_id                        1F4N 
_refine_analyze.Luzzati_coordinate_error_obs    0.22 
_refine_analyze.Luzzati_sigma_a_obs             0.16 
_refine_analyze.Luzzati_d_res_low_obs           5.00 
_refine_analyze.Luzzati_coordinate_error_free   0.27 
_refine_analyze.Luzzati_sigma_a_free            0.21 
_refine_analyze.Luzzati_d_res_low_free          ? 
_refine_analyze.number_disordered_residues      ? 
_refine_analyze.occupancy_sum_hydrogen          ? 
_refine_analyze.occupancy_sum_non_hydrogen      ? 
_refine_analyze.pdbx_Luzzati_d_res_high_obs     ? 
_refine_analyze.pdbx_refine_id                  'X-RAY DIFFRACTION' 
# 
_refine_hist.pdbx_refine_id                   'X-RAY DIFFRACTION' 
_refine_hist.cycle_id                         LAST 
_refine_hist.pdbx_number_atoms_protein        855 
_refine_hist.pdbx_number_atoms_nucleic_acid   0 
_refine_hist.pdbx_number_atoms_ligand         4 
_refine_hist.number_atoms_solvent             106 
_refine_hist.number_atoms_total               965 
_refine_hist.d_res_high                       1.90 
_refine_hist.d_res_low                        40.82 
# 
loop_
_refine_ls_restr.type 
_refine_ls_restr.dev_ideal 
_refine_ls_restr.dev_ideal_target 
_refine_ls_restr.weight 
_refine_ls_restr.number 
_refine_ls_restr.pdbx_refine_id 
_refine_ls_restr.pdbx_restraint_function 
c_bond_d           0.010 ?    ? ? 'X-RAY DIFFRACTION' ? 
c_angle_deg        1.2   ?    ? ? 'X-RAY DIFFRACTION' ? 
c_dihedral_angle_d 15.7  ?    ? ? 'X-RAY DIFFRACTION' ? 
c_improper_angle_d 0.81  ?    ? ? 'X-RAY DIFFRACTION' ? 
c_mcbond_it        2.55  1.50 ? ? 'X-RAY DIFFRACTION' ? 
c_mcangle_it       3.33  2.00 ? ? 'X-RAY DIFFRACTION' ? 
c_scbond_it        6.39  2.00 ? ? 'X-RAY DIFFRACTION' ? 
c_scangle_it       8.75  2.50 ? ? 'X-RAY DIFFRACTION' ? 
# 
_refine_ls_shell.pdbx_total_number_of_bins_used   8 
_refine_ls_shell.d_res_high                       1.90 
_refine_ls_shell.d_res_low                        1.99 
_refine_ls_shell.number_reflns_R_work             1892 
_refine_ls_shell.R_factor_R_work                  0.2730000 
_refine_ls_shell.percent_reflns_obs               88.6 
_refine_ls_shell.R_factor_R_free                  0.3440000 
_refine_ls_shell.R_factor_R_free_error            0.027 
_refine_ls_shell.percent_reflns_R_free            8.1 
_refine_ls_shell.number_reflns_R_free             167 
_refine_ls_shell.redundancy_reflns_obs            ? 
_refine_ls_shell.number_reflns_all                ? 
_refine_ls_shell.number_reflns_obs                ? 
_refine_ls_shell.pdbx_refine_id                   'X-RAY DIFFRACTION' 
_refine_ls_shell.R_factor_all                     ? 
# 
loop_
_pdbx_xplor_file.serial_no 
_pdbx_xplor_file.param_file 
_pdbx_xplor_file.topol_file 
_pdbx_xplor_file.pdbx_refine_id 
1 PROTEIN_REP.PARAM PROTEIN.TOP 'X-RAY DIFFRACTION' 
2 ION.PARAM         ION.TOP     'X-RAY DIFFRACTION' 
3 WATER_REP.PARAM   WATER.TOP   'X-RAY DIFFRACTION' 
4 MPD_NEW.PAR       MPD_NEW.TOP 'X-RAY DIFFRACTION' 
# 
_struct.entry_id                  1F4N 
_struct.title                     
'C2 CRYSTAL STRUCTURE OF ALA2ILE2-6, A VERSION OF ROP WITH A REPACKED HYDROPHOBIC CORE AND A NEW FOLD.' 
_struct.pdbx_model_details        ? 
_struct.pdbx_CASP_flag            ? 
_struct.pdbx_model_type_details   ? 
# 
_struct_keywords.entry_id        1F4N 
_struct_keywords.pdbx_keywords   TRANSCRIPTION 
_struct_keywords.text            
'Rop, dimer, homodimer, helix-turn-helix, transcription regulation, hydrophobic core packing, thermodynamic stability, TRANSCRIPTION' 
# 
loop_
_struct_asym.id 
_struct_asym.pdbx_blank_PDB_chainid_flag 
_struct_asym.pdbx_modified 
_struct_asym.entity_id 
_struct_asym.details 
A N N 1 ? 
B N N 1 ? 
C N N 2 ? 
D N N 2 ? 
E N N 2 ? 
F N N 3 ? 
G N N 2 ? 
H N N 4 ? 
I N N 4 ? 
# 
_struct_ref.id                         1 
_struct_ref.db_code                    ROP_ECOLI 
_struct_ref.db_name                    UNP 
_struct_ref.entity_id                  1 
_struct_ref.pdbx_db_accession          P03051 
_struct_ref.pdbx_align_begin           1 
_struct_ref.pdbx_seq_one_letter_code   MTKQEKTALNMARFIRSQTLTLLEKLNELDADEQADICESLHDHADELYRSCLARFGDDGENL 
_struct_ref.pdbx_db_isoform            ? 
# 
loop_
_struct_ref_seq.align_id 
_struct_ref_seq.ref_id 
_struct_ref_seq.pdbx_PDB_id_code 
_struct_ref_seq.pdbx_strand_id 
_struct_ref_seq.seq_align_beg 
_struct_ref_seq.pdbx_seq_align_beg_ins_code 
_struct_ref_seq.seq_align_end 
_struct_ref_seq.pdbx_seq_align_end_ins_code 
_struct_ref_seq.pdbx_db_accession 
_struct_ref_seq.db_align_beg 
_struct_ref_seq.pdbx_db_align_beg_ins_code 
_struct_ref_seq.db_align_end 
_struct_ref_seq.pdbx_db_align_end_ins_code 
_struct_ref_seq.pdbx_auth_seq_align_beg 
_struct_ref_seq.pdbx_auth_seq_align_end 
1 1 1F4N A 1 ? 63 ? P03051 1 ? 63 ? 1 63 
2 1 1F4N B 1 ? 63 ? P03051 1 ? 63 ? 1 63 
# 
loop_
_struct_ref_seq_dif.align_id 
_struct_ref_seq_dif.pdbx_pdb_id_code 
_struct_ref_seq_dif.mon_id 
_struct_ref_seq_dif.pdbx_pdb_strand_id 
_struct_ref_seq_dif.seq_num 
_struct_ref_seq_dif.pdbx_pdb_ins_code 
_struct_ref_seq_dif.pdbx_seq_db_name 
_struct_ref_seq_dif.pdbx_seq_db_accession_code 
_struct_ref_seq_dif.db_mon_id 
_struct_ref_seq_dif.pdbx_seq_db_seq_num 
_struct_ref_seq_dif.details 
_struct_ref_seq_dif.pdbx_auth_seq_num 
_struct_ref_seq_dif.pdbx_ordinal 
1 1F4N GLY A 1  ? UNP P03051 MET 1  'engineered mutation' 1  1  
1 1F4N ILE A 8  ? UNP P03051 ALA 8  'engineered mutation' 8  2  
1 1F4N ALA A 19 ? UNP P03051 THR 19 'engineered mutation' 19 3  
1 1F4N ILE A 22 ? UNP P03051 LEU 22 'engineered mutation' 22 4  
1 1F4N ALA A 26 ? UNP P03051 LEU 26 'engineered mutation' 26 5  
1 1F4N ILE A 34 ? UNP P03051 GLN 34 'engineered mutation' 34 6  
1 1F4N ALA A 38 ? UNP P03051 CYS 38 'engineered mutation' 38 7  
1 1F4N ILE A 41 ? UNP P03051 LEU 41 'engineered mutation' 41 8  
1 1F4N ILE A 48 ? UNP P03051 LEU 48 'engineered mutation' 48 9  
1 1F4N ALA A 52 ? UNP P03051 CYS 52 'engineered mutation' 52 10 
2 1F4N GLY B 1  ? UNP P03051 MET 1  'engineered mutation' 1  11 
2 1F4N ILE B 8  ? UNP P03051 ALA 8  'engineered mutation' 8  12 
2 1F4N ALA B 19 ? UNP P03051 THR 19 'engineered mutation' 19 13 
2 1F4N ILE B 22 ? UNP P03051 LEU 22 'engineered mutation' 22 14 
2 1F4N ALA B 26 ? UNP P03051 LEU 26 'engineered mutation' 26 15 
2 1F4N ILE B 34 ? UNP P03051 GLN 34 'engineered mutation' 34 16 
2 1F4N ALA B 38 ? UNP P03051 CYS 38 'engineered mutation' 38 17 
2 1F4N ILE B 41 ? UNP P03051 LEU 41 'engineered mutation' 41 18 
2 1F4N ILE B 48 ? UNP P03051 LEU 48 'engineered mutation' 48 19 
2 1F4N ALA B 52 ? UNP P03051 CYS 52 'engineered mutation' 52 20 
# 
loop_
_pdbx_struct_assembly.id 
_pdbx_struct_assembly.details 
_pdbx_struct_assembly.method_details 
_pdbx_struct_assembly.oligomeric_details 
_pdbx_struct_assembly.oligomeric_count 
1 author_and_software_defined_assembly PISA dimeric    2 
2 software_defined_assembly            PISA tetrameric 4 
# 
loop_
_pdbx_struct_assembly_prop.biol_id 
_pdbx_struct_assembly_prop.type 
_pdbx_struct_assembly_prop.value 
_pdbx_struct_assembly_prop.details 
1 'ABSA (A^2)' 2790  ? 
1 MORE         -53   ? 
1 'SSA (A^2)'  6190  ? 
2 'ABSA (A^2)' 6740  ? 
2 MORE         -122  ? 
2 'SSA (A^2)'  11300 ? 
# 
loop_
_pdbx_struct_assembly_gen.assembly_id 
_pdbx_struct_assembly_gen.oper_expression 
_pdbx_struct_assembly_gen.asym_id_list 
1 1   A,B,C,D,E,F,G,H,I 
2 1,2 A,B,C,D,E,F,G,H,I 
# 
loop_
_pdbx_struct_oper_list.id 
_pdbx_struct_oper_list.type 
_pdbx_struct_oper_list.name 
_pdbx_struct_oper_list.symmetry_operation 
_pdbx_struct_oper_list.matrix[1][1] 
_pdbx_struct_oper_list.matrix[1][2] 
_pdbx_struct_oper_list.matrix[1][3] 
_pdbx_struct_oper_list.vector[1] 
_pdbx_struct_oper_list.matrix[2][1] 
_pdbx_struct_oper_list.matrix[2][2] 
_pdbx_struct_oper_list.matrix[2][3] 
_pdbx_struct_oper_list.vector[2] 
_pdbx_struct_oper_list.matrix[3][1] 
_pdbx_struct_oper_list.matrix[3][2] 
_pdbx_struct_oper_list.matrix[3][3] 
_pdbx_struct_oper_list.vector[3] 
1 'identity operation'         1_555 x,y,z     1.0000000000  0.0000000000 0.0000000000  0.0000000000 0.0000000000 1.0000000000  0.0000000000  0.0000000000  0.0000000000  0.0000000000  1.0000000000 0.0000000000 
2 'crystal symmetry operation' 2_557 -x,y,-z+2 -0.9465501993 0.0281330272 -0.3213273299 7.8069484601 0.0281330272 -0.9851923260 -0.1691289847 21.1475253000 -0.3213273299 -0.1691289847 0.9317425254 3.1501327465 
# 
loop_
_struct_conf.conf_type_id 
_struct_conf.id 
_struct_conf.pdbx_PDB_helix_id 
_struct_conf.beg_label_comp_id 
_struct_conf.beg_label_asym_id 
_struct_conf.beg_label_seq_id 
_struct_conf.pdbx_beg_PDB_ins_code 
_struct_conf.end_label_comp_id 
_struct_conf.end_label_asym_id 
_struct_conf.end_label_seq_id 
_struct_conf.pdbx_end_PDB_ins_code 
_struct_conf.beg_auth_comp_id 
_struct_conf.beg_auth_asym_id 
_struct_conf.beg_auth_seq_id 
_struct_conf.end_auth_comp_id 
_struct_conf.end_auth_asym_id 
_struct_conf.end_auth_seq_id 
_struct_conf.pdbx_PDB_helix_class 
_struct_conf.details 
_struct_conf.pdbx_PDB_helix_length 
HELX_P HELX_P1 1 THR A 2  ? LEU A 29 ? THR A 2  LEU A 29 1 ? 28 
HELX_P HELX_P2 2 ALA A 31 ? ARG A 55 ? ALA A 31 ARG A 55 1 ? 25 
HELX_P HELX_P3 3 THR B 7  ? LEU B 29 ? THR B 7  LEU B 29 1 ? 23 
HELX_P HELX_P4 4 ALA B 31 ? ARG B 55 ? ALA B 31 ARG B 55 1 ? 25 
# 
_struct_conf_type.id          HELX_P 
_struct_conf_type.criteria    ? 
_struct_conf_type.reference   ? 
# 
loop_
_struct_conn.id 
_struct_conn.conn_type_id 
_struct_conn.pdbx_leaving_atom_flag 
_struct_conn.pdbx_PDB_id 
_struct_conn.ptnr1_label_asym_id 
_struct_conn.ptnr1_label_comp_id 
_struct_conn.ptnr1_label_seq_id 
_struct_conn.ptnr1_label_atom_id 
_struct_conn.pdbx_ptnr1_label_alt_id 
_struct_conn.pdbx_ptnr1_PDB_ins_code 
_struct_conn.pdbx_ptnr1_standard_comp_id 
_struct_conn.ptnr1_symmetry 
_struct_conn.ptnr2_label_asym_id 
_struct_conn.ptnr2_label_comp_id 
_struct_conn.ptnr2_label_seq_id 
_struct_conn.ptnr2_label_atom_id 
_struct_conn.pdbx_ptnr2_label_alt_id 
_struct_conn.pdbx_ptnr2_PDB_ins_code 
_struct_conn.ptnr1_auth_asym_id 
_struct_conn.ptnr1_auth_comp_id 
_struct_conn.ptnr1_auth_seq_id 
_struct_conn.ptnr2_auth_asym_id 
_struct_conn.ptnr2_auth_comp_id 
_struct_conn.ptnr2_auth_seq_id 
_struct_conn.ptnr2_symmetry 
_struct_conn.pdbx_ptnr3_label_atom_id 
_struct_conn.pdbx_ptnr3_label_seq_id 
_struct_conn.pdbx_ptnr3_label_comp_id 
_struct_conn.pdbx_ptnr3_label_asym_id 
_struct_conn.pdbx_ptnr3_label_alt_id 
_struct_conn.pdbx_ptnr3_PDB_ins_code 
_struct_conn.details 
_struct_conn.pdbx_dist_value 
_struct_conn.pdbx_value_order 
_struct_conn.pdbx_role 
metalc1  metalc ? ? A GLU 24 OE2 ? ? ? 4_456 C CA  .  CA  ? ? A GLU 24  A CA  101 1_555 ? ? ? ? ? ? ? 2.544 ? ? 
metalc2  metalc ? ? A GLU 24 OE1 ? ? ? 4_456 C CA  .  CA  ? ? A GLU 24  A CA  101 1_555 ? ? ? ? ? ? ? 2.558 ? ? 
metalc3  metalc ? ? A GLU 24 OE2 ? ? ? 4_456 D CA  .  CA  ? ? A GLU 24  A CA  102 1_555 ? ? ? ? ? ? ? 2.226 ? ? 
metalc4  metalc ? ? A GLU 28 OE1 ? ? ? 4_456 D CA  .  CA  ? ? A GLU 28  A CA  102 1_555 ? ? ? ? ? ? ? 2.321 ? ? 
metalc5  metalc ? ? A ASP 30 OD2 ? ? ? 1_555 E CA  .  CA  ? ? A ASP 30  A CA  103 1_555 ? ? ? ? ? ? ? 2.521 ? ? 
metalc6  metalc ? ? A ALA 54 O   ? ? ? 1_555 D CA  .  CA  ? ? A ALA 54  A CA  102 1_555 ? ? ? ? ? ? ? 2.412 ? ? 
metalc7  metalc ? ? A PHE 56 O   ? ? ? 1_555 C CA  .  CA  ? ? A PHE 56  A CA  101 1_555 ? ? ? ? ? ? ? 2.270 ? ? 
metalc8  metalc ? ? A ASP 58 OD1 ? ? ? 1_555 C CA  .  CA  ? ? A ASP 58  A CA  101 1_555 ? ? ? ? ? ? ? 2.094 ? ? 
metalc9  metalc ? ? A ASP 58 OD1 ? ? ? 1_555 D CA  .  CA  ? ? A ASP 58  A CA  102 1_555 ? ? ? ? ? ? ? 3.310 ? ? 
metalc10 metalc ? ? A ASP 58 OD2 ? ? ? 1_555 D CA  .  CA  ? ? A ASP 58  A CA  102 1_555 ? ? ? ? ? ? ? 2.256 ? ? 
metalc11 metalc ? ? C CA  .  CA  ? ? ? 1_555 H HOH .  O   ? ? A CA  101 A HOH 135 1_555 ? ? ? ? ? ? ? 2.323 ? ? 
metalc12 metalc ? ? C CA  .  CA  ? ? ? 1_555 H HOH .  O   ? ? A CA  101 A HOH 136 1_555 ? ? ? ? ? ? ? 2.481 ? ? 
metalc13 metalc ? ? C CA  .  CA  ? ? ? 1_555 H HOH .  O   ? ? A CA  101 A HOH 147 1_555 ? ? ? ? ? ? ? 2.040 ? ? 
metalc14 metalc ? ? D CA  .  CA  ? ? ? 1_555 B ASP 32 OD2 ? ? A CA  102 B ASP 32  3_455 ? ? ? ? ? ? ? 2.455 ? ? 
metalc15 metalc ? ? D CA  .  CA  ? ? ? 1_555 I HOH .  O   ? ? A CA  102 B HOH 113 3_455 ? ? ? ? ? ? ? 2.751 ? ? 
metalc16 metalc ? ? E CA  .  CA  ? ? ? 1_555 H HOH .  O   ? ? A CA  103 A HOH 108 1_555 ? ? ? ? ? ? ? 2.219 ? ? 
metalc17 metalc ? ? E CA  .  CA  ? ? ? 1_555 H HOH .  O   ? ? A CA  103 A HOH 123 1_555 ? ? ? ? ? ? ? 2.587 ? ? 
metalc18 metalc ? ? E CA  .  CA  ? ? ? 1_555 H HOH .  O   ? ? A CA  103 A HOH 137 1_555 ? ? ? ? ? ? ? 2.417 ? ? 
metalc19 metalc ? ? E CA  .  CA  ? ? ? 1_555 H HOH .  O   ? ? A CA  103 A HOH 138 1_555 ? ? ? ? ? ? ? 2.290 ? ? 
metalc20 metalc ? ? E CA  .  CA  ? ? ? 1_555 H HOH .  O   ? ? A CA  103 A HOH 139 1_555 ? ? ? ? ? ? ? 2.505 ? ? 
metalc21 metalc ? ? E CA  .  CA  ? ? ? 1_555 H HOH .  O   ? ? A CA  103 A HOH 148 1_555 ? ? ? ? ? ? ? 2.412 ? ? 
metalc22 metalc ? ? B HIS 42 NE2 ? ? ? 1_555 G CA  .  CA  ? ? B HIS 42  B CA  104 1_555 ? ? ? ? ? ? ? 2.069 ? ? 
metalc23 metalc ? ? B HIS 42 NE2 ? ? ? 2_557 G CA  .  CA  ? ? B HIS 42  B CA  104 1_555 ? ? ? ? ? ? ? 2.070 ? ? 
metalc24 metalc ? ? B ASP 46 OD1 ? ? ? 1_555 G CA  .  CA  ? ? B ASP 46  B CA  104 1_555 ? ? ? ? ? ? ? 2.195 ? ? 
metalc25 metalc ? ? B ASP 46 OD2 ? ? ? 1_555 G CA  .  CA  ? ? B ASP 46  B CA  104 1_555 ? ? ? ? ? ? ? 2.230 ? ? 
metalc26 metalc ? ? B ASP 46 OD1 ? ? ? 2_557 G CA  .  CA  ? ? B ASP 46  B CA  104 1_555 ? ? ? ? ? ? ? 2.159 ? ? 
metalc27 metalc ? ? B ASP 46 OD2 ? ? ? 2_557 G CA  .  CA  ? ? B ASP 46  B CA  104 1_555 ? ? ? ? ? ? ? 2.224 ? ? 
# 
_struct_conn_type.id          metalc 
_struct_conn_type.criteria    ? 
_struct_conn_type.reference   ? 
# 
loop_
_pdbx_struct_conn_angle.id 
_pdbx_struct_conn_angle.ptnr1_label_atom_id 
_pdbx_struct_conn_angle.ptnr1_label_alt_id 
_pdbx_struct_conn_angle.ptnr1_label_asym_id 
_pdbx_struct_conn_angle.ptnr1_label_comp_id 
_pdbx_struct_conn_angle.ptnr1_label_seq_id 
_pdbx_struct_conn_angle.ptnr1_auth_atom_id 
_pdbx_struct_conn_angle.ptnr1_auth_asym_id 
_pdbx_struct_conn_angle.ptnr1_auth_comp_id 
_pdbx_struct_conn_angle.ptnr1_auth_seq_id 
_pdbx_struct_conn_angle.ptnr1_PDB_ins_code 
_pdbx_struct_conn_angle.ptnr1_symmetry 
_pdbx_struct_conn_angle.ptnr2_label_atom_id 
_pdbx_struct_conn_angle.ptnr2_label_alt_id 
_pdbx_struct_conn_angle.ptnr2_label_asym_id 
_pdbx_struct_conn_angle.ptnr2_label_comp_id 
_pdbx_struct_conn_angle.ptnr2_label_seq_id 
_pdbx_struct_conn_angle.ptnr2_auth_atom_id 
_pdbx_struct_conn_angle.ptnr2_auth_asym_id 
_pdbx_struct_conn_angle.ptnr2_auth_comp_id 
_pdbx_struct_conn_angle.ptnr2_auth_seq_id 
_pdbx_struct_conn_angle.ptnr2_PDB_ins_code 
_pdbx_struct_conn_angle.ptnr2_symmetry 
_pdbx_struct_conn_angle.ptnr3_label_atom_id 
_pdbx_struct_conn_angle.ptnr3_label_alt_id 
_pdbx_struct_conn_angle.ptnr3_label_asym_id 
_pdbx_struct_conn_angle.ptnr3_label_comp_id 
_pdbx_struct_conn_angle.ptnr3_label_seq_id 
_pdbx_struct_conn_angle.ptnr3_auth_atom_id 
_pdbx_struct_conn_angle.ptnr3_auth_asym_id 
_pdbx_struct_conn_angle.ptnr3_auth_comp_id 
_pdbx_struct_conn_angle.ptnr3_auth_seq_id 
_pdbx_struct_conn_angle.ptnr3_PDB_ins_code 
_pdbx_struct_conn_angle.ptnr3_symmetry 
_pdbx_struct_conn_angle.value 
_pdbx_struct_conn_angle.value_esd 
1  OE2 ? A GLU 24 ? A GLU 24  ? 4_456 CA ? C CA . ? A CA 101 ? 1_555 OE1 ? A GLU 24 ? A GLU 24  ? 4_456 51.3  ? 
2  OE2 ? A GLU 24 ? A GLU 24  ? 4_456 CA ? C CA . ? A CA 101 ? 1_555 O   ? A PHE 56 ? A PHE 56  ? 1_555 100.4 ? 
3  OE1 ? A GLU 24 ? A GLU 24  ? 4_456 CA ? C CA . ? A CA 101 ? 1_555 O   ? A PHE 56 ? A PHE 56  ? 1_555 88.1  ? 
4  OE2 ? A GLU 24 ? A GLU 24  ? 4_456 CA ? C CA . ? A CA 101 ? 1_555 OD1 ? A ASP 58 ? A ASP 58  ? 1_555 78.1  ? 
5  OE1 ? A GLU 24 ? A GLU 24  ? 4_456 CA ? C CA . ? A CA 101 ? 1_555 OD1 ? A ASP 58 ? A ASP 58  ? 1_555 127.5 ? 
6  O   ? A PHE 56 ? A PHE 56  ? 1_555 CA ? C CA . ? A CA 101 ? 1_555 OD1 ? A ASP 58 ? A ASP 58  ? 1_555 88.3  ? 
7  OE2 ? A GLU 24 ? A GLU 24  ? 4_456 CA ? C CA . ? A CA 101 ? 1_555 O   ? H HOH .  ? A HOH 135 ? 1_555 75.8  ? 
8  OE1 ? A GLU 24 ? A GLU 24  ? 4_456 CA ? C CA . ? A CA 101 ? 1_555 O   ? H HOH .  ? A HOH 135 ? 1_555 90.5  ? 
9  O   ? A PHE 56 ? A PHE 56  ? 1_555 CA ? C CA . ? A CA 101 ? 1_555 O   ? H HOH .  ? A HOH 135 ? 1_555 175.9 ? 
10 OD1 ? A ASP 58 ? A ASP 58  ? 1_555 CA ? C CA . ? A CA 101 ? 1_555 O   ? H HOH .  ? A HOH 135 ? 1_555 89.5  ? 
11 OE2 ? A GLU 24 ? A GLU 24  ? 4_456 CA ? C CA . ? A CA 101 ? 1_555 O   ? H HOH .  ? A HOH 136 ? 1_555 151.0 ? 
12 OE1 ? A GLU 24 ? A GLU 24  ? 4_456 CA ? C CA . ? A CA 101 ? 1_555 O   ? H HOH .  ? A HOH 136 ? 1_555 149.5 ? 
13 O   ? A PHE 56 ? A PHE 56  ? 1_555 CA ? C CA . ? A CA 101 ? 1_555 O   ? H HOH .  ? A HOH 136 ? 1_555 100.3 ? 
14 OD1 ? A ASP 58 ? A ASP 58  ? 1_555 CA ? C CA . ? A CA 101 ? 1_555 O   ? H HOH .  ? A HOH 136 ? 1_555 82.3  ? 
15 O   ? H HOH .  ? A HOH 135 ? 1_555 CA ? C CA . ? A CA 101 ? 1_555 O   ? H HOH .  ? A HOH 136 ? 1_555 82.9  ? 
16 OE2 ? A GLU 24 ? A GLU 24  ? 4_456 CA ? C CA . ? A CA 101 ? 1_555 O   ? H HOH .  ? A HOH 147 ? 1_555 128.2 ? 
17 OE1 ? A GLU 24 ? A GLU 24  ? 4_456 CA ? C CA . ? A CA 101 ? 1_555 O   ? H HOH .  ? A HOH 147 ? 1_555 77.4  ? 
18 O   ? A PHE 56 ? A PHE 56  ? 1_555 CA ? C CA . ? A CA 101 ? 1_555 O   ? H HOH .  ? A HOH 147 ? 1_555 81.8  ? 
19 OD1 ? A ASP 58 ? A ASP 58  ? 1_555 CA ? C CA . ? A CA 101 ? 1_555 O   ? H HOH .  ? A HOH 147 ? 1_555 153.1 ? 
20 O   ? H HOH .  ? A HOH 135 ? 1_555 CA ? C CA . ? A CA 101 ? 1_555 O   ? H HOH .  ? A HOH 147 ? 1_555 101.7 ? 
21 O   ? H HOH .  ? A HOH 136 ? 1_555 CA ? C CA . ? A CA 101 ? 1_555 O   ? H HOH .  ? A HOH 147 ? 1_555 75.0  ? 
22 OE2 ? A GLU 24 ? A GLU 24  ? 4_456 CA ? D CA . ? A CA 102 ? 1_555 OE1 ? A GLU 28 ? A GLU 28  ? 4_456 88.3  ? 
23 OE2 ? A GLU 24 ? A GLU 24  ? 4_456 CA ? D CA . ? A CA 102 ? 1_555 O   ? A ALA 54 ? A ALA 54  ? 1_555 84.9  ? 
24 OE1 ? A GLU 28 ? A GLU 28  ? 4_456 CA ? D CA . ? A CA 102 ? 1_555 O   ? A ALA 54 ? A ALA 54  ? 1_555 91.4  ? 
25 OE2 ? A GLU 24 ? A GLU 24  ? 4_456 CA ? D CA . ? A CA 102 ? 1_555 OD1 ? A ASP 58 ? A ASP 58  ? 1_555 60.5  ? 
26 OE1 ? A GLU 28 ? A GLU 28  ? 4_456 CA ? D CA . ? A CA 102 ? 1_555 OD1 ? A ASP 58 ? A ASP 58  ? 1_555 135.5 ? 
27 O   ? A ALA 54 ? A ALA 54  ? 1_555 CA ? D CA . ? A CA 102 ? 1_555 OD1 ? A ASP 58 ? A ASP 58  ? 1_555 114.3 ? 
28 OE2 ? A GLU 24 ? A GLU 24  ? 4_456 CA ? D CA . ? A CA 102 ? 1_555 OD2 ? A ASP 58 ? A ASP 58  ? 1_555 97.5  ? 
29 OE1 ? A GLU 28 ? A GLU 28  ? 4_456 CA ? D CA . ? A CA 102 ? 1_555 OD2 ? A ASP 58 ? A ASP 58  ? 1_555 164.0 ? 
30 O   ? A ALA 54 ? A ALA 54  ? 1_555 CA ? D CA . ? A CA 102 ? 1_555 OD2 ? A ASP 58 ? A ASP 58  ? 1_555 103.9 ? 
31 OD1 ? A ASP 58 ? A ASP 58  ? 1_555 CA ? D CA . ? A CA 102 ? 1_555 OD2 ? A ASP 58 ? A ASP 58  ? 1_555 40.9  ? 
32 OE2 ? A GLU 24 ? A GLU 24  ? 4_456 CA ? D CA . ? A CA 102 ? 1_555 OD2 ? B ASP 32 ? B ASP 32  ? 3_455 116.2 ? 
33 OE1 ? A GLU 28 ? A GLU 28  ? 4_456 CA ? D CA . ? A CA 102 ? 1_555 OD2 ? B ASP 32 ? B ASP 32  ? 3_455 87.4  ? 
34 O   ? A ALA 54 ? A ALA 54  ? 1_555 CA ? D CA . ? A CA 102 ? 1_555 OD2 ? B ASP 32 ? B ASP 32  ? 3_455 158.8 ? 
35 OD1 ? A ASP 58 ? A ASP 58  ? 1_555 CA ? D CA . ? A CA 102 ? 1_555 OD2 ? B ASP 32 ? B ASP 32  ? 3_455 80.3  ? 
36 OD2 ? A ASP 58 ? A ASP 58  ? 1_555 CA ? D CA . ? A CA 102 ? 1_555 OD2 ? B ASP 32 ? B ASP 32  ? 3_455 76.6  ? 
37 OE2 ? A GLU 24 ? A GLU 24  ? 4_456 CA ? D CA . ? A CA 102 ? 1_555 O   ? I HOH .  ? B HOH 113 ? 3_455 162.0 ? 
38 OE1 ? A GLU 28 ? A GLU 28  ? 4_456 CA ? D CA . ? A CA 102 ? 1_555 O   ? I HOH .  ? B HOH 113 ? 3_455 88.3  ? 
39 O   ? A ALA 54 ? A ALA 54  ? 1_555 CA ? D CA . ? A CA 102 ? 1_555 O   ? I HOH .  ? B HOH 113 ? 3_455 77.5  ? 
40 OD1 ? A ASP 58 ? A ASP 58  ? 1_555 CA ? D CA . ? A CA 102 ? 1_555 O   ? I HOH .  ? B HOH 113 ? 3_455 130.8 ? 
41 OD2 ? A ASP 58 ? A ASP 58  ? 1_555 CA ? D CA . ? A CA 102 ? 1_555 O   ? I HOH .  ? B HOH 113 ? 3_455 90.5  ? 
42 OD2 ? B ASP 32 ? B ASP 32  ? 3_455 CA ? D CA . ? A CA 102 ? 1_555 O   ? I HOH .  ? B HOH 113 ? 3_455 81.3  ? 
43 OD2 ? A ASP 30 ? A ASP 30  ? 1_555 CA ? E CA . ? A CA 103 ? 1_555 O   ? H HOH .  ? A HOH 108 ? 1_555 92.6  ? 
44 OD2 ? A ASP 30 ? A ASP 30  ? 1_555 CA ? E CA . ? A CA 103 ? 1_555 O   ? H HOH .  ? A HOH 123 ? 1_555 80.9  ? 
45 O   ? H HOH .  ? A HOH 108 ? 1_555 CA ? E CA . ? A CA 103 ? 1_555 O   ? H HOH .  ? A HOH 123 ? 1_555 139.9 ? 
46 OD2 ? A ASP 30 ? A ASP 30  ? 1_555 CA ? E CA . ? A CA 103 ? 1_555 O   ? H HOH .  ? A HOH 137 ? 1_555 93.0  ? 
47 O   ? H HOH .  ? A HOH 108 ? 1_555 CA ? E CA . ? A CA 103 ? 1_555 O   ? H HOH .  ? A HOH 137 ? 1_555 75.3  ? 
48 O   ? H HOH .  ? A HOH 123 ? 1_555 CA ? E CA . ? A CA 103 ? 1_555 O   ? H HOH .  ? A HOH 137 ? 1_555 65.8  ? 
49 OD2 ? A ASP 30 ? A ASP 30  ? 1_555 CA ? E CA . ? A CA 103 ? 1_555 O   ? H HOH .  ? A HOH 138 ? 1_555 169.4 ? 
50 O   ? H HOH .  ? A HOH 108 ? 1_555 CA ? E CA . ? A CA 103 ? 1_555 O   ? H HOH .  ? A HOH 138 ? 1_555 90.4  ? 
51 O   ? H HOH .  ? A HOH 123 ? 1_555 CA ? E CA . ? A CA 103 ? 1_555 O   ? H HOH .  ? A HOH 138 ? 1_555 103.1 ? 
52 O   ? H HOH .  ? A HOH 137 ? 1_555 CA ? E CA . ? A CA 103 ? 1_555 O   ? H HOH .  ? A HOH 138 ? 1_555 97.6  ? 
53 OD2 ? A ASP 30 ? A ASP 30  ? 1_555 CA ? E CA . ? A CA 103 ? 1_555 O   ? H HOH .  ? A HOH 139 ? 1_555 87.0  ? 
54 O   ? H HOH .  ? A HOH 108 ? 1_555 CA ? E CA . ? A CA 103 ? 1_555 O   ? H HOH .  ? A HOH 139 ? 1_555 78.1  ? 
55 O   ? H HOH .  ? A HOH 123 ? 1_555 CA ? E CA . ? A CA 103 ? 1_555 O   ? H HOH .  ? A HOH 139 ? 1_555 140.1 ? 
56 O   ? H HOH .  ? A HOH 137 ? 1_555 CA ? E CA . ? A CA 103 ? 1_555 O   ? H HOH .  ? A HOH 139 ? 1_555 153.3 ? 
57 O   ? H HOH .  ? A HOH 138 ? 1_555 CA ? E CA . ? A CA 103 ? 1_555 O   ? H HOH .  ? A HOH 139 ? 1_555 83.7  ? 
58 OD2 ? A ASP 30 ? A ASP 30  ? 1_555 CA ? E CA . ? A CA 103 ? 1_555 O   ? H HOH .  ? A HOH 148 ? 1_555 91.2  ? 
59 O   ? H HOH .  ? A HOH 108 ? 1_555 CA ? E CA . ? A CA 103 ? 1_555 O   ? H HOH .  ? A HOH 148 ? 1_555 139.7 ? 
60 O   ? H HOH .  ? A HOH 123 ? 1_555 CA ? E CA . ? A CA 103 ? 1_555 O   ? H HOH .  ? A HOH 148 ? 1_555 80.2  ? 
61 O   ? H HOH .  ? A HOH 137 ? 1_555 CA ? E CA . ? A CA 103 ? 1_555 O   ? H HOH .  ? A HOH 148 ? 1_555 144.5 ? 
62 O   ? H HOH .  ? A HOH 138 ? 1_555 CA ? E CA . ? A CA 103 ? 1_555 O   ? H HOH .  ? A HOH 148 ? 1_555 80.0  ? 
63 O   ? H HOH .  ? A HOH 139 ? 1_555 CA ? E CA . ? A CA 103 ? 1_555 O   ? H HOH .  ? A HOH 148 ? 1_555 62.0  ? 
64 NE2 ? B HIS 42 ? B HIS 42  ? 1_555 CA ? G CA . ? B CA 104 ? 1_555 NE2 ? B HIS 42 ? B HIS 42  ? 2_557 99.7  ? 
65 NE2 ? B HIS 42 ? B HIS 42  ? 1_555 CA ? G CA . ? B CA 104 ? 1_555 OD1 ? B ASP 46 ? B ASP 46  ? 1_555 100.0 ? 
66 NE2 ? B HIS 42 ? B HIS 42  ? 2_557 CA ? G CA . ? B CA 104 ? 1_555 OD1 ? B ASP 46 ? B ASP 46  ? 1_555 107.6 ? 
67 NE2 ? B HIS 42 ? B HIS 42  ? 1_555 CA ? G CA . ? B CA 104 ? 1_555 OD2 ? B ASP 46 ? B ASP 46  ? 1_555 88.7  ? 
68 NE2 ? B HIS 42 ? B HIS 42  ? 2_557 CA ? G CA . ? B CA 104 ? 1_555 OD2 ? B ASP 46 ? B ASP 46  ? 1_555 166.1 ? 
69 OD1 ? B ASP 46 ? B ASP 46  ? 1_555 CA ? G CA . ? B CA 104 ? 1_555 OD2 ? B ASP 46 ? B ASP 46  ? 1_555 59.7  ? 
70 NE2 ? B HIS 42 ? B HIS 42  ? 1_555 CA ? G CA . ? B CA 104 ? 1_555 OD1 ? B ASP 46 ? B ASP 46  ? 2_557 109.0 ? 
71 NE2 ? B HIS 42 ? B HIS 42  ? 2_557 CA ? G CA . ? B CA 104 ? 1_555 OD1 ? B ASP 46 ? B ASP 46  ? 2_557 101.1 ? 
72 OD1 ? B ASP 46 ? B ASP 46  ? 1_555 CA ? G CA . ? B CA 104 ? 1_555 OD1 ? B ASP 46 ? B ASP 46  ? 2_557 134.6 ? 
73 OD2 ? B ASP 46 ? B ASP 46  ? 1_555 CA ? G CA . ? B CA 104 ? 1_555 OD1 ? B ASP 46 ? B ASP 46  ? 2_557 86.3  ? 
74 NE2 ? B HIS 42 ? B HIS 42  ? 1_555 CA ? G CA . ? B CA 104 ? 1_555 OD2 ? B ASP 46 ? B ASP 46  ? 2_557 167.7 ? 
75 NE2 ? B HIS 42 ? B HIS 42  ? 2_557 CA ? G CA . ? B CA 104 ? 1_555 OD2 ? B ASP 46 ? B ASP 46  ? 2_557 88.8  ? 
76 OD1 ? B ASP 46 ? B ASP 46  ? 1_555 CA ? G CA . ? B CA 104 ? 1_555 OD2 ? B ASP 46 ? B ASP 46  ? 2_557 85.6  ? 
77 OD2 ? B ASP 46 ? B ASP 46  ? 1_555 CA ? G CA . ? B CA 104 ? 1_555 OD2 ? B ASP 46 ? B ASP 46  ? 2_557 84.8  ? 
78 OD1 ? B ASP 46 ? B ASP 46  ? 2_557 CA ? G CA . ? B CA 104 ? 1_555 OD2 ? B ASP 46 ? B ASP 46  ? 2_557 60.3  ? 
# 
loop_
_struct_site.id 
_struct_site.pdbx_evidence_code 
_struct_site.pdbx_auth_asym_id 
_struct_site.pdbx_auth_comp_id 
_struct_site.pdbx_auth_seq_id 
_struct_site.pdbx_auth_ins_code 
_struct_site.pdbx_num_residues 
_struct_site.details 
AC1 Software A CA  101 ? 6 'BINDING SITE FOR RESIDUE CA A 101'  
AC2 Software A CA  102 ? 6 'BINDING SITE FOR RESIDUE CA A 102'  
AC3 Software A CA  103 ? 7 'BINDING SITE FOR RESIDUE CA A 103'  
AC4 Software B CA  104 ? 4 'BINDING SITE FOR RESIDUE CA B 104'  
AC5 Software A MPD 104 ? 5 'BINDING SITE FOR RESIDUE MPD A 104' 
# 
loop_
_struct_site_gen.id 
_struct_site_gen.site_id 
_struct_site_gen.pdbx_num_res 
_struct_site_gen.label_comp_id 
_struct_site_gen.label_asym_id 
_struct_site_gen.label_seq_id 
_struct_site_gen.pdbx_auth_ins_code 
_struct_site_gen.auth_comp_id 
_struct_site_gen.auth_asym_id 
_struct_site_gen.auth_seq_id 
_struct_site_gen.label_atom_id 
_struct_site_gen.label_alt_id 
_struct_site_gen.symmetry 
_struct_site_gen.details 
1  AC1 6 GLU A 24 ? GLU A 24  . ? 4_456 ? 
2  AC1 6 PHE A 56 ? PHE A 56  . ? 1_555 ? 
3  AC1 6 ASP A 58 ? ASP A 58  . ? 1_555 ? 
4  AC1 6 HOH H .  ? HOH A 135 . ? 1_555 ? 
5  AC1 6 HOH H .  ? HOH A 136 . ? 1_555 ? 
6  AC1 6 HOH H .  ? HOH A 147 . ? 1_555 ? 
7  AC2 6 GLU A 24 ? GLU A 24  . ? 4_456 ? 
8  AC2 6 GLU A 28 ? GLU A 28  . ? 4_456 ? 
9  AC2 6 ALA A 54 ? ALA A 54  . ? 1_555 ? 
10 AC2 6 ASP A 58 ? ASP A 58  . ? 1_555 ? 
11 AC2 6 ASP B 32 ? ASP B 32  . ? 3_455 ? 
12 AC2 6 HOH I .  ? HOH B 113 . ? 3_455 ? 
13 AC3 7 ASP A 30 ? ASP A 30  . ? 1_555 ? 
14 AC3 7 HOH H .  ? HOH A 108 . ? 1_555 ? 
15 AC3 7 HOH H .  ? HOH A 123 . ? 1_555 ? 
16 AC3 7 HOH H .  ? HOH A 137 . ? 1_555 ? 
17 AC3 7 HOH H .  ? HOH A 138 . ? 1_555 ? 
18 AC3 7 HOH H .  ? HOH A 139 . ? 1_555 ? 
19 AC3 7 HOH H .  ? HOH A 148 . ? 1_555 ? 
20 AC4 4 HIS B 42 ? HIS B 42  . ? 1_555 ? 
21 AC4 4 HIS B 42 ? HIS B 42  . ? 2_557 ? 
22 AC4 4 ASP B 46 ? ASP B 46  . ? 2_557 ? 
23 AC4 4 ASP B 46 ? ASP B 46  . ? 1_555 ? 
24 AC5 5 ASN A 10 ? ASN A 10  . ? 1_555 ? 
25 AC5 5 ARG A 13 ? ARG A 13  . ? 1_555 ? 
26 AC5 5 LEU A 23 ? LEU A 23  . ? 4_456 ? 
27 AC5 5 HIS A 42 ? HIS A 42  . ? 4_456 ? 
28 AC5 5 TYR A 49 ? TYR A 49  . ? 1_555 ? 
# 
_pdbx_validate_chiral.id              1 
_pdbx_validate_chiral.PDB_model_num   1 
_pdbx_validate_chiral.auth_atom_id    C4 
_pdbx_validate_chiral.label_alt_id    ? 
_pdbx_validate_chiral.auth_asym_id    A 
_pdbx_validate_chiral.auth_comp_id    MPD 
_pdbx_validate_chiral.auth_seq_id     104 
_pdbx_validate_chiral.PDB_ins_code    ? 
_pdbx_validate_chiral.details         'WRONG HAND' 
_pdbx_validate_chiral.omega           . 
# 
loop_
_pdbx_struct_special_symmetry.id 
_pdbx_struct_special_symmetry.PDB_model_num 
_pdbx_struct_special_symmetry.auth_asym_id 
_pdbx_struct_special_symmetry.auth_comp_id 
_pdbx_struct_special_symmetry.auth_seq_id 
_pdbx_struct_special_symmetry.PDB_ins_code 
_pdbx_struct_special_symmetry.label_asym_id 
_pdbx_struct_special_symmetry.label_comp_id 
_pdbx_struct_special_symmetry.label_seq_id 
1 1 B CA  104 ? G CA  . 
2 1 B HOH 188 ? I HOH . 
# 
loop_
_pdbx_unobs_or_zero_occ_residues.id 
_pdbx_unobs_or_zero_occ_residues.PDB_model_num 
_pdbx_unobs_or_zero_occ_residues.polymer_flag 
_pdbx_unobs_or_zero_occ_residues.occupancy_flag 
_pdbx_unobs_or_zero_occ_residues.auth_asym_id 
_pdbx_unobs_or_zero_occ_residues.auth_comp_id 
_pdbx_unobs_or_zero_occ_residues.auth_seq_id 
_pdbx_unobs_or_zero_occ_residues.PDB_ins_code 
_pdbx_unobs_or_zero_occ_residues.label_asym_id 
_pdbx_unobs_or_zero_occ_residues.label_comp_id 
_pdbx_unobs_or_zero_occ_residues.label_seq_id 
1  1 Y 1 A GLU 61 ? A GLU 61 
2  1 Y 1 A ASN 62 ? A ASN 62 
3  1 Y 1 A LEU 63 ? A LEU 63 
4  1 Y 1 B GLY 1  ? B GLY 1  
5  1 Y 1 B THR 2  ? B THR 2  
6  1 Y 1 B LYS 3  ? B LYS 3  
7  1 Y 1 B GLN 4  ? B GLN 4  
8  1 Y 1 B PHE 56 ? B PHE 56 
9  1 Y 1 B GLY 57 ? B GLY 57 
10 1 Y 1 B ASP 58 ? B ASP 58 
11 1 Y 1 B ASP 59 ? B ASP 59 
12 1 Y 1 B GLY 60 ? B GLY 60 
13 1 Y 1 B GLU 61 ? B GLU 61 
14 1 Y 1 B ASN 62 ? B ASN 62 
15 1 Y 1 B LEU 63 ? B LEU 63 
# 
loop_
_chem_comp_atom.comp_id 
_chem_comp_atom.atom_id 
_chem_comp_atom.type_symbol 
_chem_comp_atom.pdbx_aromatic_flag 
_chem_comp_atom.pdbx_stereo_config 
_chem_comp_atom.pdbx_ordinal 
ALA N    N  N N 1   
ALA CA   C  N S 2   
ALA C    C  N N 3   
ALA O    O  N N 4   
ALA CB   C  N N 5   
ALA OXT  O  N N 6   
ALA H    H  N N 7   
ALA H2   H  N N 8   
ALA HA   H  N N 9   
ALA HB1  H  N N 10  
ALA HB2  H  N N 11  
ALA HB3  H  N N 12  
ALA HXT  H  N N 13  
ARG N    N  N N 14  
ARG CA   C  N S 15  
ARG C    C  N N 16  
ARG O    O  N N 17  
ARG CB   C  N N 18  
ARG CG   C  N N 19  
ARG CD   C  N N 20  
ARG NE   N  N N 21  
ARG CZ   C  N N 22  
ARG NH1  N  N N 23  
ARG NH2  N  N N 24  
ARG OXT  O  N N 25  
ARG H    H  N N 26  
ARG H2   H  N N 27  
ARG HA   H  N N 28  
ARG HB2  H  N N 29  
ARG HB3  H  N N 30  
ARG HG2  H  N N 31  
ARG HG3  H  N N 32  
ARG HD2  H  N N 33  
ARG HD3  H  N N 34  
ARG HE   H  N N 35  
ARG HH11 H  N N 36  
ARG HH12 H  N N 37  
ARG HH21 H  N N 38  
ARG HH22 H  N N 39  
ARG HXT  H  N N 40  
ASN N    N  N N 41  
ASN CA   C  N S 42  
ASN C    C  N N 43  
ASN O    O  N N 44  
ASN CB   C  N N 45  
ASN CG   C  N N 46  
ASN OD1  O  N N 47  
ASN ND2  N  N N 48  
ASN OXT  O  N N 49  
ASN H    H  N N 50  
ASN H2   H  N N 51  
ASN HA   H  N N 52  
ASN HB2  H  N N 53  
ASN HB3  H  N N 54  
ASN HD21 H  N N 55  
ASN HD22 H  N N 56  
ASN HXT  H  N N 57  
ASP N    N  N N 58  
ASP CA   C  N S 59  
ASP C    C  N N 60  
ASP O    O  N N 61  
ASP CB   C  N N 62  
ASP CG   C  N N 63  
ASP OD1  O  N N 64  
ASP OD2  O  N N 65  
ASP OXT  O  N N 66  
ASP H    H  N N 67  
ASP H2   H  N N 68  
ASP HA   H  N N 69  
ASP HB2  H  N N 70  
ASP HB3  H  N N 71  
ASP HD2  H  N N 72  
ASP HXT  H  N N 73  
CA  CA   CA N N 74  
CYS N    N  N N 75  
CYS CA   C  N R 76  
CYS C    C  N N 77  
CYS O    O  N N 78  
CYS CB   C  N N 79  
CYS SG   S  N N 80  
CYS OXT  O  N N 81  
CYS H    H  N N 82  
CYS H2   H  N N 83  
CYS HA   H  N N 84  
CYS HB2  H  N N 85  
CYS HB3  H  N N 86  
CYS HG   H  N N 87  
CYS HXT  H  N N 88  
GLN N    N  N N 89  
GLN CA   C  N S 90  
GLN C    C  N N 91  
GLN O    O  N N 92  
GLN CB   C  N N 93  
GLN CG   C  N N 94  
GLN CD   C  N N 95  
GLN OE1  O  N N 96  
GLN NE2  N  N N 97  
GLN OXT  O  N N 98  
GLN H    H  N N 99  
GLN H2   H  N N 100 
GLN HA   H  N N 101 
GLN HB2  H  N N 102 
GLN HB3  H  N N 103 
GLN HG2  H  N N 104 
GLN HG3  H  N N 105 
GLN HE21 H  N N 106 
GLN HE22 H  N N 107 
GLN HXT  H  N N 108 
GLU N    N  N N 109 
GLU CA   C  N S 110 
GLU C    C  N N 111 
GLU O    O  N N 112 
GLU CB   C  N N 113 
GLU CG   C  N N 114 
GLU CD   C  N N 115 
GLU OE1  O  N N 116 
GLU OE2  O  N N 117 
GLU OXT  O  N N 118 
GLU H    H  N N 119 
GLU H2   H  N N 120 
GLU HA   H  N N 121 
GLU HB2  H  N N 122 
GLU HB3  H  N N 123 
GLU HG2  H  N N 124 
GLU HG3  H  N N 125 
GLU HE2  H  N N 126 
GLU HXT  H  N N 127 
GLY N    N  N N 128 
GLY CA   C  N N 129 
GLY C    C  N N 130 
GLY O    O  N N 131 
GLY OXT  O  N N 132 
GLY H    H  N N 133 
GLY H2   H  N N 134 
GLY HA2  H  N N 135 
GLY HA3  H  N N 136 
GLY HXT  H  N N 137 
HIS N    N  N N 138 
HIS CA   C  N S 139 
HIS C    C  N N 140 
HIS O    O  N N 141 
HIS CB   C  N N 142 
HIS CG   C  Y N 143 
HIS ND1  N  Y N 144 
HIS CD2  C  Y N 145 
HIS CE1  C  Y N 146 
HIS NE2  N  Y N 147 
HIS OXT  O  N N 148 
HIS H    H  N N 149 
HIS H2   H  N N 150 
HIS HA   H  N N 151 
HIS HB2  H  N N 152 
HIS HB3  H  N N 153 
HIS HD1  H  N N 154 
HIS HD2  H  N N 155 
HIS HE1  H  N N 156 
HIS HE2  H  N N 157 
HIS HXT  H  N N 158 
HOH O    O  N N 159 
HOH H1   H  N N 160 
HOH H2   H  N N 161 
ILE N    N  N N 162 
ILE CA   C  N S 163 
ILE C    C  N N 164 
ILE O    O  N N 165 
ILE CB   C  N S 166 
ILE CG1  C  N N 167 
ILE CG2  C  N N 168 
ILE CD1  C  N N 169 
ILE OXT  O  N N 170 
ILE H    H  N N 171 
ILE H2   H  N N 172 
ILE HA   H  N N 173 
ILE HB   H  N N 174 
ILE HG12 H  N N 175 
ILE HG13 H  N N 176 
ILE HG21 H  N N 177 
ILE HG22 H  N N 178 
ILE HG23 H  N N 179 
ILE HD11 H  N N 180 
ILE HD12 H  N N 181 
ILE HD13 H  N N 182 
ILE HXT  H  N N 183 
LEU N    N  N N 184 
LEU CA   C  N S 185 
LEU C    C  N N 186 
LEU O    O  N N 187 
LEU CB   C  N N 188 
LEU CG   C  N N 189 
LEU CD1  C  N N 190 
LEU CD2  C  N N 191 
LEU OXT  O  N N 192 
LEU H    H  N N 193 
LEU H2   H  N N 194 
LEU HA   H  N N 195 
LEU HB2  H  N N 196 
LEU HB3  H  N N 197 
LEU HG   H  N N 198 
LEU HD11 H  N N 199 
LEU HD12 H  N N 200 
LEU HD13 H  N N 201 
LEU HD21 H  N N 202 
LEU HD22 H  N N 203 
LEU HD23 H  N N 204 
LEU HXT  H  N N 205 
LYS N    N  N N 206 
LYS CA   C  N S 207 
LYS C    C  N N 208 
LYS O    O  N N 209 
LYS CB   C  N N 210 
LYS CG   C  N N 211 
LYS CD   C  N N 212 
LYS CE   C  N N 213 
LYS NZ   N  N N 214 
LYS OXT  O  N N 215 
LYS H    H  N N 216 
LYS H2   H  N N 217 
LYS HA   H  N N 218 
LYS HB2  H  N N 219 
LYS HB3  H  N N 220 
LYS HG2  H  N N 221 
LYS HG3  H  N N 222 
LYS HD2  H  N N 223 
LYS HD3  H  N N 224 
LYS HE2  H  N N 225 
LYS HE3  H  N N 226 
LYS HZ1  H  N N 227 
LYS HZ2  H  N N 228 
LYS HZ3  H  N N 229 
LYS HXT  H  N N 230 
MET N    N  N N 231 
MET CA   C  N S 232 
MET C    C  N N 233 
MET O    O  N N 234 
MET CB   C  N N 235 
MET CG   C  N N 236 
MET SD   S  N N 237 
MET CE   C  N N 238 
MET OXT  O  N N 239 
MET H    H  N N 240 
MET H2   H  N N 241 
MET HA   H  N N 242 
MET HB2  H  N N 243 
MET HB3  H  N N 244 
MET HG2  H  N N 245 
MET HG3  H  N N 246 
MET HE1  H  N N 247 
MET HE2  H  N N 248 
MET HE3  H  N N 249 
MET HXT  H  N N 250 
MPD C1   C  N N 251 
MPD C2   C  N N 252 
MPD O2   O  N N 253 
MPD CM   C  N N 254 
MPD C3   C  N N 255 
MPD C4   C  N S 256 
MPD O4   O  N N 257 
MPD C5   C  N N 258 
MPD H11  H  N N 259 
MPD H12  H  N N 260 
MPD H13  H  N N 261 
MPD HO2  H  N N 262 
MPD HM1  H  N N 263 
MPD HM2  H  N N 264 
MPD HM3  H  N N 265 
MPD H31  H  N N 266 
MPD H32  H  N N 267 
MPD H4   H  N N 268 
MPD HO4  H  N N 269 
MPD H51  H  N N 270 
MPD H52  H  N N 271 
MPD H53  H  N N 272 
PHE N    N  N N 273 
PHE CA   C  N S 274 
PHE C    C  N N 275 
PHE O    O  N N 276 
PHE CB   C  N N 277 
PHE CG   C  Y N 278 
PHE CD1  C  Y N 279 
PHE CD2  C  Y N 280 
PHE CE1  C  Y N 281 
PHE CE2  C  Y N 282 
PHE CZ   C  Y N 283 
PHE OXT  O  N N 284 
PHE H    H  N N 285 
PHE H2   H  N N 286 
PHE HA   H  N N 287 
PHE HB2  H  N N 288 
PHE HB3  H  N N 289 
PHE HD1  H  N N 290 
PHE HD2  H  N N 291 
PHE HE1  H  N N 292 
PHE HE2  H  N N 293 
PHE HZ   H  N N 294 
PHE HXT  H  N N 295 
SER N    N  N N 296 
SER CA   C  N S 297 
SER C    C  N N 298 
SER O    O  N N 299 
SER CB   C  N N 300 
SER OG   O  N N 301 
SER OXT  O  N N 302 
SER H    H  N N 303 
SER H2   H  N N 304 
SER HA   H  N N 305 
SER HB2  H  N N 306 
SER HB3  H  N N 307 
SER HG   H  N N 308 
SER HXT  H  N N 309 
THR N    N  N N 310 
THR CA   C  N S 311 
THR C    C  N N 312 
THR O    O  N N 313 
THR CB   C  N R 314 
THR OG1  O  N N 315 
THR CG2  C  N N 316 
THR OXT  O  N N 317 
THR H    H  N N 318 
THR H2   H  N N 319 
THR HA   H  N N 320 
THR HB   H  N N 321 
THR HG1  H  N N 322 
THR HG21 H  N N 323 
THR HG22 H  N N 324 
THR HG23 H  N N 325 
THR HXT  H  N N 326 
TYR N    N  N N 327 
TYR CA   C  N S 328 
TYR C    C  N N 329 
TYR O    O  N N 330 
TYR CB   C  N N 331 
TYR CG   C  Y N 332 
TYR CD1  C  Y N 333 
TYR CD2  C  Y N 334 
TYR CE1  C  Y N 335 
TYR CE2  C  Y N 336 
TYR CZ   C  Y N 337 
TYR OH   O  N N 338 
TYR OXT  O  N N 339 
TYR H    H  N N 340 
TYR H2   H  N N 341 
TYR HA   H  N N 342 
TYR HB2  H  N N 343 
TYR HB3  H  N N 344 
TYR HD1  H  N N 345 
TYR HD2  H  N N 346 
TYR HE1  H  N N 347 
TYR HE2  H  N N 348 
TYR HH   H  N N 349 
TYR HXT  H  N N 350 
# 
loop_
_chem_comp_bond.comp_id 
_chem_comp_bond.atom_id_1 
_chem_comp_bond.atom_id_2 
_chem_comp_bond.value_order 
_chem_comp_bond.pdbx_aromatic_flag 
_chem_comp_bond.pdbx_stereo_config 
_chem_comp_bond.pdbx_ordinal 
ALA N   CA   sing N N 1   
ALA N   H    sing N N 2   
ALA N   H2   sing N N 3   
ALA CA  C    sing N N 4   
ALA CA  CB   sing N N 5   
ALA CA  HA   sing N N 6   
ALA C   O    doub N N 7   
ALA C   OXT  sing N N 8   
ALA CB  HB1  sing N N 9   
ALA CB  HB2  sing N N 10  
ALA CB  HB3  sing N N 11  
ALA OXT HXT  sing N N 12  
ARG N   CA   sing N N 13  
ARG N   H    sing N N 14  
ARG N   H2   sing N N 15  
ARG CA  C    sing N N 16  
ARG CA  CB   sing N N 17  
ARG CA  HA   sing N N 18  
ARG C   O    doub N N 19  
ARG C   OXT  sing N N 20  
ARG CB  CG   sing N N 21  
ARG CB  HB2  sing N N 22  
ARG CB  HB3  sing N N 23  
ARG CG  CD   sing N N 24  
ARG CG  HG2  sing N N 25  
ARG CG  HG3  sing N N 26  
ARG CD  NE   sing N N 27  
ARG CD  HD2  sing N N 28  
ARG CD  HD3  sing N N 29  
ARG NE  CZ   sing N N 30  
ARG NE  HE   sing N N 31  
ARG CZ  NH1  sing N N 32  
ARG CZ  NH2  doub N N 33  
ARG NH1 HH11 sing N N 34  
ARG NH1 HH12 sing N N 35  
ARG NH2 HH21 sing N N 36  
ARG NH2 HH22 sing N N 37  
ARG OXT HXT  sing N N 38  
ASN N   CA   sing N N 39  
ASN N   H    sing N N 40  
ASN N   H2   sing N N 41  
ASN CA  C    sing N N 42  
ASN CA  CB   sing N N 43  
ASN CA  HA   sing N N 44  
ASN C   O    doub N N 45  
ASN C   OXT  sing N N 46  
ASN CB  CG   sing N N 47  
ASN CB  HB2  sing N N 48  
ASN CB  HB3  sing N N 49  
ASN CG  OD1  doub N N 50  
ASN CG  ND2  sing N N 51  
ASN ND2 HD21 sing N N 52  
ASN ND2 HD22 sing N N 53  
ASN OXT HXT  sing N N 54  
ASP N   CA   sing N N 55  
ASP N   H    sing N N 56  
ASP N   H2   sing N N 57  
ASP CA  C    sing N N 58  
ASP CA  CB   sing N N 59  
ASP CA  HA   sing N N 60  
ASP C   O    doub N N 61  
ASP C   OXT  sing N N 62  
ASP CB  CG   sing N N 63  
ASP CB  HB2  sing N N 64  
ASP CB  HB3  sing N N 65  
ASP CG  OD1  doub N N 66  
ASP CG  OD2  sing N N 67  
ASP OD2 HD2  sing N N 68  
ASP OXT HXT  sing N N 69  
CYS N   CA   sing N N 70  
CYS N   H    sing N N 71  
CYS N   H2   sing N N 72  
CYS CA  C    sing N N 73  
CYS CA  CB   sing N N 74  
CYS CA  HA   sing N N 75  
CYS C   O    doub N N 76  
CYS C   OXT  sing N N 77  
CYS CB  SG   sing N N 78  
CYS CB  HB2  sing N N 79  
CYS CB  HB3  sing N N 80  
CYS SG  HG   sing N N 81  
CYS OXT HXT  sing N N 82  
GLN N   CA   sing N N 83  
GLN N   H    sing N N 84  
GLN N   H2   sing N N 85  
GLN CA  C    sing N N 86  
GLN CA  CB   sing N N 87  
GLN CA  HA   sing N N 88  
GLN C   O    doub N N 89  
GLN C   OXT  sing N N 90  
GLN CB  CG   sing N N 91  
GLN CB  HB2  sing N N 92  
GLN CB  HB3  sing N N 93  
GLN CG  CD   sing N N 94  
GLN CG  HG2  sing N N 95  
GLN CG  HG3  sing N N 96  
GLN CD  OE1  doub N N 97  
GLN CD  NE2  sing N N 98  
GLN NE2 HE21 sing N N 99  
GLN NE2 HE22 sing N N 100 
GLN OXT HXT  sing N N 101 
GLU N   CA   sing N N 102 
GLU N   H    sing N N 103 
GLU N   H2   sing N N 104 
GLU CA  C    sing N N 105 
GLU CA  CB   sing N N 106 
GLU CA  HA   sing N N 107 
GLU C   O    doub N N 108 
GLU C   OXT  sing N N 109 
GLU CB  CG   sing N N 110 
GLU CB  HB2  sing N N 111 
GLU CB  HB3  sing N N 112 
GLU CG  CD   sing N N 113 
GLU CG  HG2  sing N N 114 
GLU CG  HG3  sing N N 115 
GLU CD  OE1  doub N N 116 
GLU CD  OE2  sing N N 117 
GLU OE2 HE2  sing N N 118 
GLU OXT HXT  sing N N 119 
GLY N   CA   sing N N 120 
GLY N   H    sing N N 121 
GLY N   H2   sing N N 122 
GLY CA  C    sing N N 123 
GLY CA  HA2  sing N N 124 
GLY CA  HA3  sing N N 125 
GLY C   O    doub N N 126 
GLY C   OXT  sing N N 127 
GLY OXT HXT  sing N N 128 
HIS N   CA   sing N N 129 
HIS N   H    sing N N 130 
HIS N   H2   sing N N 131 
HIS CA  C    sing N N 132 
HIS CA  CB   sing N N 133 
HIS CA  HA   sing N N 134 
HIS C   O    doub N N 135 
HIS C   OXT  sing N N 136 
HIS CB  CG   sing N N 137 
HIS CB  HB2  sing N N 138 
HIS CB  HB3  sing N N 139 
HIS CG  ND1  sing Y N 140 
HIS CG  CD2  doub Y N 141 
HIS ND1 CE1  doub Y N 142 
HIS ND1 HD1  sing N N 143 
HIS CD2 NE2  sing Y N 144 
HIS CD2 HD2  sing N N 145 
HIS CE1 NE2  sing Y N 146 
HIS CE1 HE1  sing N N 147 
HIS NE2 HE2  sing N N 148 
HIS OXT HXT  sing N N 149 
HOH O   H1   sing N N 150 
HOH O   H2   sing N N 151 
ILE N   CA   sing N N 152 
ILE N   H    sing N N 153 
ILE N   H2   sing N N 154 
ILE CA  C    sing N N 155 
ILE CA  CB   sing N N 156 
ILE CA  HA   sing N N 157 
ILE C   O    doub N N 158 
ILE C   OXT  sing N N 159 
ILE CB  CG1  sing N N 160 
ILE CB  CG2  sing N N 161 
ILE CB  HB   sing N N 162 
ILE CG1 CD1  sing N N 163 
ILE CG1 HG12 sing N N 164 
ILE CG1 HG13 sing N N 165 
ILE CG2 HG21 sing N N 166 
ILE CG2 HG22 sing N N 167 
ILE CG2 HG23 sing N N 168 
ILE CD1 HD11 sing N N 169 
ILE CD1 HD12 sing N N 170 
ILE CD1 HD13 sing N N 171 
ILE OXT HXT  sing N N 172 
LEU N   CA   sing N N 173 
LEU N   H    sing N N 174 
LEU N   H2   sing N N 175 
LEU CA  C    sing N N 176 
LEU CA  CB   sing N N 177 
LEU CA  HA   sing N N 178 
LEU C   O    doub N N 179 
LEU C   OXT  sing N N 180 
LEU CB  CG   sing N N 181 
LEU CB  HB2  sing N N 182 
LEU CB  HB3  sing N N 183 
LEU CG  CD1  sing N N 184 
LEU CG  CD2  sing N N 185 
LEU CG  HG   sing N N 186 
LEU CD1 HD11 sing N N 187 
LEU CD1 HD12 sing N N 188 
LEU CD1 HD13 sing N N 189 
LEU CD2 HD21 sing N N 190 
LEU CD2 HD22 sing N N 191 
LEU CD2 HD23 sing N N 192 
LEU OXT HXT  sing N N 193 
LYS N   CA   sing N N 194 
LYS N   H    sing N N 195 
LYS N   H2   sing N N 196 
LYS CA  C    sing N N 197 
LYS CA  CB   sing N N 198 
LYS CA  HA   sing N N 199 
LYS C   O    doub N N 200 
LYS C   OXT  sing N N 201 
LYS CB  CG   sing N N 202 
LYS CB  HB2  sing N N 203 
LYS CB  HB3  sing N N 204 
LYS CG  CD   sing N N 205 
LYS CG  HG2  sing N N 206 
LYS CG  HG3  sing N N 207 
LYS CD  CE   sing N N 208 
LYS CD  HD2  sing N N 209 
LYS CD  HD3  sing N N 210 
LYS CE  NZ   sing N N 211 
LYS CE  HE2  sing N N 212 
LYS CE  HE3  sing N N 213 
LYS NZ  HZ1  sing N N 214 
LYS NZ  HZ2  sing N N 215 
LYS NZ  HZ3  sing N N 216 
LYS OXT HXT  sing N N 217 
MET N   CA   sing N N 218 
MET N   H    sing N N 219 
MET N   H2   sing N N 220 
MET CA  C    sing N N 221 
MET CA  CB   sing N N 222 
MET CA  HA   sing N N 223 
MET C   O    doub N N 224 
MET C   OXT  sing N N 225 
MET CB  CG   sing N N 226 
MET CB  HB2  sing N N 227 
MET CB  HB3  sing N N 228 
MET CG  SD   sing N N 229 
MET CG  HG2  sing N N 230 
MET CG  HG3  sing N N 231 
MET SD  CE   sing N N 232 
MET CE  HE1  sing N N 233 
MET CE  HE2  sing N N 234 
MET CE  HE3  sing N N 235 
MET OXT HXT  sing N N 236 
MPD C1  C2   sing N N 237 
MPD C1  H11  sing N N 238 
MPD C1  H12  sing N N 239 
MPD C1  H13  sing N N 240 
MPD C2  O2   sing N N 241 
MPD C2  CM   sing N N 242 
MPD C2  C3   sing N N 243 
MPD O2  HO2  sing N N 244 
MPD CM  HM1  sing N N 245 
MPD CM  HM2  sing N N 246 
MPD CM  HM3  sing N N 247 
MPD C3  C4   sing N N 248 
MPD C3  H31  sing N N 249 
MPD C3  H32  sing N N 250 
MPD C4  O4   sing N N 251 
MPD C4  C5   sing N N 252 
MPD C4  H4   sing N N 253 
MPD O4  HO4  sing N N 254 
MPD C5  H51  sing N N 255 
MPD C5  H52  sing N N 256 
MPD C5  H53  sing N N 257 
PHE N   CA   sing N N 258 
PHE N   H    sing N N 259 
PHE N   H2   sing N N 260 
PHE CA  C    sing N N 261 
PHE CA  CB   sing N N 262 
PHE CA  HA   sing N N 263 
PHE C   O    doub N N 264 
PHE C   OXT  sing N N 265 
PHE CB  CG   sing N N 266 
PHE CB  HB2  sing N N 267 
PHE CB  HB3  sing N N 268 
PHE CG  CD1  doub Y N 269 
PHE CG  CD2  sing Y N 270 
PHE CD1 CE1  sing Y N 271 
PHE CD1 HD1  sing N N 272 
PHE CD2 CE2  doub Y N 273 
PHE CD2 HD2  sing N N 274 
PHE CE1 CZ   doub Y N 275 
PHE CE1 HE1  sing N N 276 
PHE CE2 CZ   sing Y N 277 
PHE CE2 HE2  sing N N 278 
PHE CZ  HZ   sing N N 279 
PHE OXT HXT  sing N N 280 
SER N   CA   sing N N 281 
SER N   H    sing N N 282 
SER N   H2   sing N N 283 
SER CA  C    sing N N 284 
SER CA  CB   sing N N 285 
SER CA  HA   sing N N 286 
SER C   O    doub N N 287 
SER C   OXT  sing N N 288 
SER CB  OG   sing N N 289 
SER CB  HB2  sing N N 290 
SER CB  HB3  sing N N 291 
SER OG  HG   sing N N 292 
SER OXT HXT  sing N N 293 
THR N   CA   sing N N 294 
THR N   H    sing N N 295 
THR N   H2   sing N N 296 
THR CA  C    sing N N 297 
THR CA  CB   sing N N 298 
THR CA  HA   sing N N 299 
THR C   O    doub N N 300 
THR C   OXT  sing N N 301 
THR CB  OG1  sing N N 302 
THR CB  CG2  sing N N 303 
THR CB  HB   sing N N 304 
THR OG1 HG1  sing N N 305 
THR CG2 HG21 sing N N 306 
THR CG2 HG22 sing N N 307 
THR CG2 HG23 sing N N 308 
THR OXT HXT  sing N N 309 
TYR N   CA   sing N N 310 
TYR N   H    sing N N 311 
TYR N   H2   sing N N 312 
TYR CA  C    sing N N 313 
TYR CA  CB   sing N N 314 
TYR CA  HA   sing N N 315 
TYR C   O    doub N N 316 
TYR C   OXT  sing N N 317 
TYR CB  CG   sing N N 318 
TYR CB  HB2  sing N N 319 
TYR CB  HB3  sing N N 320 
TYR CG  CD1  doub Y N 321 
TYR CG  CD2  sing Y N 322 
TYR CD1 CE1  sing Y N 323 
TYR CD1 HD1  sing N N 324 
TYR CD2 CE2  doub Y N 325 
TYR CD2 HD2  sing N N 326 
TYR CE1 CZ   doub Y N 327 
TYR CE1 HE1  sing N N 328 
TYR CE2 CZ   sing Y N 329 
TYR CE2 HE2  sing N N 330 
TYR CZ  OH   sing N N 331 
TYR OH  HH   sing N N 332 
TYR OXT HXT  sing N N 333 
# 
_atom_sites.entry_id                    1F4N 
_atom_sites.fract_transf_matrix[1][1]   -0.00421976 
_atom_sites.fract_transf_matrix[1][2]   0.01349920 
_atom_sites.fract_transf_matrix[1][3]   0.00047997 
_atom_sites.fract_transf_matrix[2][1]   -0.00448026 
_atom_sites.fract_transf_matrix[2][2]   -0.00235816 
_atom_sites.fract_transf_matrix[2][3]   0.02693427 
_atom_sites.fract_transf_matrix[3][1]   0.01591941 
_atom_sites.fract_transf_matrix[3][2]   0.01813109 
_atom_sites.fract_transf_matrix[3][3]   0.00423547 
_atom_sites.fract_transf_vector[1]      -0.127017 
_atom_sites.fract_transf_vector[2]      1.126228 
_atom_sites.fract_transf_vector[3]      0.739486 
# 
loop_
_atom_type.symbol 
C  
CA 
N  
O  
S  
# 
loop_
_atom_site.group_PDB 
_atom_site.id 
_atom_site.type_symbol 
_atom_site.label_atom_id 
_atom_site.label_alt_id 
_atom_site.label_comp_id 
_atom_site.label_asym_id 
_atom_site.label_entity_id 
_atom_site.label_seq_id 
_atom_site.pdbx_PDB_ins_code 
_atom_site.Cartn_x 
_atom_site.Cartn_y 
_atom_site.Cartn_z 
_atom_site.occupancy 
_atom_site.B_iso_or_equiv 
_atom_site.pdbx_formal_charge 
_atom_site.auth_seq_id 
_atom_site.auth_comp_id 
_atom_site.auth_asym_id 
_atom_site.auth_atom_id 
_atom_site.pdbx_PDB_model_num 
ATOM   1   N  N   . GLY A 1 1  ? 4.592   -10.966 19.060  1.00 46.15 ? 1   GLY A N   1 
ATOM   2   C  CA  . GLY A 1 1  ? 5.351   -9.866  18.400  1.00 42.61 ? 1   GLY A CA  1 
ATOM   3   C  C   . GLY A 1 1  ? 5.204   -8.522  19.091  1.00 41.55 ? 1   GLY A C   1 
ATOM   4   O  O   . GLY A 1 1  ? 4.350   -8.334  19.958  1.00 41.83 ? 1   GLY A O   1 
ATOM   5   N  N   . THR A 1 2  ? 6.047   -7.579  18.693  1.00 40.08 ? 2   THR A N   1 
ATOM   6   C  CA  . THR A 1 2  ? 6.040   -6.237  19.258  1.00 41.36 ? 2   THR A CA  1 
ATOM   7   C  C   . THR A 1 2  ? 4.914   -5.379  18.680  1.00 42.94 ? 2   THR A C   1 
ATOM   8   O  O   . THR A 1 2  ? 4.306   -5.727  17.661  1.00 38.90 ? 2   THR A O   1 
ATOM   9   C  CB  . THR A 1 2  ? 7.374   -5.524  18.975  1.00 41.46 ? 2   THR A CB  1 
ATOM   10  O  OG1 . THR A 1 2  ? 7.529   -5.351  17.559  1.00 45.10 ? 2   THR A OG1 1 
ATOM   11  C  CG2 . THR A 1 2  ? 8.541   -6.347  19.500  1.00 43.29 ? 2   THR A CG2 1 
ATOM   12  N  N   . LYS A 1 3  ? 4.653   -4.246  19.330  1.00 38.71 ? 3   LYS A N   1 
ATOM   13  C  CA  . LYS A 1 3  ? 3.613   -3.339  18.876  1.00 37.26 ? 3   LYS A CA  1 
ATOM   14  C  C   . LYS A 1 3  ? 3.902   -2.897  17.447  1.00 34.74 ? 3   LYS A C   1 
ATOM   15  O  O   . LYS A 1 3  ? 3.003   -2.868  16.607  1.00 37.81 ? 3   LYS A O   1 
ATOM   16  C  CB  . LYS A 1 3  ? 3.542   -2.099  19.768  1.00 38.61 ? 3   LYS A CB  1 
ATOM   17  C  CG  . LYS A 1 3  ? 2.447   -1.125  19.342  1.00 48.35 ? 3   LYS A CG  1 
ATOM   18  C  CD  . LYS A 1 3  ? 2.824   0.328   19.598  1.00 54.39 ? 3   LYS A CD  1 
ATOM   19  C  CE  . LYS A 1 3  ? 1.763   1.274   19.018  1.00 57.72 ? 3   LYS A CE  1 
ATOM   20  N  NZ  . LYS A 1 3  ? 2.127   2.722   19.152  1.00 57.04 ? 3   LYS A NZ  1 
ATOM   21  N  N   . GLN A 1 4  ? 5.156   -2.546  17.174  1.00 33.87 ? 4   GLN A N   1 
ATOM   22  C  CA  . GLN A 1 4  ? 5.529   -2.100  15.837  1.00 33.42 ? 4   GLN A CA  1 
ATOM   23  C  C   . GLN A 1 4  ? 5.097   -3.139  14.802  1.00 31.80 ? 4   GLN A C   1 
ATOM   24  O  O   . GLN A 1 4  ? 4.490   -2.802  13.784  1.00 32.88 ? 4   GLN A O   1 
ATOM   25  C  CB  . GLN A 1 4  ? 7.046   -1.889  15.730  1.00 39.74 ? 4   GLN A CB  1 
ATOM   26  C  CG  . GLN A 1 4  ? 7.679   -1.051  16.840  1.00 50.09 ? 4   GLN A CG  1 
ATOM   27  C  CD  . GLN A 1 4  ? 6.900   0.208   17.150  1.00 54.43 ? 4   GLN A CD  1 
ATOM   28  O  OE1 . GLN A 1 4  ? 6.683   1.055   16.278  1.00 58.08 ? 4   GLN A OE1 1 
ATOM   29  N  NE2 . GLN A 1 4  ? 6.473   0.340   18.402  1.00 56.87 ? 4   GLN A NE2 1 
ATOM   30  N  N   . GLU A 1 5  ? 5.413   -4.403  15.073  1.00 31.27 ? 5   GLU A N   1 
ATOM   31  C  CA  . GLU A 1 5  ? 5.076   -5.507  14.171  1.00 30.46 ? 5   GLU A CA  1 
ATOM   32  C  C   . GLU A 1 5  ? 3.574   -5.656  13.947  1.00 27.86 ? 5   GLU A C   1 
ATOM   33  O  O   . GLU A 1 5  ? 3.132   -5.922  12.831  1.00 24.05 ? 5   GLU A O   1 
ATOM   34  C  CB  . GLU A 1 5  ? 5.635   -6.826  14.717  1.00 26.79 ? 5   GLU A CB  1 
ATOM   35  C  CG  . GLU A 1 5  ? 7.147   -6.879  14.818  1.00 27.74 ? 5   GLU A CG  1 
ATOM   36  C  CD  . GLU A 1 5  ? 7.642   -8.142  15.512  1.00 31.70 ? 5   GLU A CD  1 
ATOM   37  O  OE1 . GLU A 1 5  ? 7.782   -9.197  14.850  1.00 32.26 ? 5   GLU A OE1 1 
ATOM   38  O  OE2 . GLU A 1 5  ? 7.873   -8.077  16.739  1.00 38.05 ? 5   GLU A OE2 1 
ATOM   39  N  N   . LYS A 1 6  ? 2.784   -5.496  15.003  1.00 25.22 ? 6   LYS A N   1 
ATOM   40  C  CA  . LYS A 1 6  ? 1.341   -5.625  14.849  1.00 27.82 ? 6   LYS A CA  1 
ATOM   41  C  C   . LYS A 1 6  ? 0.787   -4.484  13.997  1.00 27.91 ? 6   LYS A C   1 
ATOM   42  O  O   . LYS A 1 6  ? -0.201  -4.661  13.291  1.00 27.04 ? 6   LYS A O   1 
ATOM   43  C  CB  . LYS A 1 6  ? 0.642   -5.640  16.208  1.00 32.37 ? 6   LYS A CB  1 
ATOM   44  C  CG  . LYS A 1 6  ? 1.048   -6.802  17.101  1.00 39.44 ? 6   LYS A CG  1 
ATOM   45  C  CD  . LYS A 1 6  ? 0.145   -6.879  18.333  1.00 41.93 ? 6   LYS A CD  1 
ATOM   46  C  CE  . LYS A 1 6  ? 0.539   -8.021  19.262  1.00 44.25 ? 6   LYS A CE  1 
ATOM   47  N  NZ  . LYS A 1 6  ? 1.881   -7.803  19.874  1.00 47.10 ? 6   LYS A NZ  1 
ATOM   48  N  N   . THR A 1 7  ? 1.421   -3.316  14.063  1.00 23.30 ? 7   THR A N   1 
ATOM   49  C  CA  . THR A 1 7  ? 0.961   -2.178  13.273  1.00 22.61 ? 7   THR A CA  1 
ATOM   50  C  C   . THR A 1 7  ? 1.309   -2.399  11.806  1.00 19.03 ? 7   THR A C   1 
ATOM   51  O  O   . THR A 1 7  ? 0.514   -2.093  10.921  1.00 18.83 ? 7   THR A O   1 
ATOM   52  C  CB  . THR A 1 7  ? 1.594   -0.862  13.754  1.00 25.76 ? 7   THR A CB  1 
ATOM   53  O  OG1 . THR A 1 7  ? 1.277   -0.672  15.135  1.00 24.97 ? 7   THR A OG1 1 
ATOM   54  C  CG2 . THR A 1 7  ? 1.041   0.334   12.953  1.00 23.66 ? 7   THR A CG2 1 
ATOM   55  N  N   . ILE A 1 8  ? 2.502   -2.920  11.548  1.00 15.72 ? 8   ILE A N   1 
ATOM   56  C  CA  . ILE A 1 8  ? 2.914   -3.188  10.177  1.00 16.10 ? 8   ILE A CA  1 
ATOM   57  C  C   . ILE A 1 8  ? 1.944   -4.205  9.578   1.00 17.44 ? 8   ILE A C   1 
ATOM   58  O  O   . ILE A 1 8  ? 1.458   -4.038  8.441   1.00 18.37 ? 8   ILE A O   1 
ATOM   59  C  CB  . ILE A 1 8  ? 4.355   -3.709  10.162  1.00 19.12 ? 8   ILE A CB  1 
ATOM   60  C  CG1 . ILE A 1 8  ? 5.286   -2.617  10.686  1.00 16.46 ? 8   ILE A CG1 1 
ATOM   61  C  CG2 . ILE A 1 8  ? 4.770   -4.108  8.755   1.00 16.49 ? 8   ILE A CG2 1 
ATOM   62  C  CD1 . ILE A 1 8  ? 6.691   -3.089  10.910  1.00 17.63 ? 8   ILE A CD1 1 
ATOM   63  N  N   . LEU A 1 9  ? 1.614   -5.237  10.357  1.00 14.16 ? 9   LEU A N   1 
ATOM   64  C  CA  . LEU A 1 9  ? 0.694   -6.261  9.885   1.00 18.13 ? 9   LEU A CA  1 
ATOM   65  C  C   . LEU A 1 9  ? -0.669  -5.683  9.571   1.00 19.30 ? 9   LEU A C   1 
ATOM   66  O  O   . LEU A 1 9  ? -1.211  -5.904  8.479   1.00 19.41 ? 9   LEU A O   1 
ATOM   67  C  CB  . LEU A 1 9  ? 0.563   -7.395  10.921  1.00 13.27 ? 9   LEU A CB  1 
ATOM   68  C  CG  . LEU A 1 9  ? 1.840   -8.209  11.130  1.00 12.44 ? 9   LEU A CG  1 
ATOM   69  C  CD1 . LEU A 1 9  ? 1.641   -9.192  12.296  1.00 18.46 ? 9   LEU A CD1 1 
ATOM   70  C  CD2 . LEU A 1 9  ? 2.134   -9.036  9.867   1.00 14.67 ? 9   LEU A CD2 1 
ATOM   71  N  N   . ASN A 1 10 ? -1.228  -4.939  10.520  1.00 14.73 ? 10  ASN A N   1 
ATOM   72  C  CA  . ASN A 1 10 ? -2.545  -4.355  10.321  1.00 17.86 ? 10  ASN A CA  1 
ATOM   73  C  C   . ASN A 1 10 ? -2.568  -3.432  9.117   1.00 15.76 ? 10  ASN A C   1 
ATOM   74  O  O   . ASN A 1 10 ? -3.490  -3.507  8.301   1.00 17.14 ? 10  ASN A O   1 
ATOM   75  C  CB  . ASN A 1 10 ? -2.978  -3.591  11.569  1.00 18.96 ? 10  ASN A CB  1 
ATOM   76  C  CG  . ASN A 1 10 ? -3.404  -4.523  12.694  1.00 30.92 ? 10  ASN A CG  1 
ATOM   77  O  OD1 . ASN A 1 10 ? -3.275  -4.198  13.880  1.00 37.72 ? 10  ASN A OD1 1 
ATOM   78  N  ND2 . ASN A 1 10 ? -3.924  -5.681  12.324  1.00 30.19 ? 10  ASN A ND2 1 
ATOM   79  N  N   . MET A 1 11 ? -1.566  -2.555  9.023   1.00 18.21 ? 11  MET A N   1 
ATOM   80  C  CA  . MET A 1 11 ? -1.475  -1.618  7.902   1.00 17.41 ? 11  MET A CA  1 
ATOM   81  C  C   . MET A 1 11 ? -1.293  -2.363  6.586   1.00 14.67 ? 11  MET A C   1 
ATOM   82  O  O   . MET A 1 11 ? -1.920  -2.032  5.580   1.00 11.41 ? 11  MET A O   1 
ATOM   83  C  CB  . MET A 1 11 ? -0.295  -0.673  8.086   1.00 18.17 ? 11  MET A CB  1 
ATOM   84  C  CG  . MET A 1 11 ? -0.382  0.217   9.291   1.00 21.79 ? 11  MET A CG  1 
ATOM   85  S  SD  . MET A 1 11 ? -1.766  1.397   9.217   1.00 23.44 ? 11  MET A SD  1 
ATOM   86  C  CE  . MET A 1 11 ? -2.468  0.921   10.940  1.00 9.03  ? 11  MET A CE  1 
ATOM   87  N  N   . ALA A 1 12 ? -0.415  -3.355  6.578   1.00 15.27 ? 12  ALA A N   1 
ATOM   88  C  CA  . ALA A 1 12 ? -0.193  -4.103  5.342   1.00 15.76 ? 12  ALA A CA  1 
ATOM   89  C  C   . ALA A 1 12 ? -1.496  -4.723  4.866   1.00 16.04 ? 12  ALA A C   1 
ATOM   90  O  O   . ALA A 1 12 ? -1.811  -4.655  3.669   1.00 14.97 ? 12  ALA A O   1 
ATOM   91  C  CB  . ALA A 1 12 ? 0.884   -5.166  5.536   1.00 15.42 ? 12  ALA A CB  1 
ATOM   92  N  N   . ARG A 1 13 ? -2.280  -5.301  5.786   1.00 14.95 ? 13  ARG A N   1 
ATOM   93  C  CA  . ARG A 1 13 ? -3.559  -5.904  5.401   1.00 18.59 ? 13  ARG A CA  1 
ATOM   94  C  C   . ARG A 1 13 ? -4.522  -4.896  4.807   1.00 18.04 ? 13  ARG A C   1 
ATOM   95  O  O   . ARG A 1 13 ? -5.180  -5.190  3.813   1.00 21.31 ? 13  ARG A O   1 
ATOM   96  C  CB  . ARG A 1 13 ? -4.265  -6.570  6.591   1.00 21.68 ? 13  ARG A CB  1 
ATOM   97  C  CG  . ARG A 1 13 ? -3.655  -7.858  7.046   1.00 31.86 ? 13  ARG A CG  1 
ATOM   98  C  CD  . ARG A 1 13 ? -4.591  -8.627  7.972   1.00 28.92 ? 13  ARG A CD  1 
ATOM   99  N  NE  . ARG A 1 13 ? -5.681  -9.245  7.239   1.00 34.30 ? 13  ARG A NE  1 
ATOM   100 C  CZ  . ARG A 1 13 ? -6.503  -10.157 7.759   1.00 36.26 ? 13  ARG A CZ  1 
ATOM   101 N  NH1 . ARG A 1 13 ? -6.352  -10.550 9.013   1.00 29.10 ? 13  ARG A NH1 1 
ATOM   102 N  NH2 . ARG A 1 13 ? -7.480  -10.678 7.024   1.00 39.42 ? 13  ARG A NH2 1 
ATOM   103 N  N   . PHE A 1 14 ? -4.642  -3.726  5.440   1.00 16.32 ? 14  PHE A N   1 
ATOM   104 C  CA  . PHE A 1 14 ? -5.545  -2.678  4.937   1.00 18.71 ? 14  PHE A CA  1 
ATOM   105 C  C   . PHE A 1 14 ? -5.148  -2.271  3.513   1.00 15.22 ? 14  PHE A C   1 
ATOM   106 O  O   . PHE A 1 14 ? -5.993  -2.137  2.636   1.00 16.87 ? 14  PHE A O   1 
ATOM   107 C  CB  . PHE A 1 14 ? -5.488  -1.396  5.793   1.00 25.54 ? 14  PHE A CB  1 
ATOM   108 C  CG  . PHE A 1 14 ? -6.147  -1.506  7.135   1.00 39.64 ? 14  PHE A CG  1 
ATOM   109 C  CD1 . PHE A 1 14 ? -7.289  -2.290  7.314   1.00 44.38 ? 14  PHE A CD1 1 
ATOM   110 C  CD2 . PHE A 1 14 ? -5.632  -0.800  8.230   1.00 42.33 ? 14  PHE A CD2 1 
ATOM   111 C  CE1 . PHE A 1 14 ? -7.912  -2.368  8.569   1.00 48.16 ? 14  PHE A CE1 1 
ATOM   112 C  CE2 . PHE A 1 14 ? -6.245  -0.869  9.486   1.00 45.30 ? 14  PHE A CE2 1 
ATOM   113 C  CZ  . PHE A 1 14 ? -7.387  -1.655  9.657   1.00 49.32 ? 14  PHE A CZ  1 
ATOM   114 N  N   . ILE A 1 15 ? -3.861  -2.029  3.306   1.00 15.37 ? 15  ILE A N   1 
ATOM   115 C  CA  . ILE A 1 15 ? -3.397  -1.607  1.987   1.00 12.27 ? 15  ILE A CA  1 
ATOM   116 C  C   . ILE A 1 15 ? -3.721  -2.647  0.927   1.00 12.24 ? 15  ILE A C   1 
ATOM   117 O  O   . ILE A 1 15 ? -4.187  -2.316  -0.171  1.00 17.73 ? 15  ILE A O   1 
ATOM   118 C  CB  . ILE A 1 15 ? -1.903  -1.330  2.042   1.00 14.63 ? 15  ILE A CB  1 
ATOM   119 C  CG1 . ILE A 1 15 ? -1.665  -0.118  2.951   1.00 10.51 ? 15  ILE A CG1 1 
ATOM   120 C  CG2 . ILE A 1 15 ? -1.345  -1.079  0.641   1.00 10.01 ? 15  ILE A CG2 1 
ATOM   121 C  CD1 . ILE A 1 15 ? -0.182  0.232   3.125   1.00 11.29 ? 15  ILE A CD1 1 
ATOM   122 N  N   . ARG A 1 16 ? -3.479  -3.910  1.253   1.00 17.06 ? 16  ARG A N   1 
ATOM   123 C  CA  . ARG A 1 16 ? -3.777  -4.984  0.325   1.00 18.45 ? 16  ARG A CA  1 
ATOM   124 C  C   . ARG A 1 16 ? -5.250  -4.896  -0.076  1.00 17.65 ? 16  ARG A C   1 
ATOM   125 O  O   . ARG A 1 16 ? -5.576  -4.873  -1.266  1.00 13.92 ? 16  ARG A O   1 
ATOM   126 C  CB  . ARG A 1 16 ? -3.429  -6.349  0.965   1.00 16.52 ? 16  ARG A CB  1 
ATOM   127 C  CG  . ARG A 1 16 ? -3.207  -7.472  -0.051  1.00 23.61 ? 16  ARG A CG  1 
ATOM   128 C  CD  . ARG A 1 16 ? -2.754  -8.761  0.619   1.00 21.46 ? 16  ARG A CD  1 
ATOM   129 N  NE  . ARG A 1 16 ? -3.672  -9.147  1.688   1.00 24.69 ? 16  ARG A NE  1 
ATOM   130 C  CZ  . ARG A 1 16 ? -3.530  -10.235 2.441   1.00 20.49 ? 16  ARG A CZ  1 
ATOM   131 N  NH1 . ARG A 1 16 ? -2.505  -11.048 2.245   1.00 19.97 ? 16  ARG A NH1 1 
ATOM   132 N  NH2 . ARG A 1 16 ? -4.420  -10.508 3.384   1.00 17.49 ? 16  ARG A NH2 1 
ATOM   133 N  N   . SER A 1 17 ? -6.164  -4.773  0.887   1.00 16.62 ? 17  SER A N   1 
ATOM   134 C  CA  . SER A 1 17 ? -7.558  -4.709  0.477   1.00 18.83 ? 17  SER A CA  1 
ATOM   135 C  C   . SER A 1 17 ? -7.913  -3.413  -0.267  1.00 15.74 ? 17  SER A C   1 
ATOM   136 O  O   . SER A 1 17 ? -8.746  -3.429  -1.179  1.00 16.70 ? 17  SER A O   1 
ATOM   137 C  CB  . SER A 1 17 ? -8.496  -4.928  1.675   1.00 21.06 ? 17  SER A CB  1 
ATOM   138 O  OG  . SER A 1 17 ? -8.218  -4.021  2.717   1.00 32.11 ? 17  SER A OG  1 
ATOM   139 N  N   . GLN A 1 18 ? -7.282  -2.300  0.109   1.00 12.69 ? 18  GLN A N   1 
ATOM   140 C  CA  . GLN A 1 18 ? -7.539  -1.033  -0.566  1.00 12.81 ? 18  GLN A CA  1 
ATOM   141 C  C   . GLN A 1 18 ? -7.010  -1.097  -1.987  1.00 11.38 ? 18  GLN A C   1 
ATOM   142 O  O   . GLN A 1 18 ? -7.651  -0.615  -2.909  1.00 13.08 ? 18  GLN A O   1 
ATOM   143 C  CB  . GLN A 1 18 ? -6.841  0.108   0.159   1.00 17.28 ? 18  GLN A CB  1 
ATOM   144 C  CG  . GLN A 1 18 ? -7.420  0.423   1.523   1.00 17.81 ? 18  GLN A CG  1 
ATOM   145 C  CD  . GLN A 1 18 ? -6.641  1.523   2.203   1.00 22.14 ? 18  GLN A CD  1 
ATOM   146 O  OE1 . GLN A 1 18 ? -5.471  1.341   2.566   1.00 25.19 ? 18  GLN A OE1 1 
ATOM   147 N  NE2 . GLN A 1 18 ? -7.273  2.686   2.362   1.00 23.58 ? 18  GLN A NE2 1 
ATOM   148 N  N   . ALA A 1 19 ? -5.847  -1.712  -2.172  1.00 8.24  ? 19  ALA A N   1 
ATOM   149 C  CA  . ALA A 1 19 ? -5.295  -1.807  -3.530  1.00 11.32 ? 19  ALA A CA  1 
ATOM   150 C  C   . ALA A 1 19 ? -6.242  -2.598  -4.421  1.00 15.88 ? 19  ALA A C   1 
ATOM   151 O  O   . ALA A 1 19 ? -6.394  -2.302  -5.622  1.00 16.29 ? 19  ALA A O   1 
ATOM   152 C  CB  . ALA A 1 19 ? -3.915  -2.466  -3.506  1.00 10.79 ? 19  ALA A CB  1 
ATOM   153 N  N   . LEU A 1 20 ? -6.891  -3.598  -3.822  1.00 17.94 ? 20  LEU A N   1 
ATOM   154 C  CA  . LEU A 1 20 ? -7.846  -4.454  -4.520  1.00 16.83 ? 20  LEU A CA  1 
ATOM   155 C  C   . LEU A 1 20 ? -9.070  -3.645  -4.947  1.00 16.83 ? 20  LEU A C   1 
ATOM   156 O  O   . LEU A 1 20 ? -9.653  -3.893  -6.003  1.00 17.79 ? 20  LEU A O   1 
ATOM   157 C  CB  . LEU A 1 20 ? -8.259  -5.618  -3.607  1.00 21.31 ? 20  LEU A CB  1 
ATOM   158 C  CG  . LEU A 1 20 ? -8.948  -6.817  -4.266  1.00 23.71 ? 20  LEU A CG  1 
ATOM   159 C  CD1 . LEU A 1 20 ? -8.028  -7.384  -5.364  1.00 14.86 ? 20  LEU A CD1 1 
ATOM   160 C  CD2 . LEU A 1 20 ? -9.254  -7.898  -3.197  1.00 23.20 ? 20  LEU A CD2 1 
ATOM   161 N  N   . THR A 1 21 ? -9.459  -2.667  -4.132  1.00 15.55 ? 21  THR A N   1 
ATOM   162 C  CA  . THR A 1 21 ? -10.599 -1.822  -4.462  1.00 13.85 ? 21  THR A CA  1 
ATOM   163 C  C   . THR A 1 21 ? -10.239 -0.921  -5.651  1.00 12.80 ? 21  THR A C   1 
ATOM   164 O  O   . THR A 1 21 ? -11.069 -0.684  -6.536  1.00 19.45 ? 21  THR A O   1 
ATOM   165 C  CB  . THR A 1 21 ? -11.018 -0.978  -3.250  1.00 15.57 ? 21  THR A CB  1 
ATOM   166 O  OG1 . THR A 1 21 ? -11.550 -1.856  -2.244  1.00 19.76 ? 21  THR A OG1 1 
ATOM   167 C  CG2 . THR A 1 21 ? -12.075 0.031   -3.640  1.00 20.70 ? 21  THR A CG2 1 
ATOM   168 N  N   . ILE A 1 22 ? -9.002  -0.437  -5.676  1.00 13.33 ? 22  ILE A N   1 
ATOM   169 C  CA  . ILE A 1 22 ? -8.543  0.390   -6.792  1.00 13.25 ? 22  ILE A CA  1 
ATOM   170 C  C   . ILE A 1 22 ? -8.447  -0.468  -8.067  1.00 15.04 ? 22  ILE A C   1 
ATOM   171 O  O   . ILE A 1 22 ? -8.856  -0.014  -9.147  1.00 12.67 ? 22  ILE A O   1 
ATOM   172 C  CB  . ILE A 1 22 ? -7.172  1.075   -6.465  1.00 13.49 ? 22  ILE A CB  1 
ATOM   173 C  CG1 . ILE A 1 22 ? -7.391  2.120   -5.367  1.00 15.48 ? 22  ILE A CG1 1 
ATOM   174 C  CG2 . ILE A 1 22 ? -6.605  1.797   -7.701  1.00 8.55  ? 22  ILE A CG2 1 
ATOM   175 C  CD1 . ILE A 1 22 ? -6.153  2.972   -5.054  1.00 9.55  ? 22  ILE A CD1 1 
ATOM   176 N  N   . LEU A 1 23 ? -7.913  -1.692  -7.954  1.00 11.55 ? 23  LEU A N   1 
ATOM   177 C  CA  . LEU A 1 23 ? -7.823  -2.598  -9.110  1.00 15.70 ? 23  LEU A CA  1 
ATOM   178 C  C   . LEU A 1 23 ? -9.209  -2.767  -9.749  1.00 16.27 ? 23  LEU A C   1 
ATOM   179 O  O   . LEU A 1 23 ? -9.349  -2.733  -10.975 1.00 14.49 ? 23  LEU A O   1 
ATOM   180 C  CB  . LEU A 1 23 ? -7.258  -3.962  -8.691  1.00 16.86 ? 23  LEU A CB  1 
ATOM   181 C  CG  . LEU A 1 23 ? -5.745  -3.925  -8.445  1.00 18.52 ? 23  LEU A CG  1 
ATOM   182 C  CD1 . LEU A 1 23 ? -5.310  -5.136  -7.640  1.00 18.36 ? 23  LEU A CD1 1 
ATOM   183 C  CD2 . LEU A 1 23 ? -5.023  -3.865  -9.792  1.00 18.96 ? 23  LEU A CD2 1 
ATOM   184 N  N   . GLU A 1 24 ? -10.241 -2.938  -8.926  1.00 14.69 ? 24  GLU A N   1 
ATOM   185 C  CA  . GLU A 1 24 ? -11.588 -3.054  -9.456  1.00 18.43 ? 24  GLU A CA  1 
ATOM   186 C  C   . GLU A 1 24 ? -12.033 -1.745  -10.115 1.00 18.90 ? 24  GLU A C   1 
ATOM   187 O  O   . GLU A 1 24 ? -12.424 -1.725  -11.288 1.00 16.82 ? 24  GLU A O   1 
ATOM   188 C  CB  . GLU A 1 24 ? -12.601 -3.418  -8.357  1.00 18.42 ? 24  GLU A CB  1 
ATOM   189 C  CG  . GLU A 1 24 ? -14.035 -3.171  -8.813  1.00 18.43 ? 24  GLU A CG  1 
ATOM   190 C  CD  . GLU A 1 24 ? -15.089 -3.894  -7.981  1.00 22.25 ? 24  GLU A CD  1 
ATOM   191 O  OE1 . GLU A 1 24 ? -14.801 -4.254  -6.817  1.00 20.59 ? 24  GLU A OE1 1 
ATOM   192 O  OE2 . GLU A 1 24 ? -16.214 -4.080  -8.503  1.00 22.35 ? 24  GLU A OE2 1 
ATOM   193 N  N   . LYS A 1 25 ? -11.981 -0.651  -9.360  1.00 18.87 ? 25  LYS A N   1 
ATOM   194 C  CA  . LYS A 1 25 ? -12.407 0.641   -9.895  1.00 17.96 ? 25  LYS A CA  1 
ATOM   195 C  C   . LYS A 1 25 ? -11.590 1.111   -11.100 1.00 17.64 ? 25  LYS A C   1 
ATOM   196 O  O   . LYS A 1 25 ? -12.129 1.745   -12.001 1.00 20.42 ? 25  LYS A O   1 
ATOM   197 C  CB  . LYS A 1 25 ? -12.387 1.697   -8.776  1.00 18.91 ? 25  LYS A CB  1 
ATOM   198 C  CG  . LYS A 1 25 ? -13.463 1.462   -7.728  1.00 20.41 ? 25  LYS A CG  1 
ATOM   199 C  CD  . LYS A 1 25 ? -13.354 2.433   -6.563  1.00 23.13 ? 25  LYS A CD  1 
ATOM   200 C  CE  . LYS A 1 25 ? -14.570 2.321   -5.645  1.00 24.51 ? 25  LYS A CE  1 
ATOM   201 N  NZ  . LYS A 1 25 ? -15.836 2.755   -6.319  1.00 28.68 ? 25  LYS A NZ  1 
ATOM   202 N  N   . ALA A 1 26 ? -10.298 0.805   -11.133 1.00 17.57 ? 26  ALA A N   1 
ATOM   203 C  CA  . ALA A 1 26 ? -9.488  1.216   -12.279 1.00 19.11 ? 26  ALA A CA  1 
ATOM   204 C  C   . ALA A 1 26 ? -9.903  0.443   -13.543 1.00 21.38 ? 26  ALA A C   1 
ATOM   205 O  O   . ALA A 1 26 ? -10.085 1.021   -14.619 1.00 16.30 ? 26  ALA A O   1 
ATOM   206 C  CB  . ALA A 1 26 ? -8.004  0.985   -11.989 1.00 16.60 ? 26  ALA A CB  1 
ATOM   207 N  N   . ASN A 1 27 ? -10.056 -0.869  -13.417 1.00 17.74 ? 27  ASN A N   1 
ATOM   208 C  CA  . ASN A 1 27 ? -10.436 -1.659  -14.573 1.00 17.98 ? 27  ASN A CA  1 
ATOM   209 C  C   . ASN A 1 27 ? -11.862 -1.386  -15.016 1.00 18.35 ? 27  ASN A C   1 
ATOM   210 O  O   . ASN A 1 27 ? -12.198 -1.583  -16.183 1.00 21.34 ? 27  ASN A O   1 
ATOM   211 C  CB  . ASN A 1 27 ? -10.168 -3.138  -14.295 1.00 18.20 ? 27  ASN A CB  1 
ATOM   212 C  CG  . ASN A 1 27 ? -8.688  -3.437  -14.326 1.00 18.52 ? 27  ASN A CG  1 
ATOM   213 O  OD1 . ASN A 1 27 ? -8.036  -3.212  -15.341 1.00 19.44 ? 27  ASN A OD1 1 
ATOM   214 N  ND2 . ASN A 1 27 ? -8.136  -3.907  -13.209 1.00 13.03 ? 27  ASN A ND2 1 
ATOM   215 N  N   . GLU A 1 28 ? -12.696 -0.901  -14.099 1.00 17.65 ? 28  GLU A N   1 
ATOM   216 C  CA  . GLU A 1 28 ? -14.061 -0.540  -14.458 1.00 20.77 ? 28  GLU A CA  1 
ATOM   217 C  C   . GLU A 1 28 ? -13.974 0.641   -15.422 1.00 20.40 ? 28  GLU A C   1 
ATOM   218 O  O   . GLU A 1 28 ? -14.805 0.793   -16.314 1.00 21.43 ? 28  GLU A O   1 
ATOM   219 C  CB  . GLU A 1 28 ? -14.871 -0.105  -13.222 1.00 15.10 ? 28  GLU A CB  1 
ATOM   220 C  CG  . GLU A 1 28 ? -15.482 -1.245  -12.409 1.00 19.14 ? 28  GLU A CG  1 
ATOM   221 C  CD  . GLU A 1 28 ? -16.022 -0.756  -11.080 1.00 20.05 ? 28  GLU A CD  1 
ATOM   222 O  OE1 . GLU A 1 28 ? -16.644 -1.549  -10.361 1.00 20.76 ? 28  GLU A OE1 1 
ATOM   223 O  OE2 . GLU A 1 28 ? -15.820 0.433   -10.753 1.00 26.40 ? 28  GLU A OE2 1 
ATOM   224 N  N   . LEU A 1 29 ? -12.953 1.468   -15.235 1.00 21.29 ? 29  LEU A N   1 
ATOM   225 C  CA  . LEU A 1 29 ? -12.757 2.662   -16.061 1.00 21.51 ? 29  LEU A CA  1 
ATOM   226 C  C   . LEU A 1 29 ? -11.796 2.414   -17.207 1.00 22.86 ? 29  LEU A C   1 
ATOM   227 O  O   . LEU A 1 29 ? -11.492 3.329   -17.973 1.00 22.09 ? 29  LEU A O   1 
ATOM   228 C  CB  . LEU A 1 29 ? -12.201 3.809   -15.203 1.00 23.85 ? 29  LEU A CB  1 
ATOM   229 C  CG  . LEU A 1 29 ? -13.086 4.436   -14.120 1.00 22.57 ? 29  LEU A CG  1 
ATOM   230 C  CD1 . LEU A 1 29 ? -12.222 5.268   -13.177 1.00 24.98 ? 29  LEU A CD1 1 
ATOM   231 C  CD2 . LEU A 1 29 ? -14.163 5.294   -14.754 1.00 22.77 ? 29  LEU A CD2 1 
ATOM   232 N  N   . ASP A 1 30 ? -11.301 1.186   -17.317 1.00 21.62 ? 30  ASP A N   1 
ATOM   233 C  CA  . ASP A 1 30 ? -10.347 0.847   -18.368 1.00 23.57 ? 30  ASP A CA  1 
ATOM   234 C  C   . ASP A 1 30 ? -9.097  1.715   -18.228 1.00 24.33 ? 30  ASP A C   1 
ATOM   235 O  O   . ASP A 1 30 ? -8.425  2.057   -19.206 1.00 23.20 ? 30  ASP A O   1 
ATOM   236 C  CB  . ASP A 1 30 ? -10.999 1.014   -19.744 1.00 25.25 ? 30  ASP A CB  1 
ATOM   237 C  CG  . ASP A 1 30 ? -12.084 -0.029  -19.994 1.00 31.49 ? 30  ASP A CG  1 
ATOM   238 O  OD1 . ASP A 1 30 ? -13.038 0.248   -20.756 1.00 31.76 ? 30  ASP A OD1 1 
ATOM   239 O  OD2 . ASP A 1 30 ? -11.980 -1.142  -19.430 1.00 30.01 ? 30  ASP A OD2 1 
ATOM   240 N  N   . ALA A 1 31 ? -8.782  2.054   -16.982 1.00 21.87 ? 31  ALA A N   1 
ATOM   241 C  CA  . ALA A 1 31 ? -7.601  2.858   -16.680 1.00 21.31 ? 31  ALA A CA  1 
ATOM   242 C  C   . ALA A 1 31 ? -6.478  1.866   -16.387 1.00 22.79 ? 31  ALA A C   1 
ATOM   243 O  O   . ALA A 1 31 ? -6.137  1.623   -15.222 1.00 21.56 ? 31  ALA A O   1 
ATOM   244 C  CB  . ALA A 1 31 ? -7.873  3.723   -15.468 1.00 15.35 ? 31  ALA A CB  1 
ATOM   245 N  N   . ASP A 1 32 ? -5.903  1.303   -17.450 1.00 21.34 ? 32  ASP A N   1 
ATOM   246 C  CA  . ASP A 1 32 ? -4.848  0.305   -17.340 1.00 23.51 ? 32  ASP A CA  1 
ATOM   247 C  C   . ASP A 1 32 ? -3.599  0.719   -16.584 1.00 21.88 ? 32  ASP A C   1 
ATOM   248 O  O   . ASP A 1 32 ? -3.050  -0.076  -15.826 1.00 21.78 ? 32  ASP A O   1 
ATOM   249 C  CB  . ASP A 1 32 ? -4.454  -0.187  -18.731 1.00 27.18 ? 32  ASP A CB  1 
ATOM   250 C  CG  . ASP A 1 32 ? -5.518  -1.065  -19.352 1.00 32.83 ? 32  ASP A CG  1 
ATOM   251 O  OD1 . ASP A 1 32 ? -6.687  -0.959  -18.933 1.00 27.15 ? 32  ASP A OD1 1 
ATOM   252 O  OD2 . ASP A 1 32 ? -5.187  -1.857  -20.258 1.00 34.80 ? 32  ASP A OD2 1 
ATOM   253 N  N   . GLU A 1 33 ? -3.139  1.954   -16.790 1.00 21.05 ? 33  GLU A N   1 
ATOM   254 C  CA  . GLU A 1 33 ? -1.943  2.424   -16.099 1.00 22.24 ? 33  GLU A CA  1 
ATOM   255 C  C   . GLU A 1 33 ? -2.155  2.463   -14.585 1.00 20.10 ? 33  GLU A C   1 
ATOM   256 O  O   . GLU A 1 33 ? -1.329  1.968   -13.808 1.00 19.11 ? 33  GLU A O   1 
ATOM   257 C  CB  . GLU A 1 33 ? -1.554  3.825   -16.596 1.00 25.49 ? 33  GLU A CB  1 
ATOM   258 C  CG  . GLU A 1 33 ? -0.185  4.263   -16.124 1.00 32.55 ? 33  GLU A CG  1 
ATOM   259 C  CD  . GLU A 1 33 ? 0.151   5.669   -16.568 1.00 42.81 ? 33  GLU A CD  1 
ATOM   260 O  OE1 . GLU A 1 33 ? 1.328   6.073   -16.444 1.00 45.89 ? 33  GLU A OE1 1 
ATOM   261 O  OE2 . GLU A 1 33 ? -0.770  6.373   -17.036 1.00 44.33 ? 33  GLU A OE2 1 
ATOM   262 N  N   . ILE A 1 34 ? -3.266  3.050   -14.171 1.00 16.12 ? 34  ILE A N   1 
ATOM   263 C  CA  . ILE A 1 34 ? -3.569  3.146   -12.756 1.00 17.69 ? 34  ILE A CA  1 
ATOM   264 C  C   . ILE A 1 34 ? -3.718  1.738   -12.169 1.00 18.96 ? 34  ILE A C   1 
ATOM   265 O  O   . ILE A 1 34 ? -3.223  1.467   -11.062 1.00 14.89 ? 34  ILE A O   1 
ATOM   266 C  CB  . ILE A 1 34 ? -4.841  3.996   -12.539 1.00 18.49 ? 34  ILE A CB  1 
ATOM   267 C  CG1 . ILE A 1 34 ? -4.479  5.486   -12.699 1.00 19.08 ? 34  ILE A CG1 1 
ATOM   268 C  CG2 . ILE A 1 34 ? -5.466  3.699   -11.166 1.00 14.01 ? 34  ILE A CG2 1 
ATOM   269 C  CD1 . ILE A 1 34 ? -5.638  6.438   -12.429 1.00 16.89 ? 34  ILE A CD1 1 
ATOM   270 N  N   . ALA A 1 35 ? -4.362  0.838   -12.919 1.00 13.62 ? 35  ALA A N   1 
ATOM   271 C  CA  . ALA A 1 35 ? -4.528  -0.536  -12.458 1.00 13.55 ? 35  ALA A CA  1 
ATOM   272 C  C   . ALA A 1 35 ? -3.183  -1.215  -12.237 1.00 16.34 ? 35  ALA A C   1 
ATOM   273 O  O   . ALA A 1 35 ? -2.983  -1.903  -11.223 1.00 15.87 ? 35  ALA A O   1 
ATOM   274 C  CB  . ALA A 1 35 ? -5.357  -1.349  -13.469 1.00 16.44 ? 35  ALA A CB  1 
ATOM   275 N  N   . ASP A 1 36 ? -2.262  -1.036  -13.182 1.00 14.41 ? 36  ASP A N   1 
ATOM   276 C  CA  . ASP A 1 36 ? -0.951  -1.669  -13.059 1.00 16.73 ? 36  ASP A CA  1 
ATOM   277 C  C   . ASP A 1 36 ? -0.206  -1.191  -11.816 1.00 18.26 ? 36  ASP A C   1 
ATOM   278 O  O   . ASP A 1 36 ? 0.470   -1.977  -11.145 1.00 13.49 ? 36  ASP A O   1 
ATOM   279 C  CB  . ASP A 1 36 ? -0.099  -1.411  -14.309 1.00 15.41 ? 36  ASP A CB  1 
ATOM   280 C  CG  . ASP A 1 36 ? -0.699  -2.040  -15.568 1.00 27.04 ? 36  ASP A CG  1 
ATOM   281 O  OD1 . ASP A 1 36 ? -1.540  -2.955  -15.455 1.00 18.40 ? 36  ASP A OD1 1 
ATOM   282 O  OD2 . ASP A 1 36 ? -0.321  -1.619  -16.680 1.00 21.42 ? 36  ASP A OD2 1 
ATOM   283 N  N   . ILE A 1 37 ? -0.309  0.099   -11.508 1.00 17.18 ? 37  ILE A N   1 
ATOM   284 C  CA  . ILE A 1 37 ? 0.363   0.607   -10.313 1.00 15.10 ? 37  ILE A CA  1 
ATOM   285 C  C   . ILE A 1 37 ? -0.306  0.009   -9.067  1.00 12.14 ? 37  ILE A C   1 
ATOM   286 O  O   . ILE A 1 37 ? 0.362   -0.371  -8.107  1.00 13.05 ? 37  ILE A O   1 
ATOM   287 C  CB  . ILE A 1 37 ? 0.295   2.143   -10.258 1.00 11.32 ? 37  ILE A CB  1 
ATOM   288 C  CG1 . ILE A 1 37 ? 1.016   2.708   -11.494 1.00 11.53 ? 37  ILE A CG1 1 
ATOM   289 C  CG2 . ILE A 1 37 ? 0.963   2.664   -8.966  1.00 7.85  ? 37  ILE A CG2 1 
ATOM   290 C  CD1 . ILE A 1 37 ? 0.629   4.115   -11.802 1.00 8.85  ? 37  ILE A CD1 1 
ATOM   291 N  N   . ALA A 1 38 ? -1.625  -0.096  -9.098  1.00 13.74 ? 38  ALA A N   1 
ATOM   292 C  CA  . ALA A 1 38 ? -2.348  -0.636  -7.957  1.00 16.38 ? 38  ALA A CA  1 
ATOM   293 C  C   . ALA A 1 38 ? -1.968  -2.096  -7.766  1.00 17.45 ? 38  ALA A C   1 
ATOM   294 O  O   . ALA A 1 38 ? -1.919  -2.597  -6.639  1.00 14.16 ? 38  ALA A O   1 
ATOM   295 C  CB  . ALA A 1 38 ? -3.849  -0.484  -8.174  1.00 10.51 ? 38  ALA A CB  1 
ATOM   296 N  N   . GLU A 1 39 ? -1.680  -2.777  -8.875  1.00 13.25 ? 39  GLU A N   1 
ATOM   297 C  CA  . GLU A 1 39 ? -1.294  -4.161  -8.805  1.00 13.57 ? 39  GLU A CA  1 
ATOM   298 C  C   . GLU A 1 39 ? 0.053   -4.274  -8.091  1.00 13.01 ? 39  GLU A C   1 
ATOM   299 O  O   . GLU A 1 39 ? 0.253   -5.139  -7.230  1.00 12.02 ? 39  GLU A O   1 
ATOM   300 C  CB  . GLU A 1 39 ? -1.201  -4.768  -10.221 1.00 13.05 ? 39  GLU A CB  1 
ATOM   301 C  CG  . GLU A 1 39 ? -0.768  -6.227  -10.205 1.00 12.48 ? 39  GLU A CG  1 
ATOM   302 C  CD  . GLU A 1 39 ? -0.837  -6.914  -11.583 1.00 20.28 ? 39  GLU A CD  1 
ATOM   303 O  OE1 . GLU A 1 39 ? -0.486  -8.105  -11.678 1.00 29.20 ? 39  GLU A OE1 1 
ATOM   304 O  OE2 . GLU A 1 39 ? -1.247  -6.278  -12.568 1.00 20.46 ? 39  GLU A OE2 1 
ATOM   305 N  N   . SER A 1 40 ? 0.970   -3.387  -8.446  1.00 15.10 ? 40  SER A N   1 
ATOM   306 C  CA  . SER A 1 40 ? 2.310   -3.367  -7.867  1.00 12.76 ? 40  SER A CA  1 
ATOM   307 C  C   . SER A 1 40 ? 2.174   -3.081  -6.371  1.00 13.36 ? 40  SER A C   1 
ATOM   308 O  O   . SER A 1 40 ? 2.887   -3.652  -5.531  1.00 15.85 ? 40  SER A O   1 
ATOM   309 C  CB  . SER A 1 40 ? 3.125   -2.244  -8.540  1.00 15.79 ? 40  SER A CB  1 
ATOM   310 O  OG  . SER A 1 40 ? 4.475   -2.243  -8.127  1.00 28.38 ? 40  SER A OG  1 
ATOM   311 N  N   . ILE A 1 41 ? 1.252   -2.185  -6.041  1.00 13.29 ? 41  ILE A N   1 
ATOM   312 C  CA  . ILE A 1 41 ? 1.050   -1.812  -4.642  1.00 12.31 ? 41  ILE A CA  1 
ATOM   313 C  C   . ILE A 1 41 ? 0.520   -3.030  -3.879  1.00 11.47 ? 41  ILE A C   1 
ATOM   314 O  O   . ILE A 1 41 ? 1.026   -3.387  -2.812  1.00 11.56 ? 41  ILE A O   1 
ATOM   315 C  CB  . ILE A 1 41 ? 0.088   -0.595  -4.539  1.00 8.96  ? 41  ILE A CB  1 
ATOM   316 C  CG1 . ILE A 1 41 ? 0.837   0.687   -4.969  1.00 8.44  ? 41  ILE A CG1 1 
ATOM   317 C  CG2 . ILE A 1 41 ? -0.485  -0.499  -3.126  1.00 9.42  ? 41  ILE A CG2 1 
ATOM   318 C  CD1 . ILE A 1 41 ? 0.003   2.003   -4.907  1.00 8.96  ? 41  ILE A CD1 1 
ATOM   319 N  N   . HIS A 1 42 ? -0.472  -3.699  -4.443  1.00 7.03  ? 42  HIS A N   1 
ATOM   320 C  CA  . HIS A 1 42 ? -0.999  -4.888  -3.791  1.00 12.31 ? 42  HIS A CA  1 
ATOM   321 C  C   . HIS A 1 42 ? 0.117   -5.912  -3.562  1.00 14.81 ? 42  HIS A C   1 
ATOM   322 O  O   . HIS A 1 42 ? 0.196   -6.542  -2.494  1.00 12.82 ? 42  HIS A O   1 
ATOM   323 C  CB  . HIS A 1 42 ? -2.090  -5.517  -4.659  1.00 9.72  ? 42  HIS A CB  1 
ATOM   324 C  CG  . HIS A 1 42 ? -2.628  -6.782  -4.091  1.00 14.26 ? 42  HIS A CG  1 
ATOM   325 N  ND1 . HIS A 1 42 ? -1.944  -7.976  -4.170  1.00 15.52 ? 42  HIS A ND1 1 
ATOM   326 C  CD2 . HIS A 1 42 ? -3.738  -7.029  -3.360  1.00 15.48 ? 42  HIS A CD2 1 
ATOM   327 C  CE1 . HIS A 1 42 ? -2.610  -8.906  -3.506  1.00 15.46 ? 42  HIS A CE1 1 
ATOM   328 N  NE2 . HIS A 1 42 ? -3.702  -8.356  -3.005  1.00 17.43 ? 42  HIS A NE2 1 
ATOM   329 N  N   . ASP A 1 43 ? 0.981   -6.084  -4.566  1.00 14.06 ? 43  ASP A N   1 
ATOM   330 C  CA  . ASP A 1 43 ? 2.070   -7.059  -4.452  1.00 14.54 ? 43  ASP A CA  1 
ATOM   331 C  C   . ASP A 1 43 ? 3.020   -6.710  -3.315  1.00 16.63 ? 43  ASP A C   1 
ATOM   332 O  O   . ASP A 1 43 ? 3.450   -7.597  -2.556  1.00 12.95 ? 43  ASP A O   1 
ATOM   333 C  CB  . ASP A 1 43 ? 2.857   -7.160  -5.769  1.00 15.07 ? 43  ASP A CB  1 
ATOM   334 C  CG  . ASP A 1 43 ? 2.069   -7.868  -6.878  1.00 20.82 ? 43  ASP A CG  1 
ATOM   335 O  OD1 . ASP A 1 43 ? 1.117   -8.599  -6.560  1.00 20.53 ? 43  ASP A OD1 1 
ATOM   336 O  OD2 . ASP A 1 43 ? 2.421   -7.708  -8.069  1.00 22.48 ? 43  ASP A OD2 1 
ATOM   337 N  N   . HIS A 1 44 ? 3.362   -5.426  -3.195  1.00 8.29  ? 44  HIS A N   1 
ATOM   338 C  CA  . HIS A 1 44 ? 4.265   -4.995  -2.128  1.00 14.24 ? 44  HIS A CA  1 
ATOM   339 C  C   . HIS A 1 44 ? 3.656   -5.087  -0.735  1.00 10.70 ? 44  HIS A C   1 
ATOM   340 O  O   . HIS A 1 44 ? 4.345   -5.460  0.220   1.00 13.09 ? 44  HIS A O   1 
ATOM   341 C  CB  . HIS A 1 44 ? 4.744   -3.561  -2.361  1.00 16.04 ? 44  HIS A CB  1 
ATOM   342 C  CG  . HIS A 1 44 ? 5.821   -3.452  -3.393  1.00 18.13 ? 44  HIS A CG  1 
ATOM   343 N  ND1 . HIS A 1 44 ? 5.579   -3.609  -4.741  1.00 17.29 ? 44  HIS A ND1 1 
ATOM   344 C  CD2 . HIS A 1 44 ? 7.157   -3.271  -3.268  1.00 18.23 ? 44  HIS A CD2 1 
ATOM   345 C  CE1 . HIS A 1 44 ? 6.721   -3.536  -5.401  1.00 21.03 ? 44  HIS A CE1 1 
ATOM   346 N  NE2 . HIS A 1 44 ? 7.695   -3.334  -4.530  1.00 20.86 ? 44  HIS A NE2 1 
ATOM   347 N  N   . ALA A 1 45 ? 2.382   -4.726  -0.613  1.00 14.94 ? 45  ALA A N   1 
ATOM   348 C  CA  . ALA A 1 45 ? 1.683   -4.801  0.681   1.00 14.22 ? 45  ALA A CA  1 
ATOM   349 C  C   . ALA A 1 45 ? 1.596   -6.283  1.115   1.00 15.04 ? 45  ALA A C   1 
ATOM   350 O  O   . ALA A 1 45 ? 1.775   -6.613  2.301   1.00 11.20 ? 45  ALA A O   1 
ATOM   351 C  CB  . ALA A 1 45 ? 0.253   -4.194  0.551   1.00 8.20  ? 45  ALA A CB  1 
ATOM   352 N  N   . ASP A 1 46 ? 1.330   -7.177  0.154   1.00 14.19 ? 46  ASP A N   1 
ATOM   353 C  CA  . ASP A 1 46 ? 1.221   -8.618  0.443   1.00 11.93 ? 46  ASP A CA  1 
ATOM   354 C  C   . ASP A 1 46 ? 2.570   -9.174  0.911   1.00 11.68 ? 46  ASP A C   1 
ATOM   355 O  O   . ASP A 1 46 ? 2.665   -9.980  1.852   1.00 14.02 ? 46  ASP A O   1 
ATOM   356 C  CB  . ASP A 1 46 ? 0.776   -9.393  -0.817  1.00 14.05 ? 46  ASP A CB  1 
ATOM   357 C  CG  . ASP A 1 46 ? 0.384   -10.830 -0.503  1.00 18.66 ? 46  ASP A CG  1 
ATOM   358 O  OD1 . ASP A 1 46 ? 0.859   -11.749 -1.185  1.00 24.03 ? 46  ASP A OD1 1 
ATOM   359 O  OD2 . ASP A 1 46 ? -0.406  -11.046 0.435   1.00 24.88 ? 46  ASP A OD2 1 
ATOM   360 N  N   . GLU A 1 47 ? 3.623   -8.732  0.237   1.00 16.26 ? 47  GLU A N   1 
ATOM   361 C  CA  . GLU A 1 47 ? 4.964   -9.158  0.566   1.00 13.03 ? 47  GLU A CA  1 
ATOM   362 C  C   . GLU A 1 47 ? 5.351   -8.653  1.961   1.00 13.68 ? 47  GLU A C   1 
ATOM   363 O  O   . GLU A 1 47 ? 5.997   -9.365  2.731   1.00 11.19 ? 47  GLU A O   1 
ATOM   364 C  CB  . GLU A 1 47 ? 5.933   -8.623  -0.496  1.00 18.61 ? 47  GLU A CB  1 
ATOM   365 C  CG  . GLU A 1 47 ? 7.348   -9.170  -0.403  1.00 19.12 ? 47  GLU A CG  1 
ATOM   366 C  CD  . GLU A 1 47 ? 7.391   -10.687 -0.347  1.00 27.55 ? 47  GLU A CD  1 
ATOM   367 O  OE1 . GLU A 1 47 ? 6.572   -11.343 -1.019  1.00 20.28 ? 47  GLU A OE1 1 
ATOM   368 O  OE2 . GLU A 1 47 ? 8.259   -11.221 0.371   1.00 28.69 ? 47  GLU A OE2 1 
ATOM   369 N  N   . ILE A 1 48 ? 4.957   -7.429  2.298   1.00 12.38 ? 48  ILE A N   1 
ATOM   370 C  CA  . ILE A 1 48 ? 5.304   -6.888  3.609   1.00 13.69 ? 48  ILE A CA  1 
ATOM   371 C  C   . ILE A 1 48 ? 4.596   -7.727  4.655   1.00 10.61 ? 48  ILE A C   1 
ATOM   372 O  O   . ILE A 1 48 ? 5.174   -8.135  5.680   1.00 10.91 ? 48  ILE A O   1 
ATOM   373 C  CB  . ILE A 1 48 ? 4.831   -5.416  3.779   1.00 14.91 ? 48  ILE A CB  1 
ATOM   374 C  CG1 . ILE A 1 48 ? 5.640   -4.473  2.879   1.00 13.87 ? 48  ILE A CG1 1 
ATOM   375 C  CG2 . ILE A 1 48 ? 5.006   -4.985  5.220   1.00 14.56 ? 48  ILE A CG2 1 
ATOM   376 C  CD1 . ILE A 1 48 ? 5.180   -3.009  2.968   1.00 10.56 ? 48  ILE A CD1 1 
ATOM   377 N  N   . TYR A 1 49 ? 3.319   -7.962  4.396   1.00 10.03 ? 49  TYR A N   1 
ATOM   378 C  CA  . TYR A 1 49 ? 2.501   -8.756  5.307   1.00 13.55 ? 49  TYR A CA  1 
ATOM   379 C  C   . TYR A 1 49 ? 3.089   -10.155 5.503   1.00 14.57 ? 49  TYR A C   1 
ATOM   380 O  O   . TYR A 1 49 ? 3.330   -10.572 6.636   1.00 13.19 ? 49  TYR A O   1 
ATOM   381 C  CB  . TYR A 1 49 ? 1.088   -8.823  4.750   1.00 10.70 ? 49  TYR A CB  1 
ATOM   382 C  CG  . TYR A 1 49 ? 0.118   -9.639  5.558   1.00 11.34 ? 49  TYR A CG  1 
ATOM   383 C  CD1 . TYR A 1 49 ? -0.272  -9.229  6.834   1.00 15.13 ? 49  TYR A CD1 1 
ATOM   384 C  CD2 . TYR A 1 49 ? -0.475  -10.776 5.015   1.00 14.39 ? 49  TYR A CD2 1 
ATOM   385 C  CE1 . TYR A 1 49 ? -1.251  -9.938  7.551   1.00 19.97 ? 49  TYR A CE1 1 
ATOM   386 C  CE2 . TYR A 1 49 ? -1.457  -11.495 5.720   1.00 15.03 ? 49  TYR A CE2 1 
ATOM   387 C  CZ  . TYR A 1 49 ? -1.838  -11.068 6.982   1.00 19.87 ? 49  TYR A CZ  1 
ATOM   388 O  OH  . TYR A 1 49 ? -2.805  -11.765 7.675   1.00 21.65 ? 49  TYR A OH  1 
ATOM   389 N  N   . ARG A 1 50 ? 3.355   -10.877 4.412   1.00 12.14 ? 50  ARG A N   1 
ATOM   390 C  CA  . ARG A 1 50 ? 3.911   -12.222 4.561   1.00 17.01 ? 50  ARG A CA  1 
ATOM   391 C  C   . ARG A 1 50 ? 5.306   -12.252 5.173   1.00 15.33 ? 50  ARG A C   1 
ATOM   392 O  O   . ARG A 1 50 ? 5.615   -13.144 5.948   1.00 15.54 ? 50  ARG A O   1 
ATOM   393 C  CB  . ARG A 1 50 ? 3.911   -12.957 3.217   1.00 16.18 ? 50  ARG A CB  1 
ATOM   394 C  CG  . ARG A 1 50 ? 2.504   -13.154 2.674   1.00 14.22 ? 50  ARG A CG  1 
ATOM   395 C  CD  . ARG A 1 50 ? 2.505   -13.909 1.360   1.00 13.96 ? 50  ARG A CD  1 
ATOM   396 N  NE  . ARG A 1 50 ? 1.167   -13.901 0.771   1.00 21.08 ? 50  ARG A NE  1 
ATOM   397 C  CZ  . ARG A 1 50 ? 0.212   -14.787 1.040   1.00 18.24 ? 50  ARG A CZ  1 
ATOM   398 N  NH1 . ARG A 1 50 ? 0.428   -15.783 1.900   1.00 19.86 ? 50  ARG A NH1 1 
ATOM   399 N  NH2 . ARG A 1 50 ? -0.959  -14.678 0.440   1.00 17.02 ? 50  ARG A NH2 1 
ATOM   400 N  N   . SER A 1 51 ? 6.147   -11.279 4.838   1.00 16.18 ? 51  SER A N   1 
ATOM   401 C  CA  . SER A 1 51 ? 7.505   -11.226 5.385   1.00 18.50 ? 51  SER A CA  1 
ATOM   402 C  C   . SER A 1 51 ? 7.486   -10.919 6.888   1.00 17.39 ? 51  SER A C   1 
ATOM   403 O  O   . SER A 1 51 ? 8.245   -11.510 7.670   1.00 16.53 ? 51  SER A O   1 
ATOM   404 C  CB  . SER A 1 51 ? 8.311   -10.158 4.639   1.00 24.60 ? 51  SER A CB  1 
ATOM   405 O  OG  . SER A 1 51 ? 9.399   -9.712  5.419   1.00 33.70 ? 51  SER A OG  1 
ATOM   406 N  N   . ALA A 1 52 ? 6.610   -9.994  7.284   1.00 16.23 ? 52  ALA A N   1 
ATOM   407 C  CA  . ALA A 1 52 ? 6.461   -9.617  8.683   1.00 15.44 ? 52  ALA A CA  1 
ATOM   408 C  C   . ALA A 1 52 ? 5.960   -10.815 9.476   1.00 17.27 ? 52  ALA A C   1 
ATOM   409 O  O   . ALA A 1 52 ? 6.403   -11.050 10.604  1.00 18.43 ? 52  ALA A O   1 
ATOM   410 C  CB  . ALA A 1 52 ? 5.485   -8.477  8.814   1.00 17.53 ? 52  ALA A CB  1 
ATOM   411 N  N   . LEU A 1 53 ? 5.021   -11.565 8.902   1.00 15.76 ? 53  LEU A N   1 
ATOM   412 C  CA  . LEU A 1 53 ? 4.503   -12.747 9.596   1.00 18.11 ? 53  LEU A CA  1 
ATOM   413 C  C   . LEU A 1 53 ? 5.605   -13.798 9.712   1.00 17.92 ? 53  LEU A C   1 
ATOM   414 O  O   . LEU A 1 53 ? 5.809   -14.387 10.777  1.00 16.36 ? 53  LEU A O   1 
ATOM   415 C  CB  . LEU A 1 53 ? 3.305   -13.334 8.844   1.00 13.25 ? 53  LEU A CB  1 
ATOM   416 C  CG  . LEU A 1 53 ? 2.002   -12.564 9.035   1.00 13.19 ? 53  LEU A CG  1 
ATOM   417 C  CD1 . LEU A 1 53 ? 0.959   -13.032 8.030   1.00 16.39 ? 53  LEU A CD1 1 
ATOM   418 C  CD2 . LEU A 1 53 ? 1.507   -12.761 10.467  1.00 18.06 ? 53  LEU A CD2 1 
ATOM   419 N  N   . ALA A 1 54 ? 6.319   -14.021 8.607   1.00 16.29 ? 54  ALA A N   1 
ATOM   420 C  CA  . ALA A 1 54 ? 7.392   -15.003 8.588   1.00 14.85 ? 54  ALA A CA  1 
ATOM   421 C  C   . ALA A 1 54 ? 8.434   -14.740 9.657   1.00 16.86 ? 54  ALA A C   1 
ATOM   422 O  O   . ALA A 1 54 ? 9.043   -15.674 10.152  1.00 18.26 ? 54  ALA A O   1 
ATOM   423 C  CB  . ALA A 1 54 ? 8.057   -15.042 7.209   1.00 18.07 ? 54  ALA A CB  1 
ATOM   424 N  N   . ARG A 1 55 ? 8.637   -13.473 10.016  1.00 19.07 ? 55  ARG A N   1 
ATOM   425 C  CA  . ARG A 1 55 ? 9.644   -13.103 11.023  1.00 23.65 ? 55  ARG A CA  1 
ATOM   426 C  C   . ARG A 1 55 ? 9.037   -12.612 12.339  1.00 20.74 ? 55  ARG A C   1 
ATOM   427 O  O   . ARG A 1 55 ? 9.730   -12.034 13.176  1.00 24.66 ? 55  ARG A O   1 
ATOM   428 C  CB  . ARG A 1 55 ? 10.559  -12.010 10.448  1.00 27.62 ? 55  ARG A CB  1 
ATOM   429 C  CG  . ARG A 1 55 ? 11.334  -12.444 9.179   1.00 33.50 ? 55  ARG A CG  1 
ATOM   430 C  CD  . ARG A 1 55 ? 12.198  -11.312 8.590   1.00 44.64 ? 55  ARG A CD  1 
ATOM   431 N  NE  . ARG A 1 55 ? 11.391  -10.257 7.974   1.00 51.53 ? 55  ARG A NE  1 
ATOM   432 C  CZ  . ARG A 1 55 ? 11.883  -9.153  7.415   1.00 56.78 ? 55  ARG A CZ  1 
ATOM   433 N  NH1 . ARG A 1 55 ? 13.194  -8.937  7.387   1.00 62.00 ? 55  ARG A NH1 1 
ATOM   434 N  NH2 . ARG A 1 55 ? 11.062  -8.263  6.874   1.00 58.08 ? 55  ARG A NH2 1 
ATOM   435 N  N   . PHE A 1 56 ? 7.756   -12.882 12.538  1.00 18.02 ? 56  PHE A N   1 
ATOM   436 C  CA  . PHE A 1 56 ? 7.052   -12.402 13.723  1.00 18.89 ? 56  PHE A CA  1 
ATOM   437 C  C   . PHE A 1 56 ? 7.710   -12.708 15.050  1.00 22.68 ? 56  PHE A C   1 
ATOM   438 O  O   . PHE A 1 56 ? 7.940   -13.870 15.389  1.00 19.67 ? 56  PHE A O   1 
ATOM   439 C  CB  . PHE A 1 56 ? 5.621   -12.930 13.750  1.00 17.32 ? 56  PHE A CB  1 
ATOM   440 C  CG  . PHE A 1 56 ? 4.708   -12.141 14.637  1.00 22.03 ? 56  PHE A CG  1 
ATOM   441 C  CD1 . PHE A 1 56 ? 4.524   -10.775 14.425  1.00 26.68 ? 56  PHE A CD1 1 
ATOM   442 C  CD2 . PHE A 1 56 ? 4.020   -12.756 15.676  1.00 23.99 ? 56  PHE A CD2 1 
ATOM   443 C  CE1 . PHE A 1 56 ? 3.664   -10.033 15.237  1.00 27.86 ? 56  PHE A CE1 1 
ATOM   444 C  CE2 . PHE A 1 56 ? 3.164   -12.027 16.487  1.00 27.68 ? 56  PHE A CE2 1 
ATOM   445 C  CZ  . PHE A 1 56 ? 2.985   -10.667 16.269  1.00 28.14 ? 56  PHE A CZ  1 
ATOM   446 N  N   . GLY A 1 57 ? 7.987   -11.641 15.801  1.00 23.10 ? 57  GLY A N   1 
ATOM   447 C  CA  . GLY A 1 57 ? 8.604   -11.764 17.109  1.00 26.77 ? 57  GLY A CA  1 
ATOM   448 C  C   . GLY A 1 57 ? 9.980   -12.396 17.120  1.00 31.26 ? 57  GLY A C   1 
ATOM   449 O  O   . GLY A 1 57 ? 10.494  -12.739 18.186  1.00 31.99 ? 57  GLY A O   1 
ATOM   450 N  N   . ASP A 1 58 ? 10.594  -12.532 15.949  1.00 33.00 ? 58  ASP A N   1 
ATOM   451 C  CA  . ASP A 1 58 ? 11.902  -13.159 15.860  1.00 35.84 ? 58  ASP A CA  1 
ATOM   452 C  C   . ASP A 1 58 ? 13.071  -12.352 16.426  1.00 41.95 ? 58  ASP A C   1 
ATOM   453 O  O   . ASP A 1 58 ? 13.995  -12.925 17.005  1.00 47.31 ? 58  ASP A O   1 
ATOM   454 C  CB  . ASP A 1 58 ? 12.196  -13.547 14.411  1.00 30.20 ? 58  ASP A CB  1 
ATOM   455 C  CG  . ASP A 1 58 ? 11.373  -14.747 13.945  1.00 20.99 ? 58  ASP A CG  1 
ATOM   456 O  OD1 . ASP A 1 58 ? 10.555  -15.275 14.724  1.00 25.28 ? 58  ASP A OD1 1 
ATOM   457 O  OD2 . ASP A 1 58 ? 11.554  -15.156 12.789  1.00 23.06 ? 58  ASP A OD2 1 
ATOM   458 N  N   . ASP A 1 59 ? 13.051  -11.037 16.268  1.00 47.29 ? 59  ASP A N   1 
ATOM   459 C  CA  . ASP A 1 59 ? 14.154  -10.237 16.784  1.00 53.14 ? 59  ASP A CA  1 
ATOM   460 C  C   . ASP A 1 59 ? 13.960  -9.803  18.231  1.00 54.38 ? 59  ASP A C   1 
ATOM   461 O  O   . ASP A 1 59 ? 14.529  -8.803  18.669  1.00 57.10 ? 59  ASP A O   1 
ATOM   462 C  CB  . ASP A 1 59 ? 14.392  -9.019  15.889  1.00 57.62 ? 59  ASP A CB  1 
ATOM   463 C  CG  . ASP A 1 59 ? 15.107  -9.381  14.593  1.00 63.70 ? 59  ASP A CG  1 
ATOM   464 O  OD1 . ASP A 1 59 ? 16.169  -10.042 14.666  1.00 64.48 ? 59  ASP A OD1 1 
ATOM   465 O  OD2 . ASP A 1 59 ? 14.616  -9.004  13.506  1.00 66.34 ? 59  ASP A OD2 1 
ATOM   466 N  N   . GLY A 1 60 ? 13.170  -10.572 18.974  1.00 53.96 ? 60  GLY A N   1 
ATOM   467 C  C   . GLU B 1 5  ? 14.558  -7.836  -0.730  1.00 44.80 ? 5   GLU B C   1 
ATOM   468 O  O   . GLU B 1 5  ? 15.273  -7.660  0.259   1.00 47.06 ? 5   GLU B O   1 
ATOM   469 N  N   . LYS B 1 6  ? 13.488  -7.092  -0.990  1.00 42.11 ? 6   LYS B N   1 
ATOM   470 C  CA  . LYS B 1 6  ? 13.387  -5.711  -0.526  1.00 37.68 ? 6   LYS B CA  1 
ATOM   471 C  C   . LYS B 1 6  ? 13.004  -5.687  0.954   1.00 33.70 ? 6   LYS B C   1 
ATOM   472 O  O   . LYS B 1 6  ? 12.216  -6.515  1.415   1.00 31.91 ? 6   LYS B O   1 
ATOM   473 C  CB  . LYS B 1 6  ? 12.336  -4.962  -1.364  1.00 40.33 ? 6   LYS B CB  1 
ATOM   474 C  CG  . LYS B 1 6  ? 12.646  -4.969  -2.861  1.00 38.38 ? 6   LYS B CG  1 
ATOM   475 C  CD  . LYS B 1 6  ? 11.445  -4.602  -3.746  1.00 39.10 ? 6   LYS B CD  1 
ATOM   476 C  CE  . LYS B 1 6  ? 11.192  -3.102  -3.842  1.00 33.58 ? 6   LYS B CE  1 
ATOM   477 N  NZ  . LYS B 1 6  ? 10.224  -2.809  -4.949  1.00 29.22 ? 6   LYS B NZ  1 
ATOM   478 N  N   . THR B 1 7  ? 13.567  -4.753  1.707   1.00 27.99 ? 7   THR B N   1 
ATOM   479 C  CA  . THR B 1 7  ? 13.229  -4.653  3.124   1.00 27.98 ? 7   THR B CA  1 
ATOM   480 C  C   . THR B 1 7  ? 11.820  -4.095  3.268   1.00 27.52 ? 7   THR B C   1 
ATOM   481 O  O   . THR B 1 7  ? 11.275  -3.488  2.338   1.00 24.42 ? 7   THR B O   1 
ATOM   482 C  CB  . THR B 1 7  ? 14.161  -3.700  3.859   1.00 28.69 ? 7   THR B CB  1 
ATOM   483 O  OG1 . THR B 1 7  ? 14.081  -2.410  3.242   1.00 24.44 ? 7   THR B OG1 1 
ATOM   484 C  CG2 . THR B 1 7  ? 15.596  -4.211  3.809   1.00 24.17 ? 7   THR B CG2 1 
ATOM   485 N  N   . ILE B 1 8  ? 11.229  -4.302  4.438   1.00 22.11 ? 8   ILE B N   1 
ATOM   486 C  CA  . ILE B 1 8  ? 9.895   -3.791  4.695   1.00 21.46 ? 8   ILE B CA  1 
ATOM   487 C  C   . ILE B 1 8  ? 9.915   -2.270  4.559   1.00 19.55 ? 8   ILE B C   1 
ATOM   488 O  O   . ILE B 1 8  ? 8.988   -1.683  3.996   1.00 21.67 ? 8   ILE B O   1 
ATOM   489 C  CB  . ILE B 1 8  ? 9.409   -4.184  6.119   1.00 25.14 ? 8   ILE B CB  1 
ATOM   490 C  CG1 . ILE B 1 8  ? 8.944   -5.647  6.119   1.00 25.54 ? 8   ILE B CG1 1 
ATOM   491 C  CG2 . ILE B 1 8  ? 8.274   -3.271  6.574   1.00 26.09 ? 8   ILE B CG2 1 
ATOM   492 C  CD1 . ILE B 1 8  ? 8.412   -6.126  7.469   1.00 23.86 ? 8   ILE B CD1 1 
ATOM   493 N  N   . LEU B 1 9  ? 10.982  -1.647  5.069   1.00 17.97 ? 9   LEU B N   1 
ATOM   494 C  CA  . LEU B 1 9  ? 11.126  -0.192  5.004   1.00 18.80 ? 9   LEU B CA  1 
ATOM   495 C  C   . LEU B 1 9  ? 11.085  0.241   3.530   1.00 20.09 ? 9   LEU B C   1 
ATOM   496 O  O   . LEU B 1 9  ? 10.269  1.073   3.130   1.00 16.67 ? 9   LEU B O   1 
ATOM   497 C  CB  . LEU B 1 9  ? 12.441  0.231   5.672   1.00 21.47 ? 9   LEU B CB  1 
ATOM   498 C  CG  . LEU B 1 9  ? 12.763  1.729   5.758   1.00 28.54 ? 9   LEU B CG  1 
ATOM   499 C  CD1 . LEU B 1 9  ? 11.612  2.467   6.427   1.00 26.01 ? 9   LEU B CD1 1 
ATOM   500 C  CD2 . LEU B 1 9  ? 14.050  1.927   6.550   1.00 26.54 ? 9   LEU B CD2 1 
ATOM   501 N  N   . ASN B 1 10 ? 11.932  -0.359  2.706   1.00 18.76 ? 10  ASN B N   1 
ATOM   502 C  CA  . ASN B 1 10 ? 11.927  -0.003  1.296   1.00 18.95 ? 10  ASN B CA  1 
ATOM   503 C  C   . ASN B 1 10 ? 10.641  -0.345  0.549   1.00 17.46 ? 10  ASN B C   1 
ATOM   504 O  O   . ASN B 1 10 ? 10.305  0.313   -0.436  1.00 13.88 ? 10  ASN B O   1 
ATOM   505 C  CB  . ASN B 1 10 ? 13.139  -0.611  0.600   1.00 24.00 ? 10  ASN B CB  1 
ATOM   506 C  CG  . ASN B 1 10 ? 14.408  0.174   0.900   1.00 29.20 ? 10  ASN B CG  1 
ATOM   507 O  OD1 . ASN B 1 10 ? 14.425  1.408   0.783   1.00 27.03 ? 10  ASN B OD1 1 
ATOM   508 N  ND2 . ASN B 1 10 ? 15.470  -0.528  1.293   1.00 25.85 ? 10  ASN B ND2 1 
ATOM   509 N  N   . MET B 1 11 ? 9.913   -1.370  0.989   1.00 16.52 ? 11  MET B N   1 
ATOM   510 C  CA  . MET B 1 11 ? 8.665   -1.659  0.306   1.00 14.84 ? 11  MET B CA  1 
ATOM   511 C  C   . MET B 1 11 ? 7.626   -0.615  0.735   1.00 16.47 ? 11  MET B C   1 
ATOM   512 O  O   . MET B 1 11 ? 6.734   -0.291  -0.030  1.00 11.44 ? 11  MET B O   1 
ATOM   513 C  CB  . MET B 1 11 ? 8.186   -3.079  0.613   1.00 12.88 ? 11  MET B CB  1 
ATOM   514 C  CG  . MET B 1 11 ? 9.141   -4.154  0.106   1.00 13.11 ? 11  MET B CG  1 
ATOM   515 S  SD  . MET B 1 11 ? 8.420   -5.836  0.142   1.00 23.43 ? 11  MET B SD  1 
ATOM   516 C  CE  . MET B 1 11 ? 8.701   -6.297  1.884   1.00 20.49 ? 11  MET B CE  1 
ATOM   517 N  N   . ALA B 1 12 ? 7.735   -0.076  1.949   1.00 15.25 ? 12  ALA B N   1 
ATOM   518 C  CA  . ALA B 1 12 ? 6.766   0.925   2.373   1.00 17.47 ? 12  ALA B CA  1 
ATOM   519 C  C   . ALA B 1 12 ? 7.058   2.222   1.619   1.00 17.71 ? 12  ALA B C   1 
ATOM   520 O  O   . ALA B 1 12 ? 6.138   2.981   1.295   1.00 12.27 ? 12  ALA B O   1 
ATOM   521 C  CB  . ALA B 1 12 ? 6.836   1.155   3.912   1.00 14.33 ? 12  ALA B CB  1 
ATOM   522 N  N   . ARG B 1 13 ? 8.335   2.465   1.329   1.00 17.08 ? 13  ARG B N   1 
ATOM   523 C  CA  . ARG B 1 13 ? 8.721   3.662   0.586   1.00 16.66 ? 13  ARG B CA  1 
ATOM   524 C  C   . ARG B 1 13 ? 8.137   3.569   -0.829  1.00 15.09 ? 13  ARG B C   1 
ATOM   525 O  O   . ARG B 1 13 ? 7.636   4.567   -1.374  1.00 12.75 ? 13  ARG B O   1 
ATOM   526 C  CB  . ARG B 1 13 ? 10.255  3.804   0.518   1.00 15.82 ? 13  ARG B CB  1 
ATOM   527 C  CG  . ARG B 1 13 ? 10.919  4.266   1.828   1.00 21.72 ? 13  ARG B CG  1 
ATOM   528 C  CD  . ARG B 1 13 ? 12.415  4.598   1.620   1.00 24.30 ? 13  ARG B CD  1 
ATOM   529 N  NE  . ARG B 1 13 ? 12.987  5.302   2.762   1.00 27.75 ? 13  ARG B NE  1 
ATOM   530 C  CZ  . ARG B 1 13 ? 13.989  4.847   3.517   1.00 34.73 ? 13  ARG B CZ  1 
ATOM   531 N  NH1 . ARG B 1 13 ? 14.552  3.669   3.260   1.00 29.57 ? 13  ARG B NH1 1 
ATOM   532 N  NH2 . ARG B 1 13 ? 14.431  5.572   4.541   1.00 28.47 ? 13  ARG B NH2 1 
ATOM   533 N  N   . PHE B 1 14 ? 8.195   2.368   -1.411  1.00 12.98 ? 14  PHE B N   1 
ATOM   534 C  CA  . PHE B 1 14 ? 7.660   2.126   -2.755  1.00 12.69 ? 14  PHE B CA  1 
ATOM   535 C  C   . PHE B 1 14 ? 6.171   2.447   -2.763  1.00 14.16 ? 14  PHE B C   1 
ATOM   536 O  O   . PHE B 1 14 ? 5.673   3.166   -3.647  1.00 12.91 ? 14  PHE B O   1 
ATOM   537 C  CB  . PHE B 1 14 ? 7.868   0.660   -3.156  1.00 16.21 ? 14  PHE B CB  1 
ATOM   538 C  CG  . PHE B 1 14 ? 7.306   0.313   -4.515  1.00 14.20 ? 14  PHE B CG  1 
ATOM   539 C  CD1 . PHE B 1 14 ? 8.028   0.589   -5.672  1.00 22.02 ? 14  PHE B CD1 1 
ATOM   540 C  CD2 . PHE B 1 14 ? 6.052   -0.270  -4.631  1.00 16.97 ? 14  PHE B CD2 1 
ATOM   541 C  CE1 . PHE B 1 14 ? 7.502   0.284   -6.940  1.00 23.51 ? 14  PHE B CE1 1 
ATOM   542 C  CE2 . PHE B 1 14 ? 5.513   -0.577  -5.890  1.00 19.77 ? 14  PHE B CE2 1 
ATOM   543 C  CZ  . PHE B 1 14 ? 6.247   -0.297  -7.046  1.00 22.91 ? 14  PHE B CZ  1 
ATOM   544 N  N   . ILE B 1 15 ? 5.445   1.907   -1.788  1.00 13.05 ? 15  ILE B N   1 
ATOM   545 C  CA  . ILE B 1 15 ? 4.020   2.185   -1.727  1.00 15.06 ? 15  ILE B CA  1 
ATOM   546 C  C   . ILE B 1 15 ? 3.737   3.674   -1.504  1.00 14.96 ? 15  ILE B C   1 
ATOM   547 O  O   . ILE B 1 15 ? 2.864   4.230   -2.174  1.00 15.03 ? 15  ILE B O   1 
ATOM   548 C  CB  . ILE B 1 15 ? 3.303   1.339   -0.629  1.00 9.19  ? 15  ILE B CB  1 
ATOM   549 C  CG1 . ILE B 1 15 ? 3.419   -0.151  -0.977  1.00 12.26 ? 15  ILE B CG1 1 
ATOM   550 C  CG2 . ILE B 1 15 ? 1.829   1.689   -0.603  1.00 9.27  ? 15  ILE B CG2 1 
ATOM   551 C  CD1 . ILE B 1 15 ? 3.054   -1.141  0.174   1.00 9.89  ? 15  ILE B CD1 1 
ATOM   552 N  N   . ARG B 1 16 ? 4.469   4.325   -0.596  1.00 16.30 ? 16  ARG B N   1 
ATOM   553 C  CA  . ARG B 1 16 ? 4.249   5.763   -0.334  1.00 16.83 ? 16  ARG B CA  1 
ATOM   554 C  C   . ARG B 1 16 ? 4.231   6.569   -1.623  1.00 17.38 ? 16  ARG B C   1 
ATOM   555 O  O   . ARG B 1 16 ? 3.315   7.361   -1.847  1.00 16.29 ? 16  ARG B O   1 
ATOM   556 C  CB  . ARG B 1 16 ? 5.355   6.400   0.529   1.00 19.14 ? 16  ARG B CB  1 
ATOM   557 C  CG  . ARG B 1 16 ? 5.703   5.683   1.782   1.00 26.56 ? 16  ARG B CG  1 
ATOM   558 C  CD  . ARG B 1 16 ? 6.060   6.631   2.894   1.00 23.16 ? 16  ARG B CD  1 
ATOM   559 N  NE  . ARG B 1 16 ? 7.323   7.371   2.791   1.00 15.17 ? 16  ARG B NE  1 
ATOM   560 C  CZ  . ARG B 1 16 ? 7.710   8.191   3.766   1.00 20.13 ? 16  ARG B CZ  1 
ATOM   561 N  NH1 . ARG B 1 16 ? 6.910   8.326   4.826   1.00 12.11 ? 16  ARG B NH1 1 
ATOM   562 N  NH2 . ARG B 1 16 ? 8.871   8.840   3.726   1.00 15.82 ? 16  ARG B NH2 1 
ATOM   563 N  N   . SER B 1 17 ? 5.267   6.393   -2.441  1.00 13.26 ? 17  SER B N   1 
ATOM   564 C  CA  . SER B 1 17 ? 5.376   7.124   -3.699  1.00 16.88 ? 17  SER B CA  1 
ATOM   565 C  C   . SER B 1 17 ? 4.359   6.682   -4.737  1.00 13.21 ? 17  SER B C   1 
ATOM   566 O  O   . SER B 1 17 ? 3.683   7.516   -5.333  1.00 18.52 ? 17  SER B O   1 
ATOM   567 C  CB  . SER B 1 17 ? 6.782   6.974   -4.301  1.00 18.13 ? 17  SER B CB  1 
ATOM   568 O  OG  . SER B 1 17 ? 7.685   7.869   -3.694  1.00 31.16 ? 17  SER B OG  1 
ATOM   569 N  N   . GLN B 1 18 ? 4.260   5.378   -4.972  1.00 12.68 ? 18  GLN B N   1 
ATOM   570 C  CA  . GLN B 1 18 ? 3.316   4.884   -5.974  1.00 17.47 ? 18  GLN B CA  1 
ATOM   571 C  C   . GLN B 1 18 ? 1.888   5.301   -5.669  1.00 16.69 ? 18  GLN B C   1 
ATOM   572 O  O   . GLN B 1 18 ? 1.120   5.579   -6.592  1.00 14.02 ? 18  GLN B O   1 
ATOM   573 C  CB  . GLN B 1 18 ? 3.392   3.365   -6.085  1.00 19.14 ? 18  GLN B CB  1 
ATOM   574 C  CG  . GLN B 1 18 ? 4.718   2.849   -6.636  1.00 28.05 ? 18  GLN B CG  1 
ATOM   575 C  CD  . GLN B 1 18 ? 4.822   2.984   -8.156  1.00 33.25 ? 18  GLN B CD  1 
ATOM   576 O  OE1 . GLN B 1 18 ? 5.109   4.058   -8.686  1.00 31.79 ? 18  GLN B OE1 1 
ATOM   577 N  NE2 . GLN B 1 18 ? 4.572   1.885   -8.856  1.00 35.48 ? 18  GLN B NE2 1 
ATOM   578 N  N   . ALA B 1 19 ? 1.527   5.335   -4.381  1.00 15.27 ? 19  ALA B N   1 
ATOM   579 C  CA  . ALA B 1 19 ? 0.179   5.757   -3.986  1.00 13.21 ? 19  ALA B CA  1 
ATOM   580 C  C   . ALA B 1 19 ? -0.060  7.214   -4.423  1.00 11.42 ? 19  ALA B C   1 
ATOM   581 O  O   . ALA B 1 19 ? -1.132  7.550   -4.948  1.00 10.03 ? 19  ALA B O   1 
ATOM   582 C  CB  . ALA B 1 19 ? -0.011  5.613   -2.438  1.00 11.01 ? 19  ALA B CB  1 
ATOM   583 N  N   . LEU B 1 20 ? 0.928   8.079   -4.210  1.00 11.74 ? 20  LEU B N   1 
ATOM   584 C  CA  . LEU B 1 20 ? 0.772   9.477   -4.621  1.00 15.68 ? 20  LEU B CA  1 
ATOM   585 C  C   . LEU B 1 20 ? 0.776   9.620   -6.141  1.00 17.09 ? 20  LEU B C   1 
ATOM   586 O  O   . LEU B 1 20 ? 0.182   10.555  -6.663  1.00 18.05 ? 20  LEU B O   1 
ATOM   587 C  CB  . LEU B 1 20 ? 1.842   10.373  -3.991  1.00 16.67 ? 20  LEU B CB  1 
ATOM   588 C  CG  . LEU B 1 20 ? 1.819   10.439  -2.457  1.00 17.63 ? 20  LEU B CG  1 
ATOM   589 C  CD1 . LEU B 1 20 ? 2.698   11.594  -1.978  1.00 16.08 ? 20  LEU B CD1 1 
ATOM   590 C  CD2 . LEU B 1 20 ? 0.404   10.654  -1.977  1.00 18.86 ? 20  LEU B CD2 1 
ATOM   591 N  N   . THR B 1 21 ? 1.434   8.706   -6.856  1.00 17.20 ? 21  THR B N   1 
ATOM   592 C  CA  . THR B 1 21 ? 1.409   8.765   -8.321  1.00 15.70 ? 21  THR B CA  1 
ATOM   593 C  C   . THR B 1 21 ? -0.006  8.412   -8.821  1.00 15.00 ? 21  THR B C   1 
ATOM   594 O  O   . THR B 1 21 ? -0.492  8.995   -9.795  1.00 15.40 ? 21  THR B O   1 
ATOM   595 C  CB  . THR B 1 21 ? 2.428   7.802   -8.946  1.00 17.50 ? 21  THR B CB  1 
ATOM   596 O  OG1 . THR B 1 21 ? 3.743   8.187   -8.542  1.00 18.41 ? 21  THR B OG1 1 
ATOM   597 C  CG2 . THR B 1 21 ? 2.345   7.844   -10.453 1.00 11.95 ? 21  THR B CG2 1 
ATOM   598 N  N   . ILE B 1 22 ? -0.664  7.450   -8.171  1.00 17.57 ? 22  ILE B N   1 
ATOM   599 C  CA  . ILE B 1 22 ? -2.031  7.110   -8.559  1.00 15.34 ? 22  ILE B CA  1 
ATOM   600 C  C   . ILE B 1 22 ? -2.931  8.289   -8.207  1.00 16.22 ? 22  ILE B C   1 
ATOM   601 O  O   . ILE B 1 22 ? -3.865  8.588   -8.946  1.00 17.32 ? 22  ILE B O   1 
ATOM   602 C  CB  . ILE B 1 22 ? -2.600  5.878   -7.818  1.00 12.63 ? 22  ILE B CB  1 
ATOM   603 C  CG1 . ILE B 1 22 ? -1.934  4.597   -8.332  1.00 15.11 ? 22  ILE B CG1 1 
ATOM   604 C  CG2 . ILE B 1 22 ? -4.111  5.819   -8.036  1.00 14.45 ? 22  ILE B CG2 1 
ATOM   605 C  CD1 . ILE B 1 22 ? -2.445  3.280   -7.653  1.00 17.70 ? 22  ILE B CD1 1 
ATOM   606 N  N   . LEU B 1 23 ? -2.658  8.937   -7.072  1.00 14.55 ? 23  LEU B N   1 
ATOM   607 C  CA  . LEU B 1 23 ? -3.446  10.095  -6.645  1.00 16.64 ? 23  LEU B CA  1 
ATOM   608 C  C   . LEU B 1 23 ? -3.420  11.108  -7.784  1.00 18.11 ? 23  LEU B C   1 
ATOM   609 O  O   . LEU B 1 23 ? -4.460  11.586  -8.228  1.00 21.77 ? 23  LEU B O   1 
ATOM   610 C  CB  . LEU B 1 23 ? -2.845  10.748  -5.389  1.00 16.48 ? 23  LEU B CB  1 
ATOM   611 C  CG  . LEU B 1 23 ? -3.794  11.524  -4.458  1.00 27.77 ? 23  LEU B CG  1 
ATOM   612 C  CD1 . LEU B 1 23 ? -2.995  12.522  -3.596  1.00 22.41 ? 23  LEU B CD1 1 
ATOM   613 C  CD2 . LEU B 1 23 ? -4.848  12.253  -5.255  1.00 21.48 ? 23  LEU B CD2 1 
ATOM   614 N  N   . GLU B 1 24 ? -2.221  11.417  -8.267  1.00 18.21 ? 24  GLU B N   1 
ATOM   615 C  CA  . GLU B 1 24 ? -2.065  12.385  -9.351  1.00 20.53 ? 24  GLU B CA  1 
ATOM   616 C  C   . GLU B 1 24 ? -2.738  11.975  -10.656 1.00 20.27 ? 24  GLU B C   1 
ATOM   617 O  O   . GLU B 1 24 ? -3.375  12.794  -11.299 1.00 22.43 ? 24  GLU B O   1 
ATOM   618 C  CB  . GLU B 1 24 ? -0.582  12.652  -9.623  1.00 25.22 ? 24  GLU B CB  1 
ATOM   619 C  CG  . GLU B 1 24 ? -0.372  13.768  -10.626 1.00 36.49 ? 24  GLU B CG  1 
ATOM   620 C  CD  . GLU B 1 24 ? 1.058   14.227  -10.670 1.00 49.63 ? 24  GLU B CD  1 
ATOM   621 O  OE1 . GLU B 1 24 ? 1.874   13.554  -11.341 1.00 55.44 ? 24  GLU B OE1 1 
ATOM   622 O  OE2 . GLU B 1 24 ? 1.367   15.252  -10.017 1.00 53.39 ? 24  GLU B OE2 1 
ATOM   623 N  N   . LYS B 1 25 ? -2.595  10.717  -11.061 1.00 17.54 ? 25  LYS B N   1 
ATOM   624 C  CA  . LYS B 1 25 ? -3.220  10.265  -12.300 1.00 19.18 ? 25  LYS B CA  1 
ATOM   625 C  C   . LYS B 1 25 ? -4.741  10.140  -12.173 1.00 20.98 ? 25  LYS B C   1 
ATOM   626 O  O   . LYS B 1 25 ? -5.477  10.360  -13.135 1.00 20.95 ? 25  LYS B O   1 
ATOM   627 C  CB  . LYS B 1 25 ? -2.621  8.932   -12.733 1.00 17.53 ? 25  LYS B CB  1 
ATOM   628 C  CG  . LYS B 1 25 ? -1.162  9.053   -13.164 1.00 22.89 ? 25  LYS B CG  1 
ATOM   629 C  CD  . LYS B 1 25 ? -0.604  7.713   -13.616 1.00 27.18 ? 25  LYS B CD  1 
ATOM   630 C  CE  . LYS B 1 25 ? 0.855   7.874   -14.070 1.00 31.50 ? 25  LYS B CE  1 
ATOM   631 N  NZ  . LYS B 1 25 ? 0.985   8.941   -15.092 1.00 31.55 ? 25  LYS B NZ  1 
ATOM   632 N  N   . ALA B 1 26 ? -5.207  9.797   -10.979 1.00 21.41 ? 26  ALA B N   1 
ATOM   633 C  CA  . ALA B 1 26 ? -6.638  9.668   -10.727 1.00 18.82 ? 26  ALA B CA  1 
ATOM   634 C  C   . ALA B 1 26 ? -7.270  11.055  -10.784 1.00 25.34 ? 26  ALA B C   1 
ATOM   635 O  O   . ALA B 1 26 ? -8.367  11.229  -11.327 1.00 25.35 ? 26  ALA B O   1 
ATOM   636 C  CB  . ALA B 1 26 ? -6.872  9.057   -9.361  1.00 16.80 ? 26  ALA B CB  1 
ATOM   637 N  N   . ASN B 1 27 ? -6.586  12.041  -10.208 1.00 27.12 ? 27  ASN B N   1 
ATOM   638 C  CA  . ASN B 1 27 ? -7.115  13.395  -10.230 1.00 30.05 ? 27  ASN B CA  1 
ATOM   639 C  C   . ASN B 1 27 ? -7.296  13.828  -11.683 1.00 29.22 ? 27  ASN B C   1 
ATOM   640 O  O   . ASN B 1 27 ? -8.335  14.386  -12.028 1.00 28.83 ? 27  ASN B O   1 
ATOM   641 C  CB  . ASN B 1 27 ? -6.187  14.360  -9.484  1.00 33.81 ? 27  ASN B CB  1 
ATOM   642 C  CG  . ASN B 1 27 ? -6.310  14.237  -7.970  1.00 38.10 ? 27  ASN B CG  1 
ATOM   643 O  OD1 . ASN B 1 27 ? -7.402  14.032  -7.440  1.00 41.00 ? 27  ASN B OD1 1 
ATOM   644 N  ND2 . ASN B 1 27 ? -5.193  14.376  -7.269  1.00 37.27 ? 27  ASN B ND2 1 
ATOM   645 N  N   . GLU B 1 28 ? -6.300  13.542  -12.528 1.00 31.29 ? 28  GLU B N   1 
ATOM   646 C  CA  . GLU B 1 28 ? -6.350  13.893  -13.957 1.00 33.86 ? 28  GLU B CA  1 
ATOM   647 C  C   . GLU B 1 28 ? -7.563  13.275  -14.652 1.00 36.23 ? 28  GLU B C   1 
ATOM   648 O  O   . GLU B 1 28 ? -8.045  13.807  -15.651 1.00 34.66 ? 28  GLU B O   1 
ATOM   649 C  CB  . GLU B 1 28 ? -5.106  13.404  -14.703 1.00 31.67 ? 28  GLU B CB  1 
ATOM   650 C  CG  . GLU B 1 28 ? -3.787  13.871  -14.158 1.00 43.46 ? 28  GLU B CG  1 
ATOM   651 C  CD  . GLU B 1 28 ? -2.612  13.272  -14.922 1.00 50.07 ? 28  GLU B CD  1 
ATOM   652 O  OE1 . GLU B 1 28 ? -2.795  12.206  -15.557 1.00 48.86 ? 28  GLU B OE1 1 
ATOM   653 O  OE2 . GLU B 1 28 ? -1.504  13.860  -14.874 1.00 52.25 ? 28  GLU B OE2 1 
ATOM   654 N  N   . LEU B 1 29 ? -8.029  12.135  -14.140 1.00 33.31 ? 29  LEU B N   1 
ATOM   655 C  CA  . LEU B 1 29 ? -9.190  11.453  -14.715 1.00 33.70 ? 29  LEU B CA  1 
ATOM   656 C  C   . LEU B 1 29 ? -10.472 11.703  -13.919 1.00 35.28 ? 29  LEU B C   1 
ATOM   657 O  O   . LEU B 1 29 ? -11.501 11.082  -14.190 1.00 38.93 ? 29  LEU B O   1 
ATOM   658 C  CB  . LEU B 1 29 ? -8.941  9.943   -14.781 1.00 32.52 ? 29  LEU B CB  1 
ATOM   659 C  CG  . LEU B 1 29 ? -7.914  9.474   -15.810 1.00 35.91 ? 29  LEU B CG  1 
ATOM   660 C  CD1 . LEU B 1 29 ? -7.410  8.075   -15.453 1.00 34.89 ? 29  LEU B CD1 1 
ATOM   661 C  CD2 . LEU B 1 29 ? -8.546  9.496   -17.197 1.00 30.73 ? 29  LEU B CD2 1 
ATOM   662 N  N   . ASP B 1 30 ? -10.413 12.608  -12.943 1.00 31.63 ? 30  ASP B N   1 
ATOM   663 C  CA  . ASP B 1 30 ? -11.571 12.896  -12.112 1.00 33.03 ? 30  ASP B CA  1 
ATOM   664 C  C   . ASP B 1 30 ? -12.118 11.641  -11.450 1.00 31.28 ? 30  ASP B C   1 
ATOM   665 O  O   . ASP B 1 30 ? -13.311 11.556  -11.126 1.00 34.68 ? 30  ASP B O   1 
ATOM   666 C  CB  . ASP B 1 30 ? -12.665 13.576  -12.931 1.00 37.49 ? 30  ASP B CB  1 
ATOM   667 C  CG  . ASP B 1 30 ? -12.258 14.947  -13.376 1.00 38.63 ? 30  ASP B CG  1 
ATOM   668 O  OD1 . ASP B 1 30 ? -11.907 15.752  -12.488 1.00 40.98 ? 30  ASP B OD1 1 
ATOM   669 O  OD2 . ASP B 1 30 ? -12.273 15.215  -14.597 1.00 44.58 ? 30  ASP B OD2 1 
ATOM   670 N  N   . ALA B 1 31 ? -11.240 10.662  -11.252 1.00 26.31 ? 31  ALA B N   1 
ATOM   671 C  CA  . ALA B 1 31 ? -11.622 9.417   -10.584 1.00 26.76 ? 31  ALA B CA  1 
ATOM   672 C  C   . ALA B 1 31 ? -11.415 9.725   -9.100  1.00 24.66 ? 31  ALA B C   1 
ATOM   673 O  O   . ALA B 1 31 ? -10.396 9.330   -8.502  1.00 18.95 ? 31  ALA B O   1 
ATOM   674 C  CB  . ALA B 1 31 ? -10.700 8.269   -11.045 1.00 25.20 ? 31  ALA B CB  1 
ATOM   675 N  N   . ASP B 1 32 ? -12.380 10.437  -8.512  1.00 22.32 ? 32  ASP B N   1 
ATOM   676 C  CA  . ASP B 1 32 ? -12.259 10.868  -7.122  1.00 21.94 ? 32  ASP B CA  1 
ATOM   677 C  C   . ASP B 1 32 ? -12.261 9.771   -6.071  1.00 21.44 ? 32  ASP B C   1 
ATOM   678 O  O   . ASP B 1 32 ? -11.590 9.888   -5.038  1.00 20.31 ? 32  ASP B O   1 
ATOM   679 C  CB  . ASP B 1 32 ? -13.344 11.908  -6.784  1.00 25.45 ? 32  ASP B CB  1 
ATOM   680 C  CG  . ASP B 1 32 ? -14.758 11.315  -6.760  1.00 35.09 ? 32  ASP B CG  1 
ATOM   681 O  OD1 . ASP B 1 32 ? -15.264 11.023  -5.651  1.00 25.85 ? 32  ASP B OD1 1 
ATOM   682 O  OD2 . ASP B 1 32 ? -15.361 11.141  -7.849  1.00 32.79 ? 32  ASP B OD2 1 
ATOM   683 N  N   . GLU B 1 33 ? -13.020 8.710   -6.304  1.00 18.13 ? 33  GLU B N   1 
ATOM   684 C  CA  . GLU B 1 33 ? -13.053 7.648   -5.320  1.00 16.59 ? 33  GLU B CA  1 
ATOM   685 C  C   . GLU B 1 33 ? -11.687 6.996   -5.293  1.00 16.65 ? 33  GLU B C   1 
ATOM   686 O  O   . GLU B 1 33 ? -11.135 6.724   -4.222  1.00 19.29 ? 33  GLU B O   1 
ATOM   687 C  CB  . GLU B 1 33 ? -14.146 6.652   -5.684  1.00 27.73 ? 33  GLU B CB  1 
ATOM   688 C  CG  . GLU B 1 33 ? -15.504 7.348   -5.872  1.00 37.73 ? 33  GLU B CG  1 
ATOM   689 C  CD  . GLU B 1 33 ? -16.625 6.388   -6.247  1.00 47.23 ? 33  GLU B CD  1 
ATOM   690 O  OE1 . GLU B 1 33 ? -16.800 6.097   -7.460  1.00 49.03 ? 33  GLU B OE1 1 
ATOM   691 O  OE2 . GLU B 1 33 ? -17.321 5.923   -5.317  1.00 37.14 ? 33  GLU B OE2 1 
ATOM   692 N  N   . ILE B 1 34 ? -11.130 6.754   -6.476  1.00 13.78 ? 34  ILE B N   1 
ATOM   693 C  CA  . ILE B 1 34 ? -9.806  6.153   -6.561  1.00 12.04 ? 34  ILE B CA  1 
ATOM   694 C  C   . ILE B 1 34 ? -8.758  7.039   -5.886  1.00 16.07 ? 34  ILE B C   1 
ATOM   695 O  O   . ILE B 1 34 ? -7.890  6.540   -5.162  1.00 16.63 ? 34  ILE B O   1 
ATOM   696 C  CB  . ILE B 1 34 ? -9.400  5.917   -8.025  1.00 17.26 ? 34  ILE B CB  1 
ATOM   697 C  CG1 . ILE B 1 34 ? -10.246 4.780   -8.603  1.00 16.47 ? 34  ILE B CG1 1 
ATOM   698 C  CG2 . ILE B 1 34 ? -7.903  5.602   -8.131  1.00 14.44 ? 34  ILE B CG2 1 
ATOM   699 C  CD1 . ILE B 1 34 ? -10.015 4.509   -10.072 1.00 16.06 ? 34  ILE B CD1 1 
ATOM   700 N  N   . ALA B 1 35 ? -8.848  8.349   -6.105  1.00 13.44 ? 35  ALA B N   1 
ATOM   701 C  CA  . ALA B 1 35 ? -7.881  9.282   -5.536  1.00 17.91 ? 35  ALA B CA  1 
ATOM   702 C  C   . ALA B 1 35 ? -7.882  9.225   -4.010  1.00 17.13 ? 35  ALA B C   1 
ATOM   703 O  O   . ALA B 1 35 ? -6.820  9.205   -3.379  1.00 14.54 ? 35  ALA B O   1 
ATOM   704 C  CB  . ALA B 1 35 ? -8.182  10.726  -6.023  1.00 17.09 ? 35  ALA B CB  1 
ATOM   705 N  N   . ASP B 1 36 ? -9.075  9.203   -3.421  1.00 17.76 ? 36  ASP B N   1 
ATOM   706 C  CA  . ASP B 1 36 ? -9.201  9.143   -1.967  1.00 18.23 ? 36  ASP B CA  1 
ATOM   707 C  C   . ASP B 1 36 ? -8.606  7.860   -1.397  1.00 12.98 ? 36  ASP B C   1 
ATOM   708 O  O   . ASP B 1 36 ? -7.958  7.864   -0.345  1.00 13.74 ? 36  ASP B O   1 
ATOM   709 C  CB  . ASP B 1 36 ? -10.666 9.228   -1.550  1.00 18.35 ? 36  ASP B CB  1 
ATOM   710 C  CG  . ASP B 1 36 ? -11.254 10.599  -1.767  1.00 26.70 ? 36  ASP B CG  1 
ATOM   711 O  OD1 . ASP B 1 36 ? -10.485 11.555  -2.005  1.00 30.96 ? 36  ASP B OD1 1 
ATOM   712 O  OD2 . ASP B 1 36 ? -12.492 10.718  -1.689  1.00 30.37 ? 36  ASP B OD2 1 
ATOM   713 N  N   . ILE B 1 37 ? -8.830  6.750   -2.092  1.00 14.24 ? 37  ILE B N   1 
ATOM   714 C  CA  . ILE B 1 37 ? -8.306  5.489   -1.614  1.00 13.61 ? 37  ILE B CA  1 
ATOM   715 C  C   . ILE B 1 37 ? -6.798  5.504   -1.687  1.00 13.22 ? 37  ILE B C   1 
ATOM   716 O  O   . ILE B 1 37 ? -6.119  5.063   -0.757  1.00 13.92 ? 37  ILE B O   1 
ATOM   717 C  CB  . ILE B 1 37 ? -8.877  4.318   -2.441  1.00 14.51 ? 37  ILE B CB  1 
ATOM   718 C  CG1 . ILE B 1 37 ? -10.397 4.269   -2.241  1.00 13.85 ? 37  ILE B CG1 1 
ATOM   719 C  CG2 . ILE B 1 37 ? -8.241  2.996   -1.994  1.00 18.45 ? 37  ILE B CG2 1 
ATOM   720 C  CD1 . ILE B 1 37 ? -11.146 3.438   -3.291  1.00 20.43 ? 37  ILE B CD1 1 
ATOM   721 N  N   . ALA B 1 38 ? -6.279  6.027   -2.798  1.00 13.63 ? 38  ALA B N   1 
ATOM   722 C  CA  . ALA B 1 38 ? -4.840  6.116   -3.019  1.00 16.57 ? 38  ALA B CA  1 
ATOM   723 C  C   . ALA B 1 38 ? -4.205  6.942   -1.903  1.00 16.38 ? 38  ALA B C   1 
ATOM   724 O  O   . ALA B 1 38 ? -3.122  6.621   -1.405  1.00 12.21 ? 38  ALA B O   1 
ATOM   725 C  CB  . ALA B 1 38 ? -4.554  6.775   -4.388  1.00 14.21 ? 38  ALA B CB  1 
ATOM   726 N  N   . GLU B 1 39 ? -4.882  8.008   -1.499  1.00 13.90 ? 39  GLU B N   1 
ATOM   727 C  CA  . GLU B 1 39 ? -4.304  8.848   -0.456  1.00 14.89 ? 39  GLU B CA  1 
ATOM   728 C  C   . GLU B 1 39 ? -4.327  8.118   0.885   1.00 15.20 ? 39  GLU B C   1 
ATOM   729 O  O   . GLU B 1 39 ? -3.380  8.219   1.670   1.00 12.42 ? 39  GLU B O   1 
ATOM   730 C  CB  . GLU B 1 39 ? -5.024  10.206  -0.390  1.00 16.04 ? 39  GLU B CB  1 
ATOM   731 C  CG  . GLU B 1 39 ? -4.347  11.193  0.554   1.00 16.07 ? 39  GLU B CG  1 
ATOM   732 C  CD  . GLU B 1 39 ? -4.716  12.644  0.259   1.00 21.26 ? 39  GLU B CD  1 
ATOM   733 O  OE1 . GLU B 1 39 ? -5.899  12.918  -0.033  1.00 21.07 ? 39  GLU B OE1 1 
ATOM   734 O  OE2 . GLU B 1 39 ? -3.819  13.511  0.336   1.00 23.82 ? 39  GLU B OE2 1 
ATOM   735 N  N   . SER B 1 40 ? -5.392  7.356   1.137   1.00 13.92 ? 40  SER B N   1 
ATOM   736 C  CA  . SER B 1 40 ? -5.473  6.593   2.380   1.00 14.44 ? 40  SER B CA  1 
ATOM   737 C  C   . SER B 1 40 ? -4.372  5.531   2.370   1.00 15.37 ? 40  SER B C   1 
ATOM   738 O  O   . SER B 1 40 ? -3.743  5.272   3.403   1.00 16.53 ? 40  SER B O   1 
ATOM   739 C  CB  . SER B 1 40 ? -6.842  5.931   2.520   1.00 12.15 ? 40  SER B CB  1 
ATOM   740 O  OG  . SER B 1 40 ? -6.849  5.017   3.625   1.00 16.15 ? 40  SER B OG  1 
ATOM   741 N  N   . ILE B 1 41 ? -4.141  4.913   1.202   1.00 13.47 ? 41  ILE B N   1 
ATOM   742 C  CA  . ILE B 1 41 ? -3.084  3.912   1.066   1.00 13.54 ? 41  ILE B CA  1 
ATOM   743 C  C   . ILE B 1 41 ? -1.764  4.574   1.438   1.00 12.55 ? 41  ILE B C   1 
ATOM   744 O  O   . ILE B 1 41 ? -0.954  4.006   2.183   1.00 9.94  ? 41  ILE B O   1 
ATOM   745 C  CB  . ILE B 1 41 ? -2.983  3.348   -0.390  1.00 14.97 ? 41  ILE B CB  1 
ATOM   746 C  CG1 . ILE B 1 41 ? -4.100  2.320   -0.624  1.00 15.83 ? 41  ILE B CG1 1 
ATOM   747 C  CG2 . ILE B 1 41 ? -1.599  2.733   -0.615  1.00 12.69 ? 41  ILE B CG2 1 
ATOM   748 C  CD1 . ILE B 1 41 ? -4.190  1.751   -2.043  1.00 12.40 ? 41  ILE B CD1 1 
ATOM   749 N  N   . HIS B 1 42 ? -1.535  5.775   0.913   1.00 8.23  ? 42  HIS B N   1 
ATOM   750 C  CA  . HIS B 1 42 ? -0.317  6.483   1.251   1.00 10.19 ? 42  HIS B CA  1 
ATOM   751 C  C   . HIS B 1 42 ? -0.196  6.692   2.781   1.00 10.29 ? 42  HIS B C   1 
ATOM   752 O  O   . HIS B 1 42 ? 0.867   6.471   3.362   1.00 9.43  ? 42  HIS B O   1 
ATOM   753 C  CB  . HIS B 1 42 ? -0.269  7.852   0.566   1.00 13.64 ? 42  HIS B CB  1 
ATOM   754 C  CG  . HIS B 1 42 ? 0.878   8.695   1.029   1.00 13.56 ? 42  HIS B CG  1 
ATOM   755 N  ND1 . HIS B 1 42 ? 2.130   8.617   0.458   1.00 12.29 ? 42  HIS B ND1 1 
ATOM   756 C  CD2 . HIS B 1 42 ? 1.003   9.524   2.092   1.00 14.79 ? 42  HIS B CD2 1 
ATOM   757 C  CE1 . HIS B 1 42 ? 2.976   9.357   1.152   1.00 14.75 ? 42  HIS B CE1 1 
ATOM   758 N  NE2 . HIS B 1 42 ? 2.317   9.916   2.151   1.00 12.38 ? 42  HIS B NE2 1 
ATOM   759 N  N   . ASP B 1 43 ? -1.268  7.126   3.441   1.00 15.20 ? 43  ASP B N   1 
ATOM   760 C  CA  . ASP B 1 43 ? -1.190  7.354   4.894   1.00 12.80 ? 43  ASP B CA  1 
ATOM   761 C  C   . ASP B 1 43 ? -0.868  6.107   5.710   1.00 15.57 ? 43  ASP B C   1 
ATOM   762 O  O   . ASP B 1 43 ? -0.184  6.180   6.741   1.00 13.64 ? 43  ASP B O   1 
ATOM   763 C  CB  . ASP B 1 43 ? -2.492  7.963   5.418   1.00 18.14 ? 43  ASP B CB  1 
ATOM   764 C  CG  . ASP B 1 43 ? -2.775  9.315   4.824   1.00 18.43 ? 43  ASP B CG  1 
ATOM   765 O  OD1 . ASP B 1 43 ? -1.811  10.005  4.434   1.00 15.86 ? 43  ASP B OD1 1 
ATOM   766 O  OD2 . ASP B 1 43 ? -3.964  9.688   4.752   1.00 20.74 ? 43  ASP B OD2 1 
ATOM   767 N  N   . HIS B 1 44 ? -1.392  4.968   5.270   1.00 14.55 ? 44  HIS B N   1 
ATOM   768 C  CA  . HIS B 1 44 ? -1.151  3.697   5.946   1.00 14.70 ? 44  HIS B CA  1 
ATOM   769 C  C   . HIS B 1 44 ? 0.273   3.261   5.676   1.00 18.31 ? 44  HIS B C   1 
ATOM   770 O  O   . HIS B 1 44 ? 0.927   2.689   6.548   1.00 14.31 ? 44  HIS B O   1 
ATOM   771 C  CB  . HIS B 1 44 ? -2.144  2.664   5.431   1.00 11.55 ? 44  HIS B CB  1 
ATOM   772 C  CG  . HIS B 1 44 ? -3.546  2.941   5.872   1.00 22.23 ? 44  HIS B CG  1 
ATOM   773 N  ND1 . HIS B 1 44 ? -4.650  2.617   5.115   1.00 30.45 ? 44  HIS B ND1 1 
ATOM   774 C  CD2 . HIS B 1 44 ? -4.017  3.535   6.995   1.00 18.96 ? 44  HIS B CD2 1 
ATOM   775 C  CE1 . HIS B 1 44 ? -5.744  3.003   5.750   1.00 31.40 ? 44  HIS B CE1 1 
ATOM   776 N  NE2 . HIS B 1 44 ? -5.387  3.566   6.892   1.00 21.57 ? 44  HIS B NE2 1 
ATOM   777 N  N   . ALA B 1 45 ? 0.755   3.520   4.457   1.00 14.85 ? 45  ALA B N   1 
ATOM   778 C  CA  . ALA B 1 45 ? 2.131   3.157   4.125   1.00 12.87 ? 45  ALA B CA  1 
ATOM   779 C  C   . ALA B 1 45 ? 3.047   3.970   5.041   1.00 13.10 ? 45  ALA B C   1 
ATOM   780 O  O   . ALA B 1 45 ? 4.083   3.458   5.497   1.00 10.13 ? 45  ALA B O   1 
ATOM   781 C  CB  . ALA B 1 45 ? 2.447   3.459   2.647   1.00 13.11 ? 45  ALA B CB  1 
ATOM   782 N  N   . ASP B 1 46 ? 2.678   5.232   5.287   1.00 11.93 ? 46  ASP B N   1 
ATOM   783 C  CA  . ASP B 1 46 ? 3.469   6.100   6.196   1.00 13.96 ? 46  ASP B CA  1 
ATOM   784 C  C   . ASP B 1 46 ? 3.633   5.427   7.574   1.00 16.05 ? 46  ASP B C   1 
ATOM   785 O  O   . ASP B 1 46 ? 4.701   5.533   8.196   1.00 12.61 ? 46  ASP B O   1 
ATOM   786 C  CB  . ASP B 1 46 ? 2.800   7.483   6.426   1.00 13.63 ? 46  ASP B CB  1 
ATOM   787 C  CG  . ASP B 1 46 ? 2.980   8.467   5.253   1.00 19.35 ? 46  ASP B CG  1 
ATOM   788 O  OD1 . ASP B 1 46 ? 3.988   8.391   4.507   1.00 17.22 ? 46  ASP B OD1 1 
ATOM   789 O  OD2 . ASP B 1 46 ? 2.095   9.351   5.096   1.00 11.97 ? 46  ASP B OD2 1 
ATOM   790 N  N   . GLU B 1 47 ? 2.576   4.771   8.062   1.00 14.83 ? 47  GLU B N   1 
ATOM   791 C  CA  . GLU B 1 47 ? 2.629   4.092   9.363   1.00 20.24 ? 47  GLU B CA  1 
ATOM   792 C  C   . GLU B 1 47 ? 3.563   2.887   9.327   1.00 20.90 ? 47  GLU B C   1 
ATOM   793 O  O   . GLU B 1 47 ? 4.264   2.623   10.301  1.00 15.82 ? 47  GLU B O   1 
ATOM   794 C  CB  . GLU B 1 47 ? 1.239   3.623   9.835   1.00 21.75 ? 47  GLU B CB  1 
ATOM   795 C  CG  . GLU B 1 47 ? 0.329   4.707   10.413  1.00 32.10 ? 47  GLU B CG  1 
ATOM   796 C  CD  . GLU B 1 47 ? 1.049   5.654   11.386  1.00 34.77 ? 47  GLU B CD  1 
ATOM   797 O  OE1 . GLU B 1 47 ? 1.361   6.790   10.979  1.00 33.63 ? 47  GLU B OE1 1 
ATOM   798 O  OE2 . GLU B 1 47 ? 1.313   5.268   12.545  1.00 33.57 ? 47  GLU B OE2 1 
ATOM   799 N  N   . ILE B 1 48 ? 3.574   2.152   8.214   1.00 19.85 ? 48  ILE B N   1 
ATOM   800 C  CA  . ILE B 1 48 ? 4.462   1.000   8.112   1.00 15.89 ? 48  ILE B CA  1 
ATOM   801 C  C   . ILE B 1 48 ? 5.889   1.543   8.133   1.00 19.34 ? 48  ILE B C   1 
ATOM   802 O  O   . ILE B 1 48 ? 6.748   1.043   8.872   1.00 20.27 ? 48  ILE B O   1 
ATOM   803 C  CB  . ILE B 1 48 ? 4.191   0.192   6.810   1.00 15.87 ? 48  ILE B CB  1 
ATOM   804 C  CG1 . ILE B 1 48 ? 2.812   -0.459  6.913   1.00 17.63 ? 48  ILE B CG1 1 
ATOM   805 C  CG2 . ILE B 1 48 ? 5.305   -0.802  6.562   1.00 13.17 ? 48  ILE B CG2 1 
ATOM   806 C  CD1 . ILE B 1 48 ? 2.309   -1.164  5.657   1.00 14.69 ? 48  ILE B CD1 1 
ATOM   807 N  N   . TYR B 1 49 ? 6.126   2.582   7.334   1.00 15.31 ? 49  TYR B N   1 
ATOM   808 C  CA  . TYR B 1 49 ? 7.429   3.225   7.250   1.00 17.25 ? 49  TYR B CA  1 
ATOM   809 C  C   . TYR B 1 49 ? 7.902   3.701   8.628   1.00 17.26 ? 49  TYR B C   1 
ATOM   810 O  O   . TYR B 1 49 ? 9.057   3.481   9.009   1.00 19.01 ? 49  TYR B O   1 
ATOM   811 C  CB  . TYR B 1 49 ? 7.317   4.406   6.294   1.00 16.98 ? 49  TYR B CB  1 
ATOM   812 C  CG  . TYR B 1 49 ? 8.437   5.392   6.342   1.00 17.55 ? 49  TYR B CG  1 
ATOM   813 C  CD1 . TYR B 1 49 ? 9.547   5.268   5.499   1.00 18.31 ? 49  TYR B CD1 1 
ATOM   814 C  CD2 . TYR B 1 49 ? 8.352   6.515   7.169   1.00 14.60 ? 49  TYR B CD2 1 
ATOM   815 C  CE1 . TYR B 1 49 ? 10.540  6.251   5.474   1.00 19.40 ? 49  TYR B CE1 1 
ATOM   816 C  CE2 . TYR B 1 49 ? 9.320   7.486   7.143   1.00 10.78 ? 49  TYR B CE2 1 
ATOM   817 C  CZ  . TYR B 1 49 ? 10.407  7.358   6.298   1.00 13.15 ? 49  TYR B CZ  1 
ATOM   818 O  OH  . TYR B 1 49 ? 11.321  8.362   6.256   1.00 16.44 ? 49  TYR B OH  1 
ATOM   819 N  N   . ARG B 1 50 ? 7.019   4.353   9.377   1.00 16.46 ? 50  ARG B N   1 
ATOM   820 C  CA  . ARG B 1 50 ? 7.384   4.839   10.700  1.00 20.14 ? 50  ARG B CA  1 
ATOM   821 C  C   . ARG B 1 50 ? 7.678   3.690   11.663  1.00 24.53 ? 50  ARG B C   1 
ATOM   822 O  O   . ARG B 1 50 ? 8.628   3.756   12.455  1.00 24.71 ? 50  ARG B O   1 
ATOM   823 C  CB  . ARG B 1 50 ? 6.266   5.723   11.262  1.00 21.92 ? 50  ARG B CB  1 
ATOM   824 C  CG  . ARG B 1 50 ? 6.137   7.049   10.519  1.00 25.37 ? 50  ARG B CG  1 
ATOM   825 C  CD  . ARG B 1 50 ? 5.015   7.928   11.045  1.00 22.30 ? 50  ARG B CD  1 
ATOM   826 N  NE  . ARG B 1 50 ? 4.975   9.184   10.299  1.00 29.93 ? 50  ARG B NE  1 
ATOM   827 C  CZ  . ARG B 1 50 ? 4.327   10.276  10.697  1.00 35.03 ? 50  ARG B CZ  1 
ATOM   828 N  NH1 . ARG B 1 50 ? 3.653   10.270  11.847  1.00 30.16 ? 50  ARG B NH1 1 
ATOM   829 N  NH2 . ARG B 1 50 ? 4.365   11.383  9.957   1.00 28.68 ? 50  ARG B NH2 1 
ATOM   830 N  N   . SER B 1 51 ? 6.869   2.638   11.592  1.00 20.81 ? 51  SER B N   1 
ATOM   831 C  CA  . SER B 1 51 ? 7.071   1.492   12.469  1.00 25.13 ? 51  SER B CA  1 
ATOM   832 C  C   . SER B 1 51 ? 8.344   0.751   12.090  1.00 27.00 ? 51  SER B C   1 
ATOM   833 O  O   . SER B 1 51 ? 9.120   0.375   12.961  1.00 31.88 ? 51  SER B O   1 
ATOM   834 C  CB  . SER B 1 51 ? 5.880   0.552   12.401  1.00 22.63 ? 51  SER B CB  1 
ATOM   835 O  OG  . SER B 1 51 ? 4.733   1.191   12.913  1.00 23.92 ? 51  SER B OG  1 
ATOM   836 N  N   . ALA B 1 52 ? 8.569   0.565   10.794  1.00 25.51 ? 52  ALA B N   1 
ATOM   837 C  CA  . ALA B 1 52 ? 9.773   -0.115  10.326  1.00 28.49 ? 52  ALA B CA  1 
ATOM   838 C  C   . ALA B 1 52 ? 11.013  0.699   10.679  1.00 33.08 ? 52  ALA B C   1 
ATOM   839 O  O   . ALA B 1 52 ? 12.072  0.140   10.939  1.00 35.78 ? 52  ALA B O   1 
ATOM   840 C  CB  . ALA B 1 52 ? 9.713   -0.332  8.825   1.00 24.49 ? 52  ALA B CB  1 
ATOM   841 N  N   . LEU B 1 53 ? 10.871  2.019   10.694  1.00 34.23 ? 53  LEU B N   1 
ATOM   842 C  CA  . LEU B 1 53 ? 11.976  2.914   11.011  1.00 40.04 ? 53  LEU B CA  1 
ATOM   843 C  C   . LEU B 1 53 ? 12.348  2.789   12.484  1.00 44.91 ? 53  LEU B C   1 
ATOM   844 O  O   . LEU B 1 53 ? 13.532  2.771   12.842  1.00 46.66 ? 53  LEU B O   1 
ATOM   845 C  CB  . LEU B 1 53 ? 11.568  4.359   10.714  1.00 36.76 ? 53  LEU B CB  1 
ATOM   846 C  CG  . LEU B 1 53 ? 12.608  5.279   10.079  1.00 39.02 ? 53  LEU B CG  1 
ATOM   847 C  CD1 . LEU B 1 53 ? 13.132  4.651   8.801   1.00 36.32 ? 53  LEU B CD1 1 
ATOM   848 C  CD2 . LEU B 1 53 ? 11.978  6.635   9.790   1.00 35.86 ? 53  LEU B CD2 1 
ATOM   849 N  N   . ALA B 1 54 ? 11.322  2.704   13.328  1.00 47.24 ? 54  ALA B N   1 
ATOM   850 C  CA  . ALA B 1 54 ? 11.485  2.594   14.773  1.00 48.92 ? 54  ALA B CA  1 
ATOM   851 C  C   . ALA B 1 54 ? 11.913  1.200   15.194  1.00 50.23 ? 54  ALA B C   1 
ATOM   852 O  O   . ALA B 1 54 ? 12.398  1.013   16.309  1.00 51.10 ? 54  ALA B O   1 
ATOM   853 C  CB  . ALA B 1 54 ? 10.185  2.963   15.466  1.00 46.50 ? 54  ALA B CB  1 
ATOM   854 N  N   . ARG B 1 55 ? 11.727  0.227   14.301  1.00 53.21 ? 55  ARG B N   1 
ATOM   855 C  CA  . ARG B 1 55 ? 12.089  -1.165  14.560  1.00 49.36 ? 55  ARG B CA  1 
HETATM 856 CA CA  . CA  C 2 .  ? 8.751   -15.987 15.516  1.00 26.16 ? 101 CA  A CA  1 
HETATM 857 CA CA  . CA  D 2 .  ? 10.387  -16.814 11.799  1.00 25.69 ? 102 CA  A CA  1 
HETATM 858 CA CA  . CA  E 2 .  ? -10.301 -2.979  -19.835 1.00 31.79 ? 103 CA  A CA  1 
HETATM 859 C  C1  . MPD F 3 .  ? -4.608  -8.515  13.968  1.00 31.37 ? 104 MPD A C1  1 
HETATM 860 C  C2  . MPD F 3 .  ? -3.508  -8.994  13.059  1.00 34.16 ? 104 MPD A C2  1 
HETATM 861 O  O2  . MPD F 3 .  ? -3.184  -8.001  12.092  1.00 33.88 ? 104 MPD A O2  1 
HETATM 862 C  CM  . MPD F 3 .  ? -2.264  -9.166  13.840  1.00 28.85 ? 104 MPD A CM  1 
HETATM 863 C  C3  . MPD F 3 .  ? -3.980  -10.296 12.459  1.00 29.15 ? 104 MPD A C3  1 
HETATM 864 C  C4  . MPD F 3 .  ? -3.070  -10.991 11.450  1.00 26.09 ? 104 MPD A C4  1 
HETATM 865 O  O4  . MPD F 3 .  ? -3.191  -10.324 10.199  1.00 24.16 ? 104 MPD A O4  1 
HETATM 866 C  C5  . MPD F 3 .  ? -3.486  -12.446 11.270  1.00 21.92 ? 104 MPD A C5  1 
HETATM 867 CA CA  . CA  G 2 .  ? 3.534   10.401  3.753   0.50 3.92  ? 104 CA  B CA  1 
HETATM 868 O  O   . HOH H 4 .  ? -4.815  4.823   -16.114 1.00 17.78 ? 105 HOH A O   1 
HETATM 869 O  O   . HOH H 4 .  ? 12.768  -5.762  6.655   1.00 25.95 ? 106 HOH A O   1 
HETATM 870 O  O   . HOH H 4 .  ? -5.386  -5.176  -13.610 1.00 18.72 ? 107 HOH A O   1 
HETATM 871 O  O   . HOH H 4 .  ? -8.783  -1.558  -20.609 1.00 20.14 ? 108 HOH A O   1 
HETATM 872 O  O   . HOH H 4 .  ? 7.691   -9.058  11.980  1.00 18.49 ? 109 HOH A O   1 
HETATM 873 O  O   . HOH H 4 .  ? -6.060  -7.625  3.283   1.00 20.25 ? 110 HOH A O   1 
HETATM 874 O  O   . HOH H 4 .  ? -10.937 -5.122  -0.892  1.00 29.69 ? 111 HOH A O   1 
HETATM 875 O  O   . HOH H 4 .  ? -2.773  -5.304  -14.367 1.00 23.97 ? 112 HOH A O   1 
HETATM 876 O  O   . HOH H 4 .  ? -12.210 -4.767  -5.295  1.00 25.44 ? 113 HOH A O   1 
HETATM 877 O  O   . HOH H 4 .  ? -5.562  -9.836  -1.456  1.00 34.15 ? 114 HOH A O   1 
HETATM 878 O  O   . HOH H 4 .  ? -16.586 -0.955  -7.487  1.00 21.41 ? 115 HOH A O   1 
HETATM 879 O  O   . HOH H 4 .  ? -4.086  3.593   -19.243 1.00 38.14 ? 116 HOH A O   1 
HETATM 880 O  O   . HOH H 4 .  ? -14.709 2.940   -11.271 1.00 24.99 ? 117 HOH A O   1 
HETATM 881 O  O   . HOH H 4 .  ? -6.221  -4.227  -21.421 1.00 35.54 ? 118 HOH A O   1 
HETATM 882 O  O   . HOH H 4 .  ? -3.692  -6.032  15.928  1.00 41.41 ? 119 HOH A O   1 
HETATM 883 O  O   . HOH H 4 .  ? -6.201  -4.609  8.978   1.00 30.54 ? 120 HOH A O   1 
HETATM 884 O  O   . HOH H 4 .  ? 5.274   -4.955  -8.027  1.00 37.94 ? 121 HOH A O   1 
HETATM 885 O  O   . HOH H 4 .  ? -9.731  3.135   1.708   1.00 33.51 ? 122 HOH A O   1 
HETATM 886 O  O   . HOH H 4 .  ? -11.275 -3.805  -17.586 1.00 30.37 ? 123 HOH A O   1 
HETATM 887 O  O   . HOH H 4 .  ? 3.917   -10.474 -3.323  1.00 32.87 ? 124 HOH A O   1 
HETATM 888 O  O   . HOH H 4 .  ? -1.393  5.161   -19.464 1.00 42.58 ? 125 HOH A O   1 
HETATM 889 O  O   . HOH H 4 .  ? 3.838   7.648   -17.955 1.00 37.87 ? 126 HOH A O   1 
HETATM 890 O  O   . HOH H 4 .  ? -1.928  -1.887  15.099  1.00 32.25 ? 127 HOH A O   1 
HETATM 891 O  O   . HOH H 4 .  ? -14.289 -1.977  -18.507 1.00 43.20 ? 128 HOH A O   1 
HETATM 892 O  O   . HOH H 4 .  ? 1.060   -6.218  -13.449 1.00 50.86 ? 129 HOH A O   1 
HETATM 893 O  O   . HOH H 4 .  ? 11.075  -9.940  13.656  1.00 27.75 ? 130 HOH A O   1 
HETATM 894 O  O   . HOH H 4 .  ? 0.064   4.228   19.892  1.00 40.48 ? 131 HOH A O   1 
HETATM 895 O  O   . HOH H 4 .  ? -5.756  -6.455  10.546  1.00 29.82 ? 132 HOH A O   1 
HETATM 896 O  O   . HOH H 4 .  ? 10.980  -8.430  3.479   1.00 32.97 ? 133 HOH A O   1 
HETATM 897 O  O   . HOH H 4 .  ? 1.854   -3.893  -12.445 1.00 26.46 ? 134 HOH A O   1 
HETATM 898 O  O   . HOH H 4 .  ? 9.611   -18.144 15.480  1.00 26.35 ? 135 HOH A O   1 
HETATM 899 O  O   . HOH H 4 .  ? 10.015  -15.849 17.646  1.00 25.85 ? 136 HOH A O   1 
HETATM 900 O  O   . HOH H 4 .  ? -8.984  -2.373  -17.901 1.00 20.38 ? 137 HOH A O   1 
HETATM 901 O  O   . HOH H 4 .  ? -9.025  -4.749  -20.529 1.00 30.89 ? 138 HOH A O   1 
HETATM 902 O  O   . HOH H 4 .  ? -10.921 -2.831  -22.258 1.00 23.90 ? 139 HOH A O   1 
HETATM 903 O  O   . HOH H 4 .  ? -13.062 -5.078  -2.717  1.00 41.05 ? 140 HOH A O   1 
HETATM 904 O  O   . HOH H 4 .  ? -9.938  -7.629  0.326   1.00 39.21 ? 141 HOH A O   1 
HETATM 905 O  O   . HOH H 4 .  ? -0.133  -2.088  16.961  1.00 50.32 ? 142 HOH A O   1 
HETATM 906 O  O   . HOH H 4 .  ? -14.970 -1.532  -5.506  1.00 34.70 ? 143 HOH A O   1 
HETATM 907 O  O   . HOH H 4 .  ? -7.077  -8.616  0.147   1.00 47.38 ? 144 HOH A O   1 
HETATM 908 O  O   . HOH H 4 .  ? -8.102  -5.303  6.512   1.00 37.43 ? 145 HOH A O   1 
HETATM 909 O  O   . HOH H 4 .  ? -8.340  -7.473  4.924   1.00 49.93 ? 146 HOH A O   1 
HETATM 910 O  O   . HOH H 4 .  ? 7.338   -16.130 16.981  1.00 37.40 ? 147 HOH A O   1 
HETATM 911 O  O   . HOH H 4 .  ? -12.030 -4.450  -20.652 1.00 39.53 ? 148 HOH A O   1 
HETATM 912 O  O   . HOH H 4 .  ? 2.712   4.337   -15.421 1.00 35.06 ? 149 HOH A O   1 
HETATM 913 O  O   . HOH H 4 .  ? 0.004   -9.661  -4.876  1.00 49.77 ? 150 HOH A O   1 
HETATM 914 O  O   . HOH H 4 .  ? -3.429  7.051   -15.624 1.00 50.10 ? 151 HOH A O   1 
HETATM 915 O  O   . HOH H 4 .  ? 3.865   1.550   15.913  1.00 45.36 ? 152 HOH A O   1 
HETATM 916 O  O   . HOH H 4 .  ? 13.652  -14.222 11.468  1.00 30.23 ? 153 HOH A O   1 
HETATM 917 O  O   . HOH H 4 .  ? -11.977 -4.595  1.385   1.00 39.02 ? 154 HOH A O   1 
HETATM 918 O  O   . HOH H 4 .  ? 10.596  -9.175  17.456  1.00 46.68 ? 155 HOH A O   1 
HETATM 919 O  O   . HOH I 4 .  ? -1.280  13.926  -0.210  1.00 19.29 ? 101 HOH B O   1 
HETATM 920 O  O   . HOH I 4 .  ? -4.314  9.906   -15.777 1.00 26.59 ? 105 HOH B O   1 
HETATM 921 O  O   . HOH I 4 .  ? 9.736   8.958   -4.665  1.00 21.31 ? 107 HOH B O   1 
HETATM 922 O  O   . HOH I 4 .  ? -12.742 6.800   -9.041  1.00 20.56 ? 108 HOH B O   1 
HETATM 923 O  O   . HOH I 4 .  ? -15.615 12.394  -10.998 1.00 28.88 ? 113 HOH B O   1 
HETATM 924 O  O   . HOH I 4 .  ? 15.110  -3.417  -0.171  1.00 29.93 ? 114 HOH B O   1 
HETATM 925 O  O   . HOH I 4 .  ? 5.799   9.945   7.636   1.00 25.60 ? 115 HOH B O   1 
HETATM 926 O  O   . HOH I 4 .  ? 9.211   7.083   -1.500  1.00 24.87 ? 116 HOH B O   1 
HETATM 927 O  O   . HOH I 4 .  ? -2.984  15.583  -11.026 1.00 44.95 ? 125 HOH B O   1 
HETATM 928 O  O   . HOH I 4 .  ? 5.553   9.888   -5.591  1.00 39.43 ? 127 HOH B O   1 
HETATM 929 O  O   . HOH I 4 .  ? 17.032  3.630   5.438   1.00 36.77 ? 128 HOH B O   1 
HETATM 930 O  O   . HOH I 4 .  ? -8.809  9.574   1.648   1.00 30.33 ? 130 HOH B O   1 
HETATM 931 O  O   . HOH I 4 .  ? 9.533   6.091   13.502  1.00 33.49 ? 132 HOH B O   1 
HETATM 932 O  O   . HOH I 4 .  ? 14.000  8.027   6.546   1.00 43.74 ? 133 HOH B O   1 
HETATM 933 O  O   . HOH I 4 .  ? 12.677  -2.794  6.952   1.00 34.13 ? 137 HOH B O   1 
HETATM 934 O  O   . HOH I 4 .  ? -6.395  8.315   5.221   1.00 30.76 ? 138 HOH B O   1 
HETATM 935 O  O   . HOH I 4 .  ? 3.205   10.964  -12.405 1.00 42.75 ? 139 HOH B O   1 
HETATM 936 O  O   . HOH I 4 .  ? -14.638 4.724   -9.241  1.00 46.35 ? 140 HOH B O   1 
HETATM 937 O  O   . HOH I 4 .  ? 3.984   7.949   -14.413 1.00 39.98 ? 141 HOH B O   1 
HETATM 938 O  O   . HOH I 4 .  ? -15.137 8.804   -8.722  1.00 40.29 ? 142 HOH B O   1 
HETATM 939 O  O   . HOH I 4 .  ? -3.360  16.077  -8.325  1.00 42.74 ? 143 HOH B O   1 
HETATM 940 O  O   . HOH I 4 .  ? 4.516   15.205  -9.849  1.00 43.63 ? 146 HOH B O   1 
HETATM 941 O  O   . HOH I 4 .  ? 16.082  -0.693  4.392   1.00 32.98 ? 147 HOH B O   1 
HETATM 942 O  O   . HOH I 4 .  ? -6.705  3.984   9.013   1.00 29.37 ? 148 HOH B O   1 
HETATM 943 O  O   . HOH I 4 .  ? 11.495  1.730   -2.397  1.00 31.06 ? 152 HOH B O   1 
HETATM 944 O  O   . HOH I 4 .  ? 17.831  1.356   2.370   1.00 47.59 ? 155 HOH B O   1 
HETATM 945 O  O   . HOH I 4 .  ? 4.565   4.744   -11.168 1.00 33.96 ? 156 HOH B O   1 
HETATM 946 O  O   . HOH I 4 .  ? -8.286  11.769  0.839   1.00 38.26 ? 157 HOH B O   1 
HETATM 947 O  O   . HOH I 4 .  ? -13.285 6.353   -2.132  1.00 30.67 ? 158 HOH B O   1 
HETATM 948 O  O   . HOH I 4 .  ? -16.279 12.776  -13.403 1.00 24.81 ? 165 HOH B O   1 
HETATM 949 O  O   . HOH I 4 .  ? 10.413  3.705   -3.650  1.00 38.79 ? 167 HOH B O   1 
HETATM 950 O  O   . HOH I 4 .  ? 11.333  6.015   -3.018  1.00 52.51 ? 169 HOH B O   1 
HETATM 951 O  O   . HOH I 4 .  ? -14.981 4.579   -2.582  1.00 35.71 ? 171 HOH B O   1 
HETATM 952 O  O   . HOH I 4 .  ? 7.735   9.337   -7.527  1.00 32.02 ? 172 HOH B O   1 
HETATM 953 O  O   . HOH I 4 .  ? -8.297  12.574  -2.739  1.00 37.69 ? 173 HOH B O   1 
HETATM 954 O  O   . HOH I 4 .  ? -8.192  14.188  -4.954  1.00 39.25 ? 174 HOH B O   1 
HETATM 955 O  O   . HOH I 4 .  ? 3.345   3.564   13.593  1.00 48.43 ? 178 HOH B O   1 
HETATM 956 O  O   . HOH I 4 .  ? 4.262   -0.065  -10.348 1.00 60.20 ? 182 HOH B O   1 
HETATM 957 O  O   . HOH I 4 .  ? 10.088  -7.677  -0.964  1.00 31.63 ? 184 HOH B O   1 
HETATM 958 O  O   . HOH I 4 .  ? 5.731   6.782   -8.083  1.00 52.24 ? 185 HOH B O   1 
HETATM 959 O  O   . HOH I 4 .  ? 3.591   11.070  -8.990  1.00 41.66 ? 186 HOH B O   1 
HETATM 960 O  O   . HOH I 4 .  ? 5.446   11.370  -7.586  0.50 47.32 ? 188 HOH B O   1 
HETATM 961 O  O   . HOH I 4 .  ? 1.084   11.571  -14.374 1.00 45.95 ? 189 HOH B O   1 
HETATM 962 O  O   . HOH I 4 .  ? 2.910   8.292   13.963  1.00 40.81 ? 192 HOH B O   1 
HETATM 963 O  O   . HOH I 4 .  ? -0.848  15.192  -7.309  1.00 45.11 ? 194 HOH B O   1 
HETATM 964 O  O   . HOH I 4 .  ? -9.550  16.493  -11.283 1.00 55.16 ? 196 HOH B O   1 
HETATM 965 O  O   . HOH I 4 .  ? -14.391 9.296   -2.130  1.00 50.79 ? 197 HOH B O   1 
# 
